data_5VMJ
#
_entry.id   5VMJ
#
_cell.length_a   95.940
_cell.length_b   81.050
_cell.length_c   120.950
_cell.angle_alpha   90.00
_cell.angle_beta   91.13
_cell.angle_gamma   90.00
#
_symmetry.space_group_name_H-M   'P 1 21 1'
#
loop_
_entity.id
_entity.type
_entity.pdbx_description
1 polymer 'Hemagglutinin HA1'
2 polymer 'Hemagglutinin HA2'
3 branched 'N-acetyl-alpha-neuraminic acid-(2-3)-beta-D-galactopyranose'
4 branched beta-D-mannopyranose-(1-4)-2-acetamido-2-deoxy-beta-D-glucopyranose-(1-4)-2-acetamido-2-deoxy-beta-D-glucopyranose
5 branched 2-acetamido-2-deoxy-beta-D-glucopyranose-(1-4)-2-acetamido-2-deoxy-beta-D-glucopyranose
6 non-polymer 2-acetamido-2-deoxy-beta-D-glucopyranose
#
loop_
_entity_poly.entity_id
_entity_poly.type
_entity_poly.pdbx_seq_one_letter_code
_entity_poly.pdbx_strand_id
1 'polypeptide(L)'
;DTICIGYHANNSTDTVDTVLEKNVTVTHSVNLLEDSHNGKLCKLKGIAPLQLGKCNIAGWLLGNPECDLLLTASSWSYIV
ETSNSENGTCYPGDFIDYEELREQLSSVSSFEKFEIFPKTSSWPNHETTGVTAACSYAGASSFYRNLLWLTKKGSSYPKL
SKSYVNNKGKEVLVLWGVHHPPTGTEQQSLYQNADAYVSVGSSKYNRRFTPEIAARPKVRGLASRMNYYWTLLEPGDTIT
FEATGNLIAPWYAFALNRGSGSGIITSDAPVHDCNTKCQTPHGAINSSLPFQNIHPVTIGECPKYVRSTKLRMATGLRNI
PSIQSR
;
A,C,E
2 'polypeptide(L)'
;GLFGAIAGFIEGGWTGMIDGWYGYHHQNEQGSGYAADQKSTQNAIDGITNKVNSVIEKMNTQFTAVGKEFNNLERRIENL
NKKVDDGFLDIWTYNAELLVLLENERTLDFHDSNVRNLYEKVKSQLKNNAKEIGNGCFEFYHKCDDACMESVRNGTYDYP
KYSEESKLNREEIDGVKLESMGVYQGALVPR
;
B,D,F
#
loop_
_chem_comp.id
_chem_comp.type
_chem_comp.name
_chem_comp.formula
BMA D-saccharide, beta linking beta-D-mannopyranose 'C6 H12 O6'
GAL D-saccharide, beta linking beta-D-galactopyranose 'C6 H12 O6'
NAG D-saccharide, beta linking 2-acetamido-2-deoxy-beta-D-glucopyranose 'C8 H15 N O6'
SIA D-saccharide, alpha linking 'N-acetyl-alpha-neuraminic acid' 'C11 H19 N O9'
#
# COMPACT_ATOMS: atom_id res chain seq x y z
N ASP A 1 -7.20 63.87 10.72
CA ASP A 1 -8.19 63.60 11.80
C ASP A 1 -8.72 62.18 11.68
N THR A 2 -7.96 61.32 10.99
CA THR A 2 -8.41 59.96 10.71
C THR A 2 -7.26 58.96 10.77
N ILE A 3 -7.53 57.80 11.37
CA ILE A 3 -6.64 56.65 11.27
C ILE A 3 -7.46 55.48 10.77
N CYS A 4 -6.87 54.64 9.92
CA CYS A 4 -7.62 53.57 9.27
C CYS A 4 -6.92 52.22 9.44
N ILE A 5 -7.72 51.15 9.52
CA ILE A 5 -7.21 49.78 9.57
C ILE A 5 -7.43 49.11 8.22
N GLY A 6 -6.37 48.51 7.67
CA GLY A 6 -6.47 47.89 6.37
C GLY A 6 -5.43 46.79 6.18
N TYR A 7 -5.43 46.19 4.99
CA TYR A 7 -4.54 45.08 4.69
C TYR A 7 -3.84 45.26 3.35
N HIS A 8 -2.80 44.45 3.13
CA HIS A 8 -1.94 44.57 1.96
C HIS A 8 -2.62 44.17 0.66
N ALA A 9 -2.18 44.78 -0.44
CA ALA A 9 -2.60 44.40 -1.78
C ALA A 9 -1.44 44.66 -2.74
N ASN A 10 -1.41 43.94 -3.87
CA ASN A 10 -0.32 44.10 -4.81
C ASN A 10 -0.69 43.65 -6.23
N ASN A 11 0.33 43.57 -7.10
CA ASN A 11 0.14 43.23 -8.50
C ASN A 11 0.15 41.72 -8.75
N SER A 12 0.22 40.93 -7.67
CA SER A 12 0.31 39.48 -7.78
C SER A 12 -0.87 38.87 -8.53
N THR A 13 -0.56 38.07 -9.55
CA THR A 13 -1.58 37.38 -10.33
C THR A 13 -1.78 35.94 -9.85
N ASP A 14 -1.05 35.55 -8.80
CA ASP A 14 -1.15 34.21 -8.24
C ASP A 14 -2.58 33.86 -7.82
N THR A 15 -2.98 32.63 -8.10
CA THR A 15 -4.30 32.14 -7.72
C THR A 15 -4.20 30.77 -7.04
N VAL A 16 -5.01 30.58 -6.02
CA VAL A 16 -5.07 29.30 -5.31
C VAL A 16 -6.51 28.81 -5.23
N ASP A 17 -6.69 27.54 -4.91
CA ASP A 17 -8.02 26.99 -4.69
C ASP A 17 -8.25 26.72 -3.21
N THR A 18 -9.49 26.95 -2.78
CA THR A 18 -9.91 26.67 -1.41
C THR A 18 -11.08 25.72 -1.47
N VAL A 19 -11.44 25.14 -0.33
CA VAL A 19 -12.53 24.18 -0.29
C VAL A 19 -13.84 24.87 -0.66
N LEU A 20 -13.99 26.13 -0.26
CA LEU A 20 -15.19 26.90 -0.58
C LEU A 20 -15.18 27.55 -1.97
N GLU A 21 -14.01 28.01 -2.44
CA GLU A 21 -13.95 28.83 -3.64
C GLU A 21 -12.74 28.55 -4.53
N LYS A 22 -12.98 28.47 -5.84
CA LYS A 22 -11.94 28.30 -6.84
C LYS A 22 -11.26 29.61 -7.27
N ASN A 23 -9.97 29.52 -7.58
CA ASN A 23 -9.22 30.61 -8.21
C ASN A 23 -9.24 31.92 -7.42
N VAL A 24 -9.00 31.81 -6.12
CA VAL A 24 -8.88 33.00 -5.28
C VAL A 24 -7.50 33.61 -5.50
N THR A 25 -7.47 34.89 -5.86
CA THR A 25 -6.21 35.59 -6.06
C THR A 25 -5.64 36.05 -4.73
N VAL A 26 -4.38 35.68 -4.47
CA VAL A 26 -3.72 36.00 -3.22
C VAL A 26 -2.45 36.83 -3.47
N THR A 27 -1.99 37.52 -2.44
CA THR A 27 -0.82 38.39 -2.57
C THR A 27 0.47 37.57 -2.65
N HIS A 28 0.51 36.47 -1.92
CA HIS A 28 1.68 35.59 -1.90
C HIS A 28 1.28 34.12 -1.82
N SER A 29 2.09 33.25 -2.40
CA SER A 29 1.84 31.80 -2.35
C SER A 29 3.12 31.01 -2.56
N VAL A 30 3.09 29.74 -2.18
CA VAL A 30 4.21 28.82 -2.44
C VAL A 30 3.69 27.58 -3.16
N ASN A 31 4.57 26.95 -3.93
CA ASN A 31 4.22 25.77 -4.72
C ASN A 31 4.71 24.49 -4.05
N LEU A 32 3.79 23.57 -3.78
CA LEU A 32 4.12 22.31 -3.11
C LEU A 32 4.33 21.14 -4.07
N LEU A 33 4.16 21.39 -5.37
CA LEU A 33 4.21 20.34 -6.39
C LEU A 33 5.34 20.57 -7.38
N GLU A 34 6.19 19.57 -7.57
CA GLU A 34 7.29 19.69 -8.51
C GLU A 34 6.84 19.26 -9.90
N ASP A 35 6.73 20.23 -10.80
CA ASP A 35 6.23 20.00 -12.15
C ASP A 35 7.32 19.92 -13.22
N SER A 36 8.59 20.02 -12.82
CA SER A 36 9.68 20.13 -13.79
C SER A 36 10.84 19.16 -13.57
N HIS A 37 11.40 18.70 -14.68
CA HIS A 37 12.59 17.86 -14.68
C HIS A 37 13.64 18.45 -15.63
N ASN A 38 14.88 18.00 -15.51
CA ASN A 38 15.99 18.54 -16.28
C ASN A 38 16.25 17.77 -17.58
N GLY A 39 15.45 16.74 -17.83
CA GLY A 39 15.52 15.97 -19.06
C GLY A 39 16.81 15.19 -19.24
N LYS A 40 17.54 14.98 -18.15
CA LYS A 40 18.81 14.26 -18.18
C LYS A 40 18.81 13.10 -17.18
N LEU A 41 19.68 12.12 -17.43
CA LEU A 41 19.93 11.04 -16.49
C LEU A 41 21.24 11.31 -15.77
N CYS A 42 21.15 11.57 -14.47
CA CYS A 42 22.27 12.11 -13.71
C CYS A 42 22.86 11.10 -12.74
N LYS A 43 23.87 11.54 -11.99
CA LYS A 43 24.52 10.70 -11.00
C LYS A 43 23.62 10.64 -9.78
N LEU A 44 23.44 9.46 -9.21
CA LEU A 44 22.64 9.30 -8.02
C LEU A 44 23.53 9.08 -6.81
N LYS A 45 23.35 9.93 -5.80
CA LYS A 45 24.20 9.92 -4.61
C LYS A 45 25.68 10.03 -4.97
N GLY A 46 25.97 10.85 -5.97
CA GLY A 46 27.35 11.13 -6.35
C GLY A 46 28.00 10.11 -7.25
N ILE A 47 27.23 9.12 -7.70
CA ILE A 47 27.77 8.04 -8.53
C ILE A 47 26.99 7.94 -9.84
N ALA A 48 27.72 7.79 -10.94
CA ALA A 48 27.11 7.69 -12.27
C ALA A 48 26.47 6.33 -12.49
N PRO A 49 25.44 6.27 -13.35
CA PRO A 49 24.80 4.99 -13.70
C PRO A 49 25.61 4.15 -14.67
N LEU A 50 25.33 2.86 -14.71
CA LEU A 50 25.94 1.96 -15.68
C LEU A 50 25.31 2.13 -17.05
N GLN A 51 26.14 2.41 -18.06
CA GLN A 51 25.68 2.55 -19.44
C GLN A 51 26.20 1.39 -20.29
N LEU A 52 25.27 0.64 -20.87
CA LEU A 52 25.61 -0.58 -21.60
C LEU A 52 25.71 -0.41 -23.13
N GLY A 53 25.44 0.79 -23.61
CA GLY A 53 25.54 1.06 -25.04
C GLY A 53 24.57 0.23 -25.86
N LYS A 54 25.12 -0.52 -26.82
CA LYS A 54 24.31 -1.32 -27.74
C LYS A 54 23.70 -2.58 -27.14
N CYS A 55 24.08 -2.90 -25.90
CA CYS A 55 23.72 -4.18 -25.29
C CYS A 55 22.87 -4.02 -24.04
N ASN A 56 22.15 -5.07 -23.69
CA ASN A 56 21.42 -5.14 -22.44
C ASN A 56 22.26 -5.89 -21.41
N ILE A 57 21.73 -6.04 -20.20
CA ILE A 57 22.49 -6.64 -19.10
C ILE A 57 22.95 -8.06 -19.44
N ALA A 58 22.08 -8.83 -20.12
CA ALA A 58 22.43 -10.19 -20.51
C ALA A 58 23.64 -10.23 -21.44
N GLY A 59 23.59 -9.43 -22.50
CA GLY A 59 24.66 -9.38 -23.46
C GLY A 59 25.96 -8.89 -22.84
N TRP A 60 25.87 -7.87 -22.01
CA TRP A 60 27.03 -7.30 -21.33
C TRP A 60 27.72 -8.32 -20.43
N LEU A 61 26.94 -9.00 -19.60
CA LEU A 61 27.47 -9.99 -18.68
C LEU A 61 28.10 -11.17 -19.41
N LEU A 62 27.37 -11.73 -20.35
CA LEU A 62 27.84 -12.91 -21.07
C LEU A 62 29.00 -12.56 -22.00
N GLY A 63 29.18 -11.26 -22.27
CA GLY A 63 30.22 -10.82 -23.17
C GLY A 63 29.88 -11.01 -24.64
N ASN A 64 28.67 -10.59 -25.01
CA ASN A 64 28.27 -10.58 -26.41
C ASN A 64 29.28 -9.79 -27.25
N PRO A 65 29.74 -10.35 -28.39
CA PRO A 65 30.80 -9.73 -29.21
C PRO A 65 30.58 -8.26 -29.60
N GLU A 66 29.33 -7.81 -29.65
CA GLU A 66 29.04 -6.43 -30.05
C GLU A 66 29.11 -5.44 -28.90
N CYS A 67 29.38 -5.93 -27.69
CA CYS A 67 29.40 -5.10 -26.49
C CYS A 67 30.81 -4.58 -26.21
N ASP A 68 31.04 -3.30 -26.45
CA ASP A 68 32.39 -2.75 -26.31
C ASP A 68 32.57 -2.07 -24.96
N LEU A 69 33.22 -2.79 -24.05
CA LEU A 69 33.62 -2.27 -22.76
C LEU A 69 35.09 -2.62 -22.50
N LEU A 70 35.98 -1.62 -22.52
CA LEU A 70 37.38 -1.89 -22.19
C LEU A 70 37.43 -2.28 -20.74
N LEU A 71 36.61 -1.59 -19.95
CA LEU A 71 36.39 -1.94 -18.56
C LEU A 71 34.96 -1.58 -18.18
N THR A 72 34.34 -2.45 -17.37
CA THR A 72 33.01 -2.16 -16.84
C THR A 72 33.36 -1.24 -15.69
N ALA A 73 32.51 -0.26 -15.40
CA ALA A 73 32.92 0.73 -14.42
C ALA A 73 33.03 0.07 -13.06
N SER A 74 33.79 0.70 -12.18
CA SER A 74 34.06 0.12 -10.87
C SER A 74 32.82 0.10 -9.99
N SER A 75 31.94 1.07 -10.21
CA SER A 75 30.71 1.16 -9.42
C SER A 75 29.62 1.88 -10.20
N TRP A 76 28.38 1.63 -9.83
CA TRP A 76 27.25 2.40 -10.35
C TRP A 76 26.11 2.41 -9.35
N SER A 77 25.38 3.52 -9.31
CA SER A 77 24.26 3.67 -8.39
C SER A 77 22.96 3.12 -8.97
N TYR A 78 22.93 2.95 -10.29
CA TYR A 78 21.82 2.28 -10.96
C TYR A 78 22.23 1.96 -12.40
N ILE A 79 21.35 1.28 -13.14
CA ILE A 79 21.64 0.84 -14.50
C ILE A 79 20.67 1.48 -15.49
N VAL A 80 21.23 1.96 -16.61
CA VAL A 80 20.44 2.57 -17.66
C VAL A 80 20.43 1.70 -18.92
N GLU A 81 19.25 1.27 -19.32
CA GLU A 81 19.05 0.64 -20.62
C GLU A 81 18.32 1.62 -21.52
N THR A 82 18.66 1.60 -22.81
CA THR A 82 18.04 2.49 -23.79
C THR A 82 17.27 1.68 -24.82
N SER A 83 16.66 2.37 -25.77
CA SER A 83 15.98 1.71 -26.87
C SER A 83 17.02 1.06 -27.80
N ASN A 84 18.27 1.46 -27.62
CA ASN A 84 19.36 0.97 -28.46
C ASN A 84 20.05 -0.26 -27.87
N SER A 85 19.56 -0.77 -26.74
CA SER A 85 20.15 -2.00 -26.22
C SER A 85 19.33 -3.12 -26.82
N GLU A 86 19.82 -3.65 -27.93
CA GLU A 86 19.12 -4.73 -28.61
C GLU A 86 19.77 -6.09 -28.47
N ASN A 87 20.99 -6.13 -27.94
CA ASN A 87 21.74 -7.37 -27.96
C ASN A 87 21.95 -8.05 -26.62
N GLY A 88 21.18 -9.11 -26.47
CA GLY A 88 21.17 -10.00 -25.33
C GLY A 88 21.92 -11.24 -25.72
N THR A 89 21.41 -12.39 -25.32
CA THR A 89 22.00 -13.65 -25.71
C THR A 89 21.85 -13.83 -27.22
N CYS A 90 22.98 -13.94 -27.91
CA CYS A 90 22.99 -14.06 -29.35
C CYS A 90 22.77 -15.50 -29.78
N TYR A 91 23.04 -16.43 -28.88
CA TYR A 91 22.74 -17.83 -29.09
C TYR A 91 21.39 -18.10 -28.43
N PRO A 92 20.38 -18.52 -29.21
CA PRO A 92 19.01 -18.59 -28.68
C PRO A 92 18.86 -19.52 -27.49
N GLY A 93 18.09 -19.06 -26.49
CA GLY A 93 17.81 -19.87 -25.31
C GLY A 93 17.33 -19.02 -24.14
N ASP A 94 17.12 -19.65 -23.00
CA ASP A 94 16.58 -18.98 -21.82
C ASP A 94 17.66 -18.54 -20.82
N PHE A 95 17.58 -17.29 -20.38
CA PHE A 95 18.39 -16.78 -19.28
C PHE A 95 17.59 -16.95 -17.98
N ILE A 96 18.05 -17.85 -17.12
CA ILE A 96 17.31 -18.23 -15.93
C ILE A 96 17.48 -17.22 -14.79
N ASP A 97 16.36 -16.88 -14.17
CA ASP A 97 16.33 -15.89 -13.10
C ASP A 97 17.00 -14.60 -13.55
N TYR A 98 16.69 -14.21 -14.78
CA TYR A 98 17.30 -13.05 -15.41
C TYR A 98 16.86 -11.78 -14.71
N GLU A 99 15.57 -11.69 -14.40
CA GLU A 99 15.03 -10.51 -13.73
C GLU A 99 15.64 -10.34 -12.35
N GLU A 100 15.83 -11.46 -11.65
CA GLU A 100 16.44 -11.45 -10.33
C GLU A 100 17.88 -10.98 -10.39
N LEU A 101 18.65 -11.51 -11.32
CA LEU A 101 20.05 -11.12 -11.47
C LEU A 101 20.18 -9.63 -11.73
N ARG A 102 19.28 -9.10 -12.56
CA ARG A 102 19.27 -7.69 -12.89
C ARG A 102 19.02 -6.84 -11.64
N GLU A 103 18.02 -7.22 -10.87
CA GLU A 103 17.66 -6.53 -9.64
C GLU A 103 18.82 -6.47 -8.66
N GLN A 104 19.54 -7.57 -8.51
CA GLN A 104 20.59 -7.69 -7.52
C GLN A 104 21.90 -7.02 -7.96
N LEU A 105 22.03 -6.77 -9.27
CA LEU A 105 23.19 -6.07 -9.80
C LEU A 105 22.91 -4.58 -10.00
N SER A 106 21.73 -4.13 -9.58
CA SER A 106 21.28 -2.76 -9.85
C SER A 106 22.26 -1.70 -9.33
N SER A 107 22.88 -1.96 -8.17
CA SER A 107 23.92 -1.07 -7.66
C SER A 107 25.06 -1.86 -7.01
N VAL A 108 26.29 -1.52 -7.40
CA VAL A 108 27.48 -2.16 -6.84
C VAL A 108 28.53 -1.09 -6.59
N SER A 109 29.28 -1.23 -5.49
CA SER A 109 30.35 -0.27 -5.18
C SER A 109 31.74 -0.74 -5.59
N SER A 110 31.87 -2.03 -5.89
CA SER A 110 33.13 -2.60 -6.36
C SER A 110 32.87 -3.61 -7.47
N PHE A 111 33.24 -3.30 -8.71
CA PHE A 111 33.03 -4.25 -9.80
C PHE A 111 34.30 -4.50 -10.63
N GLU A 112 34.75 -5.75 -10.68
CA GLU A 112 35.90 -6.10 -11.52
C GLU A 112 35.64 -7.39 -12.28
N LYS A 113 36.07 -7.42 -13.54
CA LYS A 113 36.08 -8.65 -14.33
C LYS A 113 37.46 -9.28 -14.24
N PHE A 114 37.50 -10.60 -14.08
CA PHE A 114 38.76 -11.34 -14.00
C PHE A 114 38.64 -12.69 -14.67
N GLU A 115 39.79 -13.34 -14.92
CA GLU A 115 39.79 -14.62 -15.60
C GLU A 115 39.72 -15.74 -14.56
N ILE A 116 38.58 -16.39 -14.48
CA ILE A 116 38.34 -17.43 -13.48
C ILE A 116 38.93 -18.77 -13.91
N PHE A 117 38.71 -19.12 -15.18
CA PHE A 117 39.24 -20.34 -15.76
C PHE A 117 39.96 -20.03 -17.06
N PRO A 118 41.28 -19.75 -17.00
CA PRO A 118 42.04 -19.36 -18.19
C PRO A 118 41.90 -20.33 -19.36
N LYS A 119 41.61 -19.80 -20.53
CA LYS A 119 41.33 -20.61 -21.72
C LYS A 119 42.47 -21.56 -22.04
N THR A 120 43.71 -21.09 -21.87
CA THR A 120 44.88 -21.84 -22.29
C THR A 120 45.17 -23.06 -21.40
N SER A 121 45.23 -22.84 -20.08
CA SER A 121 45.69 -23.87 -19.16
C SER A 121 44.58 -24.67 -18.46
N SER A 122 43.32 -24.32 -18.68
CA SER A 122 42.22 -24.95 -17.95
C SER A 122 41.77 -26.30 -18.49
N TRP A 123 41.67 -26.40 -19.82
CA TRP A 123 41.05 -27.57 -20.45
C TRP A 123 41.98 -28.28 -21.43
N PRO A 124 42.97 -29.02 -20.89
CA PRO A 124 43.94 -29.73 -21.73
C PRO A 124 43.30 -30.91 -22.47
N ASN A 125 42.30 -31.53 -21.86
CA ASN A 125 41.70 -32.73 -22.40
C ASN A 125 40.44 -32.48 -23.24
N HIS A 126 40.11 -31.20 -23.43
CA HIS A 126 38.95 -30.82 -24.25
C HIS A 126 39.30 -29.71 -25.24
N GLU A 127 38.57 -29.66 -26.34
CA GLU A 127 38.79 -28.65 -27.38
C GLU A 127 37.95 -27.39 -27.10
N THR A 128 38.64 -26.25 -26.99
CA THR A 128 38.02 -24.99 -26.60
C THR A 128 37.63 -24.04 -27.76
N THR A 129 37.83 -24.47 -29.00
CA THR A 129 37.78 -23.55 -30.14
C THR A 129 36.41 -23.35 -30.79
N GLY A 130 35.36 -23.95 -30.24
CA GLY A 130 34.04 -23.87 -30.83
C GLY A 130 33.48 -22.45 -30.98
N VAL A 131 32.94 -22.15 -32.15
CA VAL A 131 32.28 -20.87 -32.41
C VAL A 131 30.97 -21.07 -33.16
N THR A 132 30.27 -19.97 -33.45
CA THR A 132 28.97 -20.03 -34.11
C THR A 132 28.69 -18.77 -34.95
N ALA A 133 27.90 -18.94 -36.01
CA ALA A 133 27.53 -17.83 -36.87
C ALA A 133 26.50 -16.92 -36.21
N ALA A 134 25.78 -17.43 -35.22
CA ALA A 134 24.77 -16.65 -34.52
C ALA A 134 25.43 -15.51 -33.74
N CYS A 135 26.59 -15.81 -33.17
CA CYS A 135 27.41 -14.79 -32.52
C CYS A 135 28.55 -14.41 -33.47
N SER A 136 28.45 -13.23 -34.07
CA SER A 136 29.42 -12.81 -35.09
C SER A 136 30.03 -11.46 -34.75
N TYR A 137 31.33 -11.35 -34.98
CA TYR A 137 32.03 -10.08 -34.87
C TYR A 137 32.87 -9.84 -36.12
N ALA A 138 32.64 -8.70 -36.76
CA ALA A 138 33.36 -8.32 -37.99
C ALA A 138 33.19 -9.34 -39.10
N GLY A 139 31.97 -9.84 -39.27
CA GLY A 139 31.64 -10.71 -40.39
C GLY A 139 32.11 -12.14 -40.26
N ALA A 140 32.73 -12.48 -39.14
CA ALA A 140 33.23 -13.83 -38.89
C ALA A 140 32.53 -14.48 -37.71
N SER A 141 32.34 -15.79 -37.80
CA SER A 141 31.72 -16.54 -36.71
C SER A 141 32.55 -16.43 -35.44
N SER A 142 31.87 -16.19 -34.32
CA SER A 142 32.54 -15.98 -33.04
C SER A 142 31.72 -16.56 -31.88
N PHE A 143 32.12 -16.21 -30.66
CA PHE A 143 31.42 -16.67 -29.47
C PHE A 143 31.49 -15.60 -28.38
N TYR A 144 30.79 -15.85 -27.27
CA TYR A 144 30.85 -14.99 -26.11
C TYR A 144 32.29 -14.82 -25.63
N ARG A 145 32.62 -13.62 -25.16
CA ARG A 145 33.96 -13.33 -24.69
C ARG A 145 34.21 -13.89 -23.29
N ASN A 146 33.15 -13.95 -22.49
CA ASN A 146 33.26 -14.36 -21.09
C ASN A 146 32.96 -15.85 -20.86
N LEU A 147 32.60 -16.56 -21.93
CA LEU A 147 32.34 -18.00 -21.86
C LEU A 147 33.22 -18.75 -22.85
N LEU A 148 33.36 -20.06 -22.62
CA LEU A 148 34.15 -20.92 -23.48
C LEU A 148 33.38 -22.18 -23.85
N TRP A 149 33.34 -22.50 -25.14
CA TRP A 149 32.57 -23.63 -25.63
C TRP A 149 33.43 -24.89 -25.68
N LEU A 150 33.13 -25.85 -24.81
CA LEU A 150 33.89 -27.09 -24.69
C LEU A 150 33.29 -28.20 -25.53
N THR A 151 34.08 -28.72 -26.47
CA THR A 151 33.64 -29.81 -27.32
C THR A 151 34.64 -30.96 -27.22
N LYS A 152 34.29 -32.12 -27.77
CA LYS A 152 35.13 -33.30 -27.65
C LYS A 152 36.45 -33.13 -28.39
N LYS A 153 37.50 -33.70 -27.81
CA LYS A 153 38.83 -33.73 -28.42
C LYS A 153 39.12 -35.11 -28.98
N GLY A 154 39.33 -35.16 -30.29
CA GLY A 154 39.66 -36.38 -31.00
C GLY A 154 38.70 -37.51 -30.69
N SER A 155 37.41 -37.24 -30.87
CA SER A 155 36.39 -38.27 -30.69
C SER A 155 36.33 -38.77 -29.24
N SER A 156 36.73 -37.95 -28.28
CA SER A 156 36.52 -38.31 -26.88
C SER A 156 36.27 -37.08 -26.03
N TYR A 157 35.35 -37.21 -25.07
CA TYR A 157 35.05 -36.14 -24.13
C TYR A 157 35.12 -36.69 -22.71
N PRO A 158 36.33 -36.72 -22.13
CA PRO A 158 36.46 -37.28 -20.78
C PRO A 158 35.75 -36.41 -19.75
N LYS A 159 35.29 -37.03 -18.66
CA LYS A 159 34.65 -36.28 -17.59
C LYS A 159 35.60 -35.21 -17.07
N LEU A 160 35.12 -33.98 -17.02
CA LEU A 160 35.94 -32.86 -16.57
C LEU A 160 35.50 -32.46 -15.16
N SER A 161 36.47 -32.08 -14.34
CA SER A 161 36.19 -31.58 -13.00
C SER A 161 37.05 -30.34 -12.75
N LYS A 162 36.39 -29.23 -12.48
CA LYS A 162 37.08 -27.95 -12.31
C LYS A 162 36.47 -27.15 -11.15
N SER A 163 37.33 -26.65 -10.27
CA SER A 163 36.89 -25.90 -9.10
C SER A 163 37.59 -24.56 -8.98
N TYR A 164 36.87 -23.58 -8.43
CA TYR A 164 37.41 -22.26 -8.14
C TYR A 164 37.13 -21.86 -6.70
N VAL A 165 38.19 -21.51 -5.97
CA VAL A 165 38.06 -21.02 -4.61
C VAL A 165 38.06 -19.49 -4.63
N ASN A 166 37.13 -18.89 -3.89
CA ASN A 166 36.99 -17.44 -3.93
C ASN A 166 37.81 -16.79 -2.84
N ASN A 167 38.92 -16.19 -3.26
CA ASN A 167 39.82 -15.46 -2.38
C ASN A 167 39.65 -13.94 -2.49
N LYS A 168 38.70 -13.52 -3.32
CA LYS A 168 38.56 -12.10 -3.69
C LYS A 168 38.04 -11.22 -2.56
N GLY A 169 37.62 -11.83 -1.46
CA GLY A 169 37.11 -11.09 -0.33
C GLY A 169 35.79 -10.41 -0.61
N LYS A 170 35.14 -10.81 -1.71
CA LYS A 170 33.82 -10.29 -2.03
C LYS A 170 33.07 -11.29 -2.91
N GLU A 171 31.83 -10.98 -3.23
CA GLU A 171 31.00 -11.89 -4.01
C GLU A 171 31.51 -12.00 -5.43
N VAL A 172 31.65 -13.24 -5.90
CA VAL A 172 32.02 -13.50 -7.28
C VAL A 172 30.80 -14.04 -8.03
N LEU A 173 30.42 -13.35 -9.09
CA LEU A 173 29.32 -13.78 -9.94
C LEU A 173 29.85 -14.71 -11.02
N VAL A 174 29.41 -15.96 -10.98
CA VAL A 174 29.85 -16.97 -11.94
C VAL A 174 28.73 -17.29 -12.91
N LEU A 175 28.99 -17.07 -14.19
CA LEU A 175 28.04 -17.40 -15.25
C LEU A 175 28.53 -18.58 -16.06
N TRP A 176 27.60 -19.43 -16.47
CA TRP A 176 27.88 -20.53 -17.37
C TRP A 176 26.63 -20.83 -18.19
N GLY A 177 26.72 -21.82 -19.06
CA GLY A 177 25.60 -22.18 -19.89
C GLY A 177 25.57 -23.65 -20.25
N VAL A 178 24.41 -24.10 -20.70
CA VAL A 178 24.22 -25.49 -21.12
C VAL A 178 23.63 -25.51 -22.52
N HIS A 179 24.27 -26.28 -23.41
CA HIS A 179 23.90 -26.33 -24.82
C HIS A 179 22.98 -27.50 -25.08
N HIS A 180 21.90 -27.26 -25.81
CA HIS A 180 20.90 -28.27 -26.11
C HIS A 180 20.77 -28.48 -27.63
N PRO A 181 21.45 -29.51 -28.17
CA PRO A 181 21.40 -29.78 -29.61
C PRO A 181 20.01 -30.20 -30.10
N PRO A 182 19.67 -29.88 -31.37
CA PRO A 182 18.39 -30.24 -31.97
C PRO A 182 18.20 -31.73 -32.25
N THR A 183 19.29 -32.44 -32.54
CA THR A 183 19.24 -33.86 -32.88
C THR A 183 20.22 -34.67 -32.04
N GLY A 184 19.96 -35.96 -31.93
CA GLY A 184 20.84 -36.86 -31.21
C GLY A 184 22.15 -37.07 -31.96
N THR A 185 22.11 -36.84 -33.26
CA THR A 185 23.30 -36.99 -34.11
C THR A 185 24.31 -35.91 -33.76
N GLU A 186 23.80 -34.69 -33.55
CA GLU A 186 24.63 -33.56 -33.19
C GLU A 186 25.23 -33.70 -31.80
N GLN A 187 24.48 -34.31 -30.88
CA GLN A 187 24.96 -34.53 -29.52
C GLN A 187 26.25 -35.34 -29.51
N GLN A 188 26.27 -36.42 -30.28
CA GLN A 188 27.45 -37.30 -30.37
C GLN A 188 28.54 -36.66 -31.22
N SER A 189 28.11 -35.80 -32.13
CA SER A 189 29.03 -35.09 -33.00
C SER A 189 29.92 -34.10 -32.23
N LEU A 190 29.33 -33.43 -31.25
CA LEU A 190 30.06 -32.44 -30.45
C LEU A 190 30.67 -33.02 -29.17
N TYR A 191 29.83 -33.54 -28.28
CA TYR A 191 30.31 -33.99 -26.96
C TYR A 191 30.55 -35.51 -26.87
N GLN A 192 30.21 -36.24 -27.94
CA GLN A 192 30.47 -37.68 -28.08
C GLN A 192 29.57 -38.56 -27.21
N ASN A 193 29.02 -38.00 -26.13
CA ASN A 193 28.21 -38.80 -25.20
C ASN A 193 26.76 -38.36 -25.10
N ALA A 194 25.88 -39.32 -25.35
CA ALA A 194 24.43 -39.11 -25.30
C ALA A 194 23.94 -39.05 -23.85
N ASP A 195 24.68 -39.70 -22.96
CA ASP A 195 24.32 -39.78 -21.55
C ASP A 195 24.88 -38.61 -20.76
N ALA A 196 25.41 -37.61 -21.47
CA ALA A 196 26.15 -36.53 -20.85
C ALA A 196 25.30 -35.70 -19.88
N TYR A 197 25.99 -35.02 -18.96
CA TYR A 197 25.35 -34.20 -17.94
C TYR A 197 26.28 -33.08 -17.50
N VAL A 198 25.71 -32.04 -16.89
CA VAL A 198 26.49 -30.98 -16.27
C VAL A 198 26.08 -30.80 -14.81
N SER A 199 27.06 -30.75 -13.92
CA SER A 199 26.82 -30.55 -12.50
C SER A 199 27.60 -29.36 -11.96
N VAL A 200 26.90 -28.47 -11.28
CA VAL A 200 27.49 -27.28 -10.68
C VAL A 200 27.12 -27.25 -9.20
N GLY A 201 28.10 -27.03 -8.33
CA GLY A 201 27.81 -26.99 -6.92
C GLY A 201 28.76 -26.16 -6.06
N SER A 202 28.21 -25.70 -4.94
CA SER A 202 28.95 -24.92 -3.95
C SER A 202 28.32 -25.20 -2.59
N SER A 203 28.68 -24.43 -1.58
CA SER A 203 28.07 -24.58 -0.27
C SER A 203 26.58 -24.24 -0.32
N LYS A 204 26.25 -23.11 -0.95
CA LYS A 204 24.88 -22.62 -1.02
C LYS A 204 24.14 -22.93 -2.32
N TYR A 205 24.82 -23.58 -3.27
CA TYR A 205 24.22 -23.86 -4.58
C TYR A 205 24.52 -25.29 -5.04
N ASN A 206 23.48 -25.99 -5.48
CA ASN A 206 23.63 -27.28 -6.13
C ASN A 206 22.56 -27.48 -7.19
N ARG A 207 22.96 -27.96 -8.37
CA ARG A 207 22.01 -28.20 -9.45
C ARG A 207 22.61 -29.14 -10.49
N ARG A 208 21.74 -29.78 -11.28
CA ARG A 208 22.17 -30.69 -12.33
C ARG A 208 21.44 -30.41 -13.64
N PHE A 209 22.15 -30.59 -14.74
CA PHE A 209 21.62 -30.29 -16.06
C PHE A 209 21.84 -31.46 -17.00
N THR A 210 20.80 -31.80 -17.77
CA THR A 210 20.90 -32.83 -18.78
C THR A 210 20.49 -32.24 -20.13
N PRO A 211 21.16 -32.64 -21.21
CA PRO A 211 20.77 -32.08 -22.52
C PRO A 211 19.37 -32.50 -22.96
N GLU A 212 18.49 -31.53 -23.18
CA GLU A 212 17.17 -31.79 -23.74
C GLU A 212 17.27 -31.74 -25.26
N ILE A 213 17.06 -32.87 -25.91
CA ILE A 213 17.24 -32.99 -27.36
C ILE A 213 15.90 -32.95 -28.06
N ALA A 214 15.70 -31.97 -28.95
CA ALA A 214 14.44 -31.86 -29.67
C ALA A 214 14.55 -31.00 -30.92
N ALA A 215 13.63 -31.21 -31.85
CA ALA A 215 13.56 -30.40 -33.05
C ALA A 215 12.89 -29.09 -32.71
N ARG A 216 13.48 -27.98 -33.16
CA ARG A 216 12.93 -26.67 -32.82
C ARG A 216 12.99 -25.76 -34.05
N PRO A 217 12.13 -24.74 -34.09
CA PRO A 217 12.21 -23.78 -35.19
C PRO A 217 13.54 -23.05 -35.15
N LYS A 218 14.08 -22.67 -36.31
CA LYS A 218 15.36 -21.98 -36.32
C LYS A 218 15.20 -20.55 -35.83
N VAL A 219 15.99 -20.21 -34.81
CA VAL A 219 16.11 -18.84 -34.33
C VAL A 219 17.55 -18.41 -34.57
N ARG A 220 17.72 -17.32 -35.32
CA ARG A 220 19.04 -16.87 -35.74
C ARG A 220 19.80 -18.01 -36.43
N GLY A 221 19.08 -18.81 -37.21
CA GLY A 221 19.66 -19.86 -38.01
C GLY A 221 19.87 -21.17 -37.27
N LEU A 222 19.64 -21.17 -35.97
CA LEU A 222 19.90 -22.34 -35.14
C LEU A 222 18.63 -22.99 -34.59
N ALA A 223 18.54 -24.30 -34.78
CA ALA A 223 17.50 -25.11 -34.13
C ALA A 223 17.95 -25.52 -32.72
N SER A 224 19.24 -25.34 -32.45
CA SER A 224 19.81 -25.59 -31.14
C SER A 224 19.44 -24.49 -30.14
N ARG A 225 19.58 -24.79 -28.85
CA ARG A 225 19.37 -23.79 -27.80
C ARG A 225 20.52 -23.76 -26.78
N MET A 226 20.67 -22.61 -26.13
CA MET A 226 21.63 -22.45 -25.05
C MET A 226 21.01 -21.75 -23.84
N ASN A 227 20.94 -22.45 -22.71
CA ASN A 227 20.43 -21.86 -21.48
C ASN A 227 21.57 -21.31 -20.64
N TYR A 228 21.32 -20.20 -19.97
CA TYR A 228 22.33 -19.49 -19.19
C TYR A 228 21.98 -19.44 -17.71
N TYR A 229 22.96 -19.82 -16.88
CA TYR A 229 22.76 -19.91 -15.45
C TYR A 229 23.83 -19.12 -14.70
N TRP A 230 23.49 -18.68 -13.50
CA TRP A 230 24.39 -17.87 -12.69
C TRP A 230 24.24 -18.19 -11.20
N THR A 231 25.27 -17.87 -10.43
CA THR A 231 25.20 -17.96 -8.98
C THR A 231 26.16 -16.95 -8.38
N LEU A 232 25.81 -16.42 -7.21
CA LEU A 232 26.70 -15.51 -6.50
C LEU A 232 27.48 -16.29 -5.45
N LEU A 233 28.78 -16.43 -5.70
CA LEU A 233 29.64 -17.23 -4.84
C LEU A 233 30.15 -16.40 -3.67
N GLU A 234 29.92 -16.90 -2.47
CA GLU A 234 30.29 -16.18 -1.25
C GLU A 234 31.80 -16.15 -1.07
N PRO A 235 32.32 -15.11 -0.39
CA PRO A 235 33.75 -15.09 -0.09
C PRO A 235 34.20 -16.31 0.70
N GLY A 236 35.25 -16.97 0.23
CA GLY A 236 35.80 -18.13 0.90
C GLY A 236 35.20 -19.44 0.43
N ASP A 237 34.02 -19.36 -0.17
CA ASP A 237 33.34 -20.55 -0.66
C ASP A 237 33.94 -21.03 -1.98
N THR A 238 33.75 -22.31 -2.30
CA THR A 238 34.25 -22.91 -3.52
C THR A 238 33.09 -23.30 -4.44
N ILE A 239 33.30 -23.19 -5.76
CA ILE A 239 32.34 -23.71 -6.74
C ILE A 239 33.03 -24.74 -7.64
N THR A 240 32.33 -25.84 -7.91
CA THR A 240 32.91 -26.97 -8.66
C THR A 240 32.03 -27.36 -9.85
N PHE A 241 32.66 -27.39 -11.02
CA PHE A 241 31.99 -27.81 -12.25
C PHE A 241 32.38 -29.25 -12.61
N GLU A 242 31.37 -30.09 -12.83
CA GLU A 242 31.59 -31.43 -13.38
C GLU A 242 30.70 -31.64 -14.59
N ALA A 243 31.27 -32.13 -15.68
CA ALA A 243 30.50 -32.38 -16.88
C ALA A 243 31.05 -33.52 -17.73
N THR A 244 30.14 -34.27 -18.36
CA THR A 244 30.51 -35.26 -19.36
C THR A 244 30.24 -34.71 -20.76
N GLY A 245 29.81 -33.45 -20.82
CA GLY A 245 29.53 -32.79 -22.08
C GLY A 245 28.51 -31.68 -21.90
N ASN A 246 28.27 -30.93 -22.98
CA ASN A 246 27.21 -29.93 -23.04
C ASN A 246 27.44 -28.69 -22.16
N LEU A 247 28.60 -28.61 -21.53
CA LEU A 247 28.89 -27.46 -20.67
C LEU A 247 29.50 -26.33 -21.48
N ILE A 248 28.96 -25.12 -21.28
CA ILE A 248 29.59 -23.91 -21.78
C ILE A 248 30.27 -23.30 -20.59
N ALA A 249 31.60 -23.39 -20.57
CA ALA A 249 32.35 -23.18 -19.35
C ALA A 249 32.55 -21.69 -19.08
N PRO A 250 32.63 -21.31 -17.79
CA PRO A 250 33.00 -19.93 -17.48
C PRO A 250 34.43 -19.65 -17.91
N TRP A 251 34.64 -18.51 -18.56
CA TRP A 251 35.98 -18.06 -18.92
C TRP A 251 36.33 -16.89 -18.01
N TYR A 252 35.53 -15.82 -18.10
CA TYR A 252 35.65 -14.68 -17.21
C TYR A 252 34.48 -14.62 -16.24
N ALA A 253 34.74 -14.10 -15.04
CA ALA A 253 33.72 -13.90 -14.03
C ALA A 253 33.84 -12.49 -13.46
N PHE A 254 32.95 -12.14 -12.54
CA PHE A 254 32.93 -10.80 -11.95
C PHE A 254 32.97 -10.88 -10.42
N ALA A 255 33.86 -10.11 -9.82
CA ALA A 255 33.93 -9.99 -8.36
C ALA A 255 33.30 -8.67 -7.95
N LEU A 256 32.43 -8.70 -6.94
CA LEU A 256 31.68 -7.50 -6.61
C LEU A 256 31.15 -7.36 -5.18
N ASN A 257 30.83 -6.11 -4.82
CA ASN A 257 30.09 -5.79 -3.60
C ASN A 257 28.74 -5.19 -3.94
N ARG A 258 27.68 -5.92 -3.67
CA ARG A 258 26.33 -5.45 -3.97
C ARG A 258 25.90 -4.33 -3.04
N GLY A 259 25.25 -3.31 -3.62
CA GLY A 259 24.54 -2.31 -2.85
C GLY A 259 23.15 -2.84 -2.58
N SER A 260 22.19 -1.96 -2.35
CA SER A 260 20.82 -2.40 -2.12
C SER A 260 19.81 -1.34 -2.50
N GLY A 261 18.57 -1.77 -2.71
CA GLY A 261 17.46 -0.86 -2.92
C GLY A 261 17.60 0.03 -4.14
N SER A 262 18.26 -0.46 -5.18
CA SER A 262 18.34 0.29 -6.43
C SER A 262 17.60 -0.45 -7.55
N GLY A 263 17.64 0.09 -8.75
CA GLY A 263 16.90 -0.46 -9.86
C GLY A 263 17.44 -0.07 -11.23
N ILE A 264 16.67 -0.42 -12.26
CA ILE A 264 17.02 -0.14 -13.64
C ILE A 264 16.08 0.90 -14.21
N ILE A 265 16.63 1.86 -14.94
CA ILE A 265 15.83 2.88 -15.62
C ILE A 265 15.96 2.70 -17.12
N THR A 266 14.82 2.67 -17.80
CA THR A 266 14.81 2.64 -19.26
C THR A 266 14.42 4.01 -19.81
N SER A 267 15.41 4.70 -20.37
CA SER A 267 15.19 6.03 -20.92
C SER A 267 16.23 6.36 -22.00
N ASP A 268 15.81 7.11 -23.02
CA ASP A 268 16.72 7.57 -24.05
C ASP A 268 17.25 8.96 -23.75
N ALA A 269 16.91 9.49 -22.58
CA ALA A 269 17.44 10.78 -22.15
C ALA A 269 18.95 10.67 -22.01
N PRO A 270 19.69 11.74 -22.38
CA PRO A 270 21.15 11.71 -22.31
C PRO A 270 21.71 11.68 -20.90
N VAL A 271 22.76 10.88 -20.68
CA VAL A 271 23.42 10.79 -19.39
C VAL A 271 24.49 11.89 -19.26
N HIS A 272 24.42 12.66 -18.18
CA HIS A 272 25.35 13.77 -17.95
C HIS A 272 26.02 13.71 -16.59
N ASP A 273 26.84 14.71 -16.30
CA ASP A 273 27.68 14.73 -15.10
C ASP A 273 27.00 15.39 -13.91
N CYS A 274 25.73 15.74 -14.05
CA CYS A 274 25.00 16.40 -12.97
C CYS A 274 24.70 15.44 -11.83
N ASN A 275 24.16 15.98 -10.74
CA ASN A 275 23.82 15.20 -9.55
C ASN A 275 22.36 15.38 -9.15
N THR A 276 21.77 14.34 -8.58
CA THR A 276 20.40 14.42 -8.10
C THR A 276 20.15 13.40 -6.98
N LYS A 277 19.17 13.71 -6.14
CA LYS A 277 18.71 12.76 -5.13
C LYS A 277 17.51 11.96 -5.63
N CYS A 278 16.94 12.39 -6.74
CA CYS A 278 15.80 11.71 -7.35
C CYS A 278 15.92 11.66 -8.87
N GLN A 279 15.85 10.44 -9.42
CA GLN A 279 15.94 10.23 -10.86
C GLN A 279 14.65 9.63 -11.40
N THR A 280 14.13 10.21 -12.47
CA THR A 280 12.95 9.68 -13.16
C THR A 280 13.33 9.38 -14.61
N PRO A 281 12.56 8.51 -15.28
CA PRO A 281 12.88 8.19 -16.67
C PRO A 281 12.80 9.40 -17.60
N HIS A 282 12.00 10.39 -17.23
CA HIS A 282 11.88 11.62 -18.00
C HIS A 282 13.05 12.54 -17.74
N GLY A 283 13.58 12.48 -16.52
CA GLY A 283 14.71 13.29 -16.13
C GLY A 283 14.79 13.44 -14.62
N ALA A 284 15.88 14.04 -14.14
CA ALA A 284 16.07 14.25 -12.71
C ALA A 284 15.19 15.40 -12.23
N ILE A 285 14.79 15.33 -10.96
CA ILE A 285 13.98 16.38 -10.36
C ILE A 285 14.50 16.76 -8.98
N ASN A 286 14.15 17.95 -8.51
CA ASN A 286 14.51 18.40 -7.17
C ASN A 286 13.53 17.84 -6.15
N SER A 287 14.08 17.25 -5.08
CA SER A 287 13.33 16.51 -4.08
C SER A 287 12.92 17.33 -2.85
N SER A 288 13.15 18.64 -2.88
CA SER A 288 12.86 19.48 -1.72
C SER A 288 11.37 19.57 -1.44
N LEU A 289 10.55 19.47 -2.49
CA LEU A 289 9.10 19.54 -2.33
C LEU A 289 8.51 18.16 -2.01
N PRO A 290 7.35 18.13 -1.33
CA PRO A 290 6.68 16.88 -0.94
C PRO A 290 6.04 16.07 -2.08
N PHE A 291 5.68 16.72 -3.19
CA PHE A 291 4.96 16.04 -4.28
C PHE A 291 5.55 16.32 -5.67
N GLN A 292 5.39 15.37 -6.57
CA GLN A 292 5.81 15.53 -7.97
C GLN A 292 4.87 14.77 -8.91
N ASN A 293 4.54 15.36 -10.06
CA ASN A 293 3.69 14.71 -11.08
C ASN A 293 4.46 14.15 -12.29
N ILE A 294 5.79 14.17 -12.24
CA ILE A 294 6.61 13.75 -13.37
C ILE A 294 6.47 12.28 -13.74
N HIS A 295 6.54 11.39 -12.75
CA HIS A 295 6.52 9.97 -13.05
C HIS A 295 6.38 9.15 -11.76
N PRO A 296 5.55 8.09 -11.79
CA PRO A 296 5.35 7.23 -10.63
C PRO A 296 6.54 6.33 -10.31
N VAL A 297 7.31 5.96 -11.33
CA VAL A 297 8.43 5.06 -11.16
C VAL A 297 9.73 5.84 -11.08
N THR A 298 10.34 5.87 -9.90
CA THR A 298 11.54 6.64 -9.66
C THR A 298 12.59 5.82 -8.91
N ILE A 299 13.82 6.34 -8.90
CA ILE A 299 14.89 5.78 -8.09
C ILE A 299 15.57 6.91 -7.33
N GLY A 300 15.46 6.87 -6.00
CA GLY A 300 16.11 7.85 -5.15
C GLY A 300 15.31 8.18 -3.92
N GLU A 301 15.64 9.29 -3.30
CA GLU A 301 14.78 9.89 -2.27
C GLU A 301 13.91 10.92 -2.99
N CYS A 302 12.63 10.62 -3.15
CA CYS A 302 11.78 11.38 -4.08
C CYS A 302 10.48 11.85 -3.45
N PRO A 303 9.93 12.96 -3.97
CA PRO A 303 8.59 13.39 -3.57
C PRO A 303 7.54 12.35 -3.96
N LYS A 304 6.44 12.27 -3.22
CA LYS A 304 5.39 11.30 -3.53
C LYS A 304 4.71 11.67 -4.84
N TYR A 305 4.51 10.68 -5.70
CA TYR A 305 3.91 10.92 -7.00
C TYR A 305 2.39 11.09 -6.92
N VAL A 306 1.90 12.17 -7.50
CA VAL A 306 0.47 12.45 -7.58
C VAL A 306 0.12 12.90 -8.99
N ARG A 307 -1.15 12.73 -9.38
CA ARG A 307 -1.60 13.18 -10.69
C ARG A 307 -2.00 14.66 -10.71
N SER A 308 -1.89 15.31 -9.55
CA SER A 308 -2.30 16.71 -9.45
C SER A 308 -1.49 17.55 -10.44
N THR A 309 -2.19 18.37 -11.21
CA THR A 309 -1.53 19.34 -12.08
C THR A 309 -1.14 20.60 -11.31
N LYS A 310 -1.92 20.95 -10.30
CA LYS A 310 -1.65 22.14 -9.50
C LYS A 310 -1.86 21.91 -8.00
N LEU A 311 -0.80 22.12 -7.23
CA LEU A 311 -0.92 22.27 -5.79
C LEU A 311 -0.19 23.55 -5.40
N ARG A 312 -0.96 24.56 -4.99
CA ARG A 312 -0.40 25.86 -4.66
C ARG A 312 -1.00 26.31 -3.34
N MET A 313 -0.13 26.67 -2.41
CA MET A 313 -0.53 26.94 -1.04
C MET A 313 -0.50 28.43 -0.73
N ALA A 314 -1.65 28.95 -0.35
CA ALA A 314 -1.76 30.35 0.01
C ALA A 314 -0.94 30.64 1.27
N THR A 315 -0.14 31.69 1.18
CA THR A 315 0.68 32.19 2.26
C THR A 315 0.11 33.55 2.63
N GLY A 316 -0.08 34.36 1.60
CA GLY A 316 -0.55 35.71 1.77
C GLY A 316 -2.06 35.69 1.94
N LEU A 317 -2.69 36.84 1.70
CA LEU A 317 -4.12 37.02 1.92
C LEU A 317 -4.80 37.37 0.60
N ARG A 318 -6.13 37.35 0.60
CA ARG A 318 -6.89 37.61 -0.61
C ARG A 318 -6.49 38.97 -1.15
N ASN A 319 -6.16 39.02 -2.44
CA ASN A 319 -5.66 40.25 -3.03
C ASN A 319 -6.80 41.10 -3.55
N ILE A 320 -6.95 42.32 -3.03
CA ILE A 320 -8.01 43.19 -3.49
C ILE A 320 -7.51 44.62 -3.71
N PRO A 321 -6.95 44.88 -4.91
CA PRO A 321 -6.49 46.23 -5.26
C PRO A 321 -7.59 47.08 -5.91
N GLY B 1 -15.68 36.68 3.96
CA GLY B 1 -14.68 36.26 4.98
C GLY B 1 -15.34 35.65 6.19
N LEU B 2 -14.64 34.72 6.85
CA LEU B 2 -15.18 34.03 8.01
C LEU B 2 -15.33 34.99 9.19
N PHE B 3 -14.34 35.88 9.35
CA PHE B 3 -14.38 36.88 10.41
C PHE B 3 -14.93 38.22 9.94
N GLY B 4 -15.29 38.28 8.66
CA GLY B 4 -16.03 39.42 8.14
C GLY B 4 -15.26 40.72 8.02
N ALA B 5 -13.94 40.67 8.02
CA ALA B 5 -13.12 41.87 7.87
C ALA B 5 -12.61 42.05 6.45
N ILE B 6 -11.81 41.09 5.97
CA ILE B 6 -11.28 41.13 4.62
C ILE B 6 -12.39 40.77 3.64
N ALA B 7 -12.63 41.66 2.67
CA ALA B 7 -13.78 41.58 1.79
C ALA B 7 -15.05 41.68 2.65
N GLY B 8 -14.85 42.19 3.86
CA GLY B 8 -15.89 42.41 4.85
C GLY B 8 -16.24 43.87 4.91
N PHE B 9 -16.55 44.35 6.13
CA PHE B 9 -16.80 45.77 6.33
C PHE B 9 -15.61 46.62 5.85
N ILE B 10 -14.41 46.03 5.83
CA ILE B 10 -13.28 46.64 5.13
C ILE B 10 -13.28 46.06 3.72
N GLU B 11 -13.57 46.91 2.74
CA GLU B 11 -13.95 46.44 1.42
C GLU B 11 -12.77 46.02 0.54
N GLY B 12 -11.61 46.64 0.75
CA GLY B 12 -10.46 46.39 -0.11
C GLY B 12 -9.12 46.60 0.57
N GLY B 13 -8.06 46.25 -0.16
CA GLY B 13 -6.70 46.35 0.34
C GLY B 13 -5.97 47.58 -0.17
N TRP B 14 -4.84 47.87 0.46
CA TRP B 14 -4.03 49.04 0.13
C TRP B 14 -2.75 48.66 -0.62
N THR B 15 -2.68 49.02 -1.89
CA THR B 15 -1.47 48.82 -2.67
C THR B 15 -0.36 49.73 -2.17
N GLY B 16 -0.74 50.79 -1.47
CA GLY B 16 0.22 51.78 -1.00
C GLY B 16 1.06 51.36 0.20
N MET B 17 0.68 50.26 0.84
CA MET B 17 1.43 49.76 2.00
C MET B 17 2.21 48.53 1.58
N ILE B 18 3.52 48.67 1.36
CA ILE B 18 4.31 47.54 0.90
C ILE B 18 5.12 46.87 2.01
N ASP B 19 5.12 47.46 3.20
CA ASP B 19 6.04 47.03 4.25
C ASP B 19 5.44 46.00 5.22
N GLY B 20 4.19 45.60 4.99
CA GLY B 20 3.56 44.62 5.84
C GLY B 20 2.21 44.13 5.35
N TRP B 21 1.72 43.06 5.98
CA TRP B 21 0.42 42.49 5.64
C TRP B 21 -0.74 43.33 6.19
N TYR B 22 -0.62 43.75 7.45
CA TYR B 22 -1.65 44.55 8.10
C TYR B 22 -1.03 45.86 8.59
N GLY B 23 -1.80 46.93 8.57
CA GLY B 23 -1.27 48.22 8.98
C GLY B 23 -2.29 49.33 9.12
N TYR B 24 -1.79 50.56 9.23
CA TYR B 24 -2.63 51.73 9.38
C TYR B 24 -2.40 52.76 8.28
N HIS B 25 -3.45 53.51 7.95
CA HIS B 25 -3.33 54.72 7.13
C HIS B 25 -3.78 55.93 7.93
N HIS B 26 -2.85 56.81 8.26
CA HIS B 26 -3.15 57.99 9.07
C HIS B 26 -3.40 59.21 8.19
N GLN B 27 -4.35 60.04 8.62
CA GLN B 27 -4.63 61.31 7.96
C GLN B 27 -4.84 62.43 8.97
N ASN B 28 -4.02 63.47 8.89
CA ASN B 28 -4.15 64.62 9.77
C ASN B 28 -3.57 65.89 9.14
N GLU B 29 -3.50 66.94 9.95
CA GLU B 29 -3.00 68.23 9.50
C GLU B 29 -1.59 68.18 8.90
N GLN B 30 -0.71 67.37 9.48
CA GLN B 30 0.70 67.43 9.10
C GLN B 30 0.93 66.72 7.77
N GLY B 31 0.04 65.79 7.45
CA GLY B 31 0.17 65.01 6.24
C GLY B 31 -0.60 63.69 6.30
N SER B 32 -0.31 62.81 5.35
CA SER B 32 -0.96 61.50 5.27
C SER B 32 0.08 60.46 4.90
N GLY B 33 -0.19 59.20 5.22
CA GLY B 33 0.76 58.15 4.92
C GLY B 33 0.30 56.75 5.29
N TYR B 34 1.14 55.77 4.98
CA TYR B 34 0.91 54.38 5.33
C TYR B 34 1.94 53.86 6.33
N ALA B 35 1.49 53.03 7.27
CA ALA B 35 2.41 52.37 8.19
C ALA B 35 1.89 50.98 8.54
N ALA B 36 2.79 49.99 8.49
CA ALA B 36 2.40 48.61 8.79
C ALA B 36 2.66 48.29 10.25
N ASP B 37 1.74 47.55 10.87
CA ASP B 37 1.94 47.07 12.23
C ASP B 37 2.87 45.87 12.16
N GLN B 38 4.03 45.97 12.80
CA GLN B 38 5.07 44.97 12.64
C GLN B 38 4.84 43.73 13.51
N LYS B 39 4.16 43.90 14.65
CA LYS B 39 3.90 42.79 15.54
C LYS B 39 2.87 41.81 14.97
N SER B 40 1.75 42.31 14.48
CA SER B 40 0.71 41.44 13.93
C SER B 40 1.19 40.82 12.62
N THR B 41 2.00 41.56 11.88
CA THR B 41 2.53 41.08 10.61
C THR B 41 3.57 39.99 10.84
N GLN B 42 4.48 40.22 11.77
CA GLN B 42 5.56 39.27 12.06
C GLN B 42 4.98 38.00 12.67
N ASN B 43 3.98 38.16 13.53
CA ASN B 43 3.30 37.02 14.15
C ASN B 43 2.61 36.18 13.09
N ALA B 44 1.97 36.84 12.14
CA ALA B 44 1.31 36.14 11.05
C ALA B 44 2.34 35.42 10.18
N ILE B 45 3.42 36.11 9.85
CA ILE B 45 4.48 35.52 9.04
C ILE B 45 5.06 34.28 9.71
N ASP B 46 5.43 34.42 10.98
CA ASP B 46 5.98 33.30 11.74
C ASP B 46 5.00 32.13 11.76
N GLY B 47 3.72 32.43 11.90
CA GLY B 47 2.69 31.42 11.90
C GLY B 47 2.60 30.70 10.56
N ILE B 48 2.48 31.49 9.50
CA ILE B 48 2.37 30.93 8.15
C ILE B 48 3.66 30.21 7.77
N THR B 49 4.79 30.74 8.22
CA THR B 49 6.08 30.11 7.93
C THR B 49 6.15 28.74 8.57
N ASN B 50 5.58 28.61 9.77
CA ASN B 50 5.57 27.33 10.46
C ASN B 50 4.61 26.35 9.80
N LYS B 51 3.55 26.87 9.20
CA LYS B 51 2.58 26.04 8.49
C LYS B 51 3.21 25.45 7.24
N VAL B 52 3.85 26.28 6.44
CA VAL B 52 4.49 25.84 5.21
C VAL B 52 5.60 24.83 5.50
N ASN B 53 6.43 25.12 6.50
CA ASN B 53 7.51 24.22 6.88
C ASN B 53 6.99 22.88 7.39
N SER B 54 5.84 22.90 8.07
CA SER B 54 5.24 21.68 8.60
C SER B 54 4.80 20.74 7.47
N VAL B 55 4.10 21.29 6.48
CA VAL B 55 3.59 20.48 5.38
C VAL B 55 4.72 19.84 4.57
N ILE B 56 5.82 20.57 4.39
CA ILE B 56 6.95 20.08 3.61
C ILE B 56 7.85 19.13 4.41
N GLU B 57 8.21 19.51 5.64
CA GLU B 57 9.25 18.80 6.38
C GLU B 57 8.76 17.55 7.13
N LYS B 58 7.45 17.42 7.31
CA LYS B 58 6.88 16.23 7.97
C LYS B 58 6.89 15.03 7.04
N MET B 59 7.26 15.25 5.78
CA MET B 59 7.35 14.19 4.80
C MET B 59 8.67 13.45 4.97
N ASN B 60 8.57 12.15 5.24
CA ASN B 60 9.77 11.33 5.41
C ASN B 60 10.09 10.64 4.11
N THR B 61 11.36 10.73 3.70
CA THR B 61 11.77 10.21 2.40
C THR B 61 12.95 9.27 2.54
N GLN B 62 12.76 8.00 2.15
CA GLN B 62 13.83 7.01 2.11
C GLN B 62 14.22 6.69 0.68
N PHE B 63 15.49 6.37 0.47
CA PHE B 63 15.94 5.94 -0.85
C PHE B 63 15.13 4.72 -1.27
N THR B 64 14.48 4.80 -2.42
CA THR B 64 13.60 3.74 -2.89
C THR B 64 13.66 3.60 -4.40
N ALA B 65 13.73 2.36 -4.88
CA ALA B 65 13.56 2.08 -6.30
C ALA B 65 12.17 1.49 -6.50
N VAL B 66 11.28 2.29 -7.09
CA VAL B 66 9.88 1.91 -7.24
C VAL B 66 9.72 0.82 -8.30
N GLY B 67 10.50 0.93 -9.37
CA GLY B 67 10.38 0.03 -10.50
C GLY B 67 10.68 -1.42 -10.18
N LYS B 68 9.97 -2.31 -10.87
CA LYS B 68 10.17 -3.75 -10.75
C LYS B 68 9.95 -4.41 -12.12
N GLU B 69 10.71 -5.47 -12.38
CA GLU B 69 10.63 -6.18 -13.65
C GLU B 69 10.09 -7.59 -13.47
N PHE B 70 9.19 -8.00 -14.36
CA PHE B 70 8.58 -9.32 -14.31
C PHE B 70 8.51 -9.97 -15.70
N ASN B 71 8.69 -11.28 -15.75
CA ASN B 71 8.57 -12.01 -17.01
C ASN B 71 7.13 -12.42 -17.28
N ASN B 72 6.90 -13.08 -18.40
CA ASN B 72 5.54 -13.32 -18.90
C ASN B 72 4.76 -14.39 -18.14
N LEU B 73 5.44 -15.13 -17.28
CA LEU B 73 4.77 -16.06 -16.36
C LEU B 73 4.57 -15.46 -14.96
N GLU B 74 5.04 -14.23 -14.77
CA GLU B 74 4.90 -13.53 -13.50
C GLU B 74 3.77 -12.50 -13.44
N ARG B 75 2.92 -12.46 -14.47
CA ARG B 75 1.91 -11.39 -14.61
C ARG B 75 1.12 -11.05 -13.34
N ARG B 76 0.75 -12.04 -12.55
CA ARG B 76 -0.08 -11.79 -11.37
C ARG B 76 0.58 -10.83 -10.39
N ILE B 77 1.82 -11.08 -10.01
CA ILE B 77 2.49 -10.21 -9.05
C ILE B 77 2.92 -8.89 -9.70
N GLU B 78 2.94 -8.85 -11.03
CA GLU B 78 3.19 -7.60 -11.74
C GLU B 78 2.00 -6.65 -11.54
N ASN B 79 0.79 -7.19 -11.64
CA ASN B 79 -0.41 -6.41 -11.43
C ASN B 79 -0.62 -6.13 -9.94
N LEU B 80 -0.13 -7.04 -9.10
CA LEU B 80 -0.11 -6.79 -7.66
C LEU B 80 0.77 -5.60 -7.35
N ASN B 81 1.97 -5.60 -7.95
CA ASN B 81 2.91 -4.50 -7.81
C ASN B 81 2.29 -3.20 -8.33
N LYS B 82 1.48 -3.31 -9.39
CA LYS B 82 0.81 -2.16 -9.98
C LYS B 82 -0.30 -1.63 -9.07
N LYS B 83 -1.01 -2.54 -8.41
CA LYS B 83 -2.07 -2.15 -7.48
C LYS B 83 -1.50 -1.36 -6.31
N VAL B 84 -0.30 -1.75 -5.88
CA VAL B 84 0.38 -1.07 -4.79
C VAL B 84 0.75 0.36 -5.20
N ASP B 85 1.41 0.49 -6.35
CA ASP B 85 1.83 1.79 -6.84
C ASP B 85 0.63 2.70 -7.10
N ASP B 86 -0.41 2.14 -7.70
CA ASP B 86 -1.63 2.89 -7.98
C ASP B 86 -2.38 3.22 -6.69
N GLY B 87 -2.30 2.34 -5.71
CA GLY B 87 -2.98 2.55 -4.44
C GLY B 87 -2.37 3.73 -3.69
N PHE B 88 -1.04 3.80 -3.66
CA PHE B 88 -0.33 4.91 -3.05
C PHE B 88 -0.59 6.18 -3.85
N LEU B 89 -0.80 6.02 -5.15
CA LEU B 89 -1.11 7.15 -6.02
C LEU B 89 -2.48 7.74 -5.70
N ASP B 90 -3.47 6.86 -5.54
CA ASP B 90 -4.82 7.31 -5.21
C ASP B 90 -4.85 7.99 -3.84
N ILE B 91 -4.12 7.43 -2.88
CA ILE B 91 -4.11 7.96 -1.52
C ILE B 91 -3.43 9.32 -1.45
N TRP B 92 -2.22 9.43 -1.99
CA TRP B 92 -1.44 10.65 -1.87
C TRP B 92 -2.07 11.81 -2.64
N THR B 93 -2.61 11.51 -3.82
CA THR B 93 -3.27 12.53 -4.62
C THR B 93 -4.46 13.10 -3.88
N TYR B 94 -5.35 12.22 -3.41
CA TYR B 94 -6.57 12.65 -2.74
C TYR B 94 -6.30 13.48 -1.48
N ASN B 95 -5.38 13.00 -0.65
CA ASN B 95 -5.05 13.68 0.60
C ASN B 95 -4.38 15.03 0.37
N ALA B 96 -3.44 15.07 -0.57
CA ALA B 96 -2.73 16.30 -0.90
C ALA B 96 -3.68 17.37 -1.41
N GLU B 97 -4.58 16.98 -2.32
CA GLU B 97 -5.55 17.91 -2.89
C GLU B 97 -6.37 18.60 -1.81
N LEU B 98 -6.95 17.81 -0.91
CA LEU B 98 -7.79 18.34 0.15
C LEU B 98 -6.97 19.11 1.17
N LEU B 99 -5.77 18.63 1.47
CA LEU B 99 -4.89 19.30 2.43
C LEU B 99 -4.64 20.74 2.00
N VAL B 100 -4.45 20.93 0.70
CA VAL B 100 -4.22 22.27 0.15
C VAL B 100 -5.53 23.06 0.18
N LEU B 101 -6.61 22.44 -0.26
CA LEU B 101 -7.93 23.08 -0.26
C LEU B 101 -8.33 23.54 1.14
N LEU B 102 -8.20 22.65 2.12
CA LEU B 102 -8.66 22.94 3.47
C LEU B 102 -7.78 23.98 4.16
N GLU B 103 -6.47 23.88 4.00
CA GLU B 103 -5.55 24.78 4.69
C GLU B 103 -5.45 26.14 4.01
N ASN B 104 -5.75 26.19 2.71
CA ASN B 104 -5.87 27.47 2.02
C ASN B 104 -7.03 28.27 2.61
N GLU B 105 -8.14 27.59 2.88
CA GLU B 105 -9.30 28.22 3.50
C GLU B 105 -8.96 28.74 4.90
N ARG B 106 -8.23 27.94 5.66
CA ARG B 106 -7.85 28.32 7.02
C ARG B 106 -6.86 29.47 7.02
N THR B 107 -5.96 29.48 6.03
CA THR B 107 -4.97 30.55 5.92
C THR B 107 -5.65 31.88 5.64
N LEU B 108 -6.62 31.88 4.74
CA LEU B 108 -7.34 33.09 4.40
C LEU B 108 -8.18 33.57 5.59
N ASP B 109 -8.74 32.62 6.34
CA ASP B 109 -9.51 32.95 7.54
C ASP B 109 -8.59 33.48 8.64
N PHE B 110 -7.35 32.99 8.66
CA PHE B 110 -6.36 33.43 9.62
C PHE B 110 -6.00 34.90 9.43
N HIS B 111 -5.88 35.33 8.17
CA HIS B 111 -5.62 36.72 7.86
C HIS B 111 -6.83 37.57 8.20
N ASP B 112 -8.01 37.08 7.83
CA ASP B 112 -9.26 37.75 8.14
C ASP B 112 -9.37 37.99 9.64
N SER B 113 -8.97 36.99 10.41
CA SER B 113 -8.98 37.09 11.87
C SER B 113 -8.04 38.17 12.37
N ASN B 114 -6.81 38.19 11.86
CA ASN B 114 -5.80 39.13 12.30
C ASN B 114 -6.19 40.59 12.02
N VAL B 115 -6.83 40.83 10.89
CA VAL B 115 -7.27 42.17 10.55
C VAL B 115 -8.32 42.63 11.55
N ARG B 116 -9.26 41.75 11.88
CA ARG B 116 -10.29 42.06 12.87
C ARG B 116 -9.72 42.29 14.26
N ASN B 117 -8.79 41.44 14.66
CA ASN B 117 -8.18 41.57 15.98
C ASN B 117 -7.49 42.91 16.13
N LEU B 118 -6.81 43.35 15.08
CA LEU B 118 -6.14 44.65 15.07
C LEU B 118 -7.15 45.79 15.16
N TYR B 119 -8.22 45.65 14.39
CA TYR B 119 -9.28 46.65 14.36
C TYR B 119 -9.84 46.89 15.76
N GLU B 120 -10.23 45.80 16.42
CA GLU B 120 -10.88 45.89 17.71
C GLU B 120 -9.87 46.08 18.83
N LYS B 121 -8.58 45.97 18.50
CA LYS B 121 -7.51 46.31 19.42
C LYS B 121 -7.38 47.84 19.47
N VAL B 122 -7.60 48.47 18.32
CA VAL B 122 -7.56 49.92 18.20
C VAL B 122 -8.81 50.57 18.76
N LYS B 123 -9.97 49.98 18.45
CA LYS B 123 -11.24 50.50 18.93
C LYS B 123 -11.28 50.58 20.46
N SER B 124 -10.75 49.56 21.12
CA SER B 124 -10.80 49.47 22.58
C SER B 124 -10.04 50.60 23.26
N GLN B 125 -8.95 51.04 22.65
CA GLN B 125 -8.13 52.10 23.23
C GLN B 125 -8.74 53.47 23.01
N LEU B 126 -9.28 53.70 21.81
CA LEU B 126 -9.87 54.99 21.48
C LEU B 126 -11.17 55.18 22.24
N LYS B 127 -11.97 54.12 22.34
CA LYS B 127 -13.28 54.18 22.99
C LYS B 127 -14.14 55.26 22.32
N ASN B 128 -14.68 56.19 23.11
CA ASN B 128 -15.57 57.23 22.59
C ASN B 128 -14.83 58.50 22.15
N ASN B 129 -13.51 58.49 22.24
CA ASN B 129 -12.70 59.63 21.79
C ASN B 129 -12.68 59.75 20.27
N ALA B 130 -13.20 58.74 19.60
CA ALA B 130 -13.30 58.75 18.15
C ALA B 130 -14.64 58.19 17.71
N LYS B 131 -15.03 58.51 16.48
CA LYS B 131 -16.29 58.05 15.91
C LYS B 131 -16.03 56.88 14.97
N GLU B 132 -16.89 55.86 15.03
CA GLU B 132 -16.73 54.69 14.16
C GLU B 132 -17.53 54.83 12.87
N ILE B 133 -16.82 55.11 11.78
CA ILE B 133 -17.42 55.28 10.46
C ILE B 133 -17.72 53.95 9.77
N GLY B 134 -16.76 53.04 9.88
CA GLY B 134 -16.76 51.82 9.07
C GLY B 134 -15.63 51.84 8.06
N ASN B 135 -15.43 50.72 7.38
CA ASN B 135 -14.36 50.54 6.39
C ASN B 135 -13.02 50.62 7.09
N GLY B 136 -13.07 50.39 8.41
CA GLY B 136 -11.88 50.32 9.22
C GLY B 136 -11.29 51.68 9.57
N CYS B 137 -12.10 52.74 9.45
CA CYS B 137 -11.63 54.10 9.74
C CYS B 137 -12.27 54.70 11.00
N PHE B 138 -11.44 55.36 11.81
CA PHE B 138 -11.89 56.07 13.01
C PHE B 138 -11.63 57.56 12.86
N GLU B 139 -12.68 58.37 13.03
CA GLU B 139 -12.54 59.83 13.01
C GLU B 139 -12.41 60.38 14.42
N PHE B 140 -11.27 61.01 14.68
CA PHE B 140 -10.97 61.57 15.98
C PHE B 140 -11.85 62.77 16.30
N TYR B 141 -12.24 62.90 17.55
CA TYR B 141 -12.99 64.06 18.03
C TYR B 141 -12.03 65.15 18.49
N HIS B 142 -10.73 64.91 18.28
CA HIS B 142 -9.70 65.88 18.65
C HIS B 142 -8.63 65.93 17.57
N LYS B 143 -7.57 66.69 17.81
CA LYS B 143 -6.44 66.78 16.89
C LYS B 143 -5.36 65.78 17.28
N CYS B 144 -4.88 65.02 16.31
CA CYS B 144 -3.86 63.99 16.55
C CYS B 144 -2.68 64.18 15.61
N ASP B 145 -1.51 64.45 16.19
CA ASP B 145 -0.29 64.65 15.42
C ASP B 145 0.45 63.32 15.20
N ASP B 146 1.60 63.40 14.53
CA ASP B 146 2.37 62.21 14.19
C ASP B 146 2.83 61.45 15.42
N ALA B 147 3.02 62.17 16.52
CA ALA B 147 3.38 61.54 17.79
C ALA B 147 2.19 60.78 18.36
N CYS B 148 1.01 61.34 18.20
CA CYS B 148 -0.22 60.72 18.69
C CYS B 148 -0.59 59.50 17.85
N MET B 149 -0.40 59.61 16.54
CA MET B 149 -0.68 58.49 15.65
C MET B 149 0.18 57.28 16.05
N GLU B 150 1.46 57.52 16.28
CA GLU B 150 2.37 56.47 16.71
C GLU B 150 1.93 55.85 18.04
N SER B 151 1.25 56.65 18.86
CA SER B 151 0.76 56.15 20.14
C SER B 151 -0.28 55.08 19.89
N VAL B 152 -1.09 55.27 18.85
CA VAL B 152 -2.11 54.29 18.47
C VAL B 152 -1.47 53.03 17.89
N ARG B 153 -0.47 53.21 17.02
CA ARG B 153 0.19 52.08 16.37
C ARG B 153 0.93 51.20 17.37
N ASN B 154 1.55 51.84 18.36
CA ASN B 154 2.35 51.13 19.35
C ASN B 154 1.48 50.54 20.46
N GLY B 155 0.20 50.91 20.47
CA GLY B 155 -0.72 50.45 21.49
C GLY B 155 -0.53 51.15 22.82
N THR B 156 0.29 52.19 22.81
CA THR B 156 0.63 52.94 24.03
C THR B 156 -0.26 54.16 24.21
N TYR B 157 -1.27 54.30 23.36
CA TYR B 157 -2.13 55.48 23.34
C TYR B 157 -2.71 55.82 24.71
N ASP B 158 -2.71 57.11 25.04
CA ASP B 158 -3.13 57.60 26.36
C ASP B 158 -4.54 58.20 26.26
N TYR B 159 -5.52 57.51 26.83
CA TYR B 159 -6.91 57.96 26.79
C TYR B 159 -7.20 59.19 27.66
N PRO B 160 -6.72 59.21 28.92
CA PRO B 160 -7.04 60.36 29.78
C PRO B 160 -6.19 61.61 29.50
N LYS B 161 -6.10 61.97 28.23
CA LYS B 161 -5.45 63.20 27.78
C LYS B 161 -6.40 63.88 26.80
N TYR B 162 -6.82 63.13 25.80
CA TYR B 162 -7.69 63.66 24.76
C TYR B 162 -9.08 63.18 25.15
N SER B 163 -9.94 64.12 25.54
CA SER B 163 -11.32 63.80 25.87
C SER B 163 -12.32 64.65 25.11
N GLU B 164 -12.20 65.96 25.29
CA GLU B 164 -13.03 66.94 24.62
C GLU B 164 -13.22 66.64 23.13
N ASP C 1 -41.71 49.16 15.77
CA ASP C 1 -41.37 48.31 14.59
C ASP C 1 -40.07 47.56 14.83
N THR C 2 -39.96 46.37 14.26
CA THR C 2 -38.81 45.49 14.51
C THR C 2 -38.40 44.70 13.27
N ILE C 3 -37.08 44.56 13.09
CA ILE C 3 -36.52 43.63 12.12
C ILE C 3 -35.56 42.69 12.85
N CYS C 4 -35.57 41.42 12.46
CA CYS C 4 -34.80 40.39 13.14
C CYS C 4 -33.92 39.62 12.17
N ILE C 5 -32.78 39.13 12.66
CA ILE C 5 -31.88 38.29 11.87
C ILE C 5 -32.00 36.84 12.35
N GLY C 6 -32.20 35.92 11.40
CA GLY C 6 -32.39 34.52 11.75
C GLY C 6 -31.98 33.57 10.64
N TYR C 7 -32.17 32.27 10.90
CA TYR C 7 -31.74 31.22 9.98
C TYR C 7 -32.81 30.16 9.75
N HIS C 8 -32.58 29.32 8.74
CA HIS C 8 -33.56 28.34 8.27
C HIS C 8 -33.78 27.19 9.25
N ALA C 9 -35.00 26.65 9.22
CA ALA C 9 -35.35 25.44 9.96
C ALA C 9 -36.44 24.68 9.23
N ASN C 10 -36.52 23.37 9.46
CA ASN C 10 -37.52 22.53 8.80
C ASN C 10 -37.80 21.25 9.60
N ASN C 11 -38.54 20.33 8.99
CA ASN C 11 -38.91 19.07 9.64
C ASN C 11 -37.88 17.97 9.44
N SER C 12 -36.76 18.31 8.82
CA SER C 12 -35.73 17.33 8.48
C SER C 12 -35.20 16.55 9.69
N THR C 13 -35.25 15.22 9.59
CA THR C 13 -34.77 14.34 10.64
C THR C 13 -33.34 13.86 10.38
N ASP C 14 -32.75 14.32 9.29
CA ASP C 14 -31.38 13.95 8.93
C ASP C 14 -30.43 14.26 10.07
N THR C 15 -29.49 13.35 10.32
CA THR C 15 -28.51 13.54 11.36
C THR C 15 -27.08 13.23 10.91
N VAL C 16 -26.14 14.02 11.40
CA VAL C 16 -24.72 13.83 11.14
C VAL C 16 -23.91 13.82 12.42
N ASP C 17 -22.67 13.33 12.32
CA ASP C 17 -21.74 13.36 13.44
C ASP C 17 -20.66 14.40 13.18
N THR C 18 -20.24 15.09 14.24
CA THR C 18 -19.16 16.06 14.16
C THR C 18 -18.07 15.66 15.15
N VAL C 19 -16.90 16.27 15.02
CA VAL C 19 -15.78 15.93 15.88
C VAL C 19 -16.10 16.27 17.34
N LEU C 20 -16.80 17.39 17.55
CA LEU C 20 -17.18 17.81 18.89
C LEU C 20 -18.45 17.15 19.41
N GLU C 21 -19.40 16.88 18.52
CA GLU C 21 -20.74 16.44 18.92
C GLU C 21 -21.32 15.36 18.01
N LYS C 22 -21.87 14.32 18.61
CA LYS C 22 -22.51 13.23 17.87
C LYS C 22 -23.96 13.52 17.50
N ASN C 23 -24.39 13.05 16.33
CA ASN C 23 -25.79 13.01 15.97
C ASN C 23 -26.47 14.38 15.99
N VAL C 24 -25.82 15.38 15.39
CA VAL C 24 -26.40 16.70 15.24
C VAL C 24 -27.43 16.67 14.12
N THR C 25 -28.63 17.13 14.41
CA THR C 25 -29.70 17.18 13.40
C THR C 25 -29.50 18.40 12.52
N VAL C 26 -29.43 18.18 11.21
CA VAL C 26 -29.19 19.25 10.25
C VAL C 26 -30.34 19.37 9.27
N THR C 27 -30.45 20.52 8.62
CA THR C 27 -31.56 20.80 7.71
C THR C 27 -31.38 20.05 6.39
N HIS C 28 -30.13 19.93 5.95
CA HIS C 28 -29.82 19.24 4.70
C HIS C 28 -28.52 18.45 4.85
N SER C 29 -28.41 17.37 4.10
CA SER C 29 -27.18 16.57 4.11
C SER C 29 -27.04 15.78 2.82
N VAL C 30 -25.82 15.32 2.55
CA VAL C 30 -25.54 14.45 1.41
C VAL C 30 -24.82 13.19 1.89
N ASN C 31 -24.99 12.10 1.15
CA ASN C 31 -24.39 10.82 1.52
C ASN C 31 -23.14 10.52 0.70
N LEU C 32 -22.02 10.30 1.39
CA LEU C 32 -20.75 10.03 0.72
C LEU C 32 -20.46 8.54 0.60
N LEU C 33 -21.33 7.70 1.16
CA LEU C 33 -21.11 6.26 1.22
C LEU C 33 -22.20 5.47 0.50
N GLU C 34 -21.81 4.62 -0.45
CA GLU C 34 -22.76 3.77 -1.16
C GLU C 34 -22.95 2.46 -0.41
N ASP C 35 -24.13 2.27 0.17
CA ASP C 35 -24.42 1.09 0.99
C ASP C 35 -25.22 0.00 0.27
N SER C 36 -25.54 0.23 -1.01
CA SER C 36 -26.45 -0.65 -1.73
C SER C 36 -25.91 -1.14 -3.08
N HIS C 37 -26.27 -2.37 -3.44
CA HIS C 37 -25.94 -2.95 -4.73
C HIS C 37 -27.20 -3.52 -5.40
N ASN C 38 -27.13 -3.78 -6.70
CA ASN C 38 -28.30 -4.19 -7.46
C ASN C 38 -28.46 -5.72 -7.56
N GLY C 39 -27.54 -6.45 -6.95
CA GLY C 39 -27.63 -7.90 -6.89
C GLY C 39 -27.48 -8.60 -8.23
N LYS C 40 -26.91 -7.89 -9.21
CA LYS C 40 -26.72 -8.44 -10.56
C LYS C 40 -25.27 -8.35 -11.01
N LEU C 41 -24.89 -9.21 -11.95
CA LEU C 41 -23.57 -9.14 -12.59
C LEU C 41 -23.73 -8.52 -13.97
N CYS C 42 -23.17 -7.33 -14.15
CA CYS C 42 -23.44 -6.52 -15.34
C CYS C 42 -22.25 -6.48 -16.30
N LYS C 43 -22.42 -5.75 -17.39
CA LYS C 43 -21.37 -5.61 -18.41
C LYS C 43 -20.35 -4.55 -18.02
N LEU C 44 -19.08 -4.87 -18.21
CA LEU C 44 -17.98 -3.93 -17.95
C LEU C 44 -17.42 -3.41 -19.27
N LYS C 45 -17.32 -2.08 -19.38
CA LYS C 45 -16.90 -1.43 -20.61
C LYS C 45 -17.77 -1.86 -21.78
N GLY C 46 -19.06 -2.03 -21.51
CA GLY C 46 -20.03 -2.32 -22.56
C GLY C 46 -20.04 -3.76 -23.01
N ILE C 47 -19.27 -4.61 -22.33
CA ILE C 47 -19.13 -6.01 -22.73
C ILE C 47 -19.48 -6.96 -21.57
N ALA C 48 -20.22 -8.02 -21.90
CA ALA C 48 -20.62 -9.01 -20.91
C ALA C 48 -19.46 -9.92 -20.50
N PRO C 49 -19.52 -10.49 -19.28
CA PRO C 49 -18.49 -11.42 -18.81
C PRO C 49 -18.61 -12.81 -19.41
N LEU C 50 -17.52 -13.57 -19.35
CA LEU C 50 -17.51 -14.96 -19.76
C LEU C 50 -18.16 -15.83 -18.67
N GLN C 51 -19.18 -16.59 -19.06
CA GLN C 51 -19.86 -17.50 -18.14
C GLN C 51 -19.52 -18.94 -18.52
N LEU C 52 -18.95 -19.68 -17.58
CA LEU C 52 -18.46 -21.03 -17.86
C LEU C 52 -19.45 -22.12 -17.44
N GLY C 53 -20.58 -21.74 -16.86
CA GLY C 53 -21.61 -22.69 -16.48
C GLY C 53 -21.16 -23.73 -15.47
N LYS C 54 -21.35 -25.00 -15.81
CA LYS C 54 -21.04 -26.10 -14.90
C LYS C 54 -19.53 -26.37 -14.77
N CYS C 55 -18.74 -25.71 -15.61
CA CYS C 55 -17.32 -26.00 -15.70
C CYS C 55 -16.46 -24.80 -15.33
N ASN C 56 -15.23 -25.06 -14.94
CA ASN C 56 -14.26 -24.00 -14.68
C ASN C 56 -13.36 -23.77 -15.88
N ILE C 57 -12.43 -22.84 -15.75
CA ILE C 57 -11.56 -22.45 -16.86
C ILE C 57 -10.77 -23.65 -17.40
N ALA C 58 -10.34 -24.53 -16.50
CA ALA C 58 -9.59 -25.72 -16.92
C ALA C 58 -10.45 -26.61 -17.83
N GLY C 59 -11.67 -26.90 -17.39
CA GLY C 59 -12.57 -27.75 -18.15
C GLY C 59 -12.96 -27.15 -19.49
N TRP C 60 -13.24 -25.86 -19.49
CA TRP C 60 -13.59 -25.14 -20.71
C TRP C 60 -12.47 -25.19 -21.74
N LEU C 61 -11.26 -24.86 -21.31
CA LEU C 61 -10.11 -24.84 -22.20
C LEU C 61 -9.80 -26.22 -22.77
N LEU C 62 -9.70 -27.22 -21.89
CA LEU C 62 -9.37 -28.57 -22.32
C LEU C 62 -10.52 -29.25 -23.05
N GLY C 63 -11.73 -28.70 -22.92
CA GLY C 63 -12.89 -29.30 -23.55
C GLY C 63 -13.41 -30.51 -22.79
N ASN C 64 -13.57 -30.36 -21.48
CA ASN C 64 -14.21 -31.39 -20.67
C ASN C 64 -15.58 -31.75 -21.26
N PRO C 65 -15.87 -33.06 -21.39
CA PRO C 65 -17.11 -33.51 -22.03
C PRO C 65 -18.39 -32.90 -21.45
N GLU C 66 -18.34 -32.47 -20.19
CA GLU C 66 -19.52 -31.91 -19.53
C GLU C 66 -19.73 -30.42 -19.80
N CYS C 67 -18.79 -29.76 -20.48
CA CYS C 67 -18.88 -28.33 -20.70
C CYS C 67 -19.50 -27.93 -22.04
N ASP C 68 -19.75 -26.63 -22.17
CA ASP C 68 -20.33 -26.04 -23.38
C ASP C 68 -19.21 -25.30 -24.11
N LEU C 69 -18.90 -25.72 -25.34
CA LEU C 69 -17.87 -25.06 -26.15
C LEU C 69 -18.41 -24.50 -27.47
N LEU C 70 -17.62 -23.60 -28.07
CA LEU C 70 -17.94 -22.97 -29.36
C LEU C 70 -19.03 -21.90 -29.21
N LEU C 71 -19.61 -21.85 -28.02
CA LEU C 71 -20.56 -20.80 -27.65
C LEU C 71 -19.82 -19.69 -26.92
N THR C 72 -18.49 -19.75 -26.93
CA THR C 72 -17.70 -18.73 -26.26
C THR C 72 -17.79 -17.45 -27.06
N ALA C 73 -17.88 -16.34 -26.35
CA ALA C 73 -18.09 -15.05 -26.97
C ALA C 73 -16.80 -14.60 -27.65
N SER C 74 -16.91 -13.64 -28.56
CA SER C 74 -15.75 -13.15 -29.28
C SER C 74 -14.85 -12.40 -28.30
N SER C 75 -15.46 -11.82 -27.28
CA SER C 75 -14.72 -11.07 -26.27
C SER C 75 -15.46 -11.04 -24.95
N TRP C 76 -14.72 -10.80 -23.87
CA TRP C 76 -15.33 -10.58 -22.56
C TRP C 76 -14.45 -9.68 -21.71
N SER C 77 -15.08 -8.88 -20.85
CA SER C 77 -14.38 -7.95 -19.99
C SER C 77 -13.92 -8.56 -18.66
N TYR C 78 -14.50 -9.71 -18.31
CA TYR C 78 -14.05 -10.48 -17.15
C TYR C 78 -14.68 -11.86 -17.17
N ILE C 79 -14.30 -12.71 -16.20
CA ILE C 79 -14.78 -14.09 -16.14
C ILE C 79 -15.57 -14.34 -14.87
N VAL C 80 -16.71 -15.04 -15.02
CA VAL C 80 -17.55 -15.39 -13.90
C VAL C 80 -17.56 -16.91 -13.68
N GLU C 81 -17.10 -17.33 -12.51
CA GLU C 81 -17.25 -18.70 -12.06
C GLU C 81 -18.30 -18.73 -10.96
N THR C 82 -19.05 -19.83 -10.87
CA THR C 82 -20.07 -19.97 -9.84
C THR C 82 -19.66 -21.07 -8.87
N SER C 83 -20.48 -21.29 -7.85
CA SER C 83 -20.24 -22.39 -6.91
C SER C 83 -20.51 -23.72 -7.59
N ASN C 84 -21.19 -23.65 -8.73
CA ASN C 84 -21.55 -24.84 -9.49
C ASN C 84 -20.55 -25.22 -10.57
N SER C 85 -19.43 -24.50 -10.68
CA SER C 85 -18.43 -24.92 -11.65
C SER C 85 -17.49 -25.87 -10.93
N GLU C 86 -17.79 -27.15 -11.04
CA GLU C 86 -16.99 -28.20 -10.43
C GLU C 86 -16.20 -29.06 -11.40
N ASN C 87 -16.42 -28.90 -12.70
CA ASN C 87 -15.83 -29.82 -13.65
C ASN C 87 -14.62 -29.20 -14.33
N GLY C 88 -13.48 -29.67 -13.83
CA GLY C 88 -12.16 -29.27 -14.29
C GLY C 88 -11.59 -30.36 -15.14
N THR C 89 -10.29 -30.61 -14.97
CA THR C 89 -9.64 -31.71 -15.63
C THR C 89 -10.22 -33.00 -15.06
N CYS C 90 -10.84 -33.80 -15.92
CA CYS C 90 -11.48 -35.04 -15.48
C CYS C 90 -10.46 -36.15 -15.39
N TYR C 91 -9.36 -35.99 -16.11
CA TYR C 91 -8.23 -36.92 -16.00
C TYR C 91 -7.24 -36.33 -15.00
N PRO C 92 -6.99 -37.03 -13.88
CA PRO C 92 -6.20 -36.48 -12.77
C PRO C 92 -4.76 -36.08 -13.13
N GLY C 93 -4.33 -34.93 -12.62
CA GLY C 93 -2.96 -34.47 -12.83
C GLY C 93 -2.82 -32.98 -12.56
N ASP C 94 -1.63 -32.45 -12.81
CA ASP C 94 -1.34 -31.04 -12.55
C ASP C 94 -1.50 -30.19 -13.80
N PHE C 95 -2.21 -29.07 -13.65
CA PHE C 95 -2.28 -28.04 -14.68
C PHE C 95 -1.20 -27.01 -14.35
N ILE C 96 -0.17 -26.94 -15.19
CA ILE C 96 1.00 -26.10 -14.90
C ILE C 96 0.72 -24.64 -15.19
N ASP C 97 1.11 -23.78 -14.25
CA ASP C 97 0.87 -22.34 -14.35
C ASP C 97 -0.60 -22.06 -14.60
N TYR C 98 -1.46 -22.77 -13.88
CA TYR C 98 -2.90 -22.68 -14.10
C TYR C 98 -3.43 -21.31 -13.71
N GLU C 99 -2.98 -20.79 -12.57
CA GLU C 99 -3.41 -19.48 -12.09
C GLU C 99 -2.99 -18.36 -13.05
N GLU C 100 -1.77 -18.47 -13.57
CA GLU C 100 -1.26 -17.48 -14.53
C GLU C 100 -2.10 -17.45 -15.80
N LEU C 101 -2.37 -18.63 -16.34
CA LEU C 101 -3.16 -18.75 -17.56
C LEU C 101 -4.55 -18.13 -17.37
N ARG C 102 -5.13 -18.34 -16.19
CA ARG C 102 -6.44 -17.77 -15.86
C ARG C 102 -6.40 -16.25 -15.90
N GLU C 103 -5.38 -15.67 -15.27
CA GLU C 103 -5.21 -14.23 -15.22
C GLU C 103 -5.13 -13.63 -16.62
N GLN C 104 -4.40 -14.29 -17.52
CA GLN C 104 -4.15 -13.73 -18.84
C GLN C 104 -5.37 -13.89 -19.75
N LEU C 105 -6.28 -14.77 -19.38
CA LEU C 105 -7.51 -14.97 -20.13
C LEU C 105 -8.67 -14.17 -19.53
N SER C 106 -8.40 -13.40 -18.48
CA SER C 106 -9.45 -12.70 -17.74
C SER C 106 -10.25 -11.77 -18.66
N SER C 107 -9.56 -11.11 -19.59
CA SER C 107 -10.23 -10.29 -20.59
C SER C 107 -9.53 -10.44 -21.94
N VAL C 108 -10.30 -10.75 -22.98
CA VAL C 108 -9.76 -10.92 -24.32
C VAL C 108 -10.67 -10.35 -25.41
N SER C 109 -10.05 -9.78 -26.44
CA SER C 109 -10.77 -9.34 -27.63
C SER C 109 -10.48 -10.34 -28.75
N SER C 110 -11.42 -10.53 -29.68
CA SER C 110 -11.17 -11.39 -30.84
C SER C 110 -10.79 -12.79 -30.42
N PHE C 111 -11.75 -13.58 -29.96
CA PHE C 111 -11.49 -14.93 -29.45
C PHE C 111 -12.20 -15.97 -30.27
N GLU C 112 -11.41 -16.86 -30.87
CA GLU C 112 -11.92 -17.96 -31.67
C GLU C 112 -11.19 -19.26 -31.38
N LYS C 113 -11.96 -20.35 -31.34
CA LYS C 113 -11.39 -21.69 -31.28
C LYS C 113 -11.26 -22.24 -32.70
N PHE C 114 -10.15 -22.91 -32.98
CA PHE C 114 -9.94 -23.50 -34.30
C PHE C 114 -9.21 -24.83 -34.16
N GLU C 115 -9.22 -25.61 -35.24
CA GLU C 115 -8.60 -26.92 -35.24
C GLU C 115 -7.16 -26.76 -35.72
N ILE C 116 -6.22 -26.92 -34.80
CA ILE C 116 -4.81 -26.72 -35.10
C ILE C 116 -4.23 -27.97 -35.74
N PHE C 117 -4.59 -29.13 -35.21
CA PHE C 117 -4.17 -30.41 -35.78
C PHE C 117 -5.38 -31.32 -35.96
N PRO C 118 -6.03 -31.24 -37.14
CA PRO C 118 -7.25 -32.01 -37.41
C PRO C 118 -7.08 -33.51 -37.19
N LYS C 119 -8.04 -34.12 -36.49
CA LYS C 119 -7.96 -35.51 -36.09
C LYS C 119 -7.75 -36.45 -37.28
N THR C 120 -8.39 -36.14 -38.40
CA THR C 120 -8.38 -37.02 -39.56
C THR C 120 -7.03 -37.09 -40.26
N SER C 121 -6.48 -35.93 -40.63
CA SER C 121 -5.30 -35.88 -41.48
C SER C 121 -3.95 -35.70 -40.74
N SER C 122 -3.99 -35.50 -39.43
CA SER C 122 -2.77 -35.17 -38.69
C SER C 122 -1.91 -36.37 -38.31
N TRP C 123 -2.55 -37.46 -37.86
CA TRP C 123 -1.82 -38.58 -37.26
C TRP C 123 -2.12 -39.91 -37.97
N PRO C 124 -1.53 -40.10 -39.17
CA PRO C 124 -1.76 -41.32 -39.95
C PRO C 124 -1.15 -42.58 -39.33
N ASN C 125 -0.02 -42.43 -38.64
CA ASN C 125 0.72 -43.58 -38.12
C ASN C 125 0.41 -43.92 -36.66
N HIS C 126 -0.53 -43.19 -36.05
CA HIS C 126 -0.89 -43.43 -34.65
C HIS C 126 -2.41 -43.53 -34.43
N GLU C 127 -2.81 -44.21 -33.37
CA GLU C 127 -4.21 -44.42 -33.06
C GLU C 127 -4.78 -43.28 -32.20
N THR C 128 -5.81 -42.62 -32.74
CA THR C 128 -6.40 -41.43 -32.11
C THR C 128 -7.68 -41.70 -31.31
N THR C 129 -8.10 -42.95 -31.22
CA THR C 129 -9.44 -43.27 -30.71
C THR C 129 -9.52 -43.47 -29.20
N GLY C 130 -8.40 -43.28 -28.51
CA GLY C 130 -8.34 -43.52 -27.08
C GLY C 130 -9.33 -42.69 -26.27
N VAL C 131 -10.01 -43.36 -25.34
CA VAL C 131 -10.93 -42.69 -24.43
C VAL C 131 -10.74 -43.22 -23.01
N THR C 132 -11.51 -42.68 -22.06
CA THR C 132 -11.40 -43.08 -20.66
C THR C 132 -12.73 -42.93 -19.93
N ALA C 133 -12.95 -43.78 -18.94
CA ALA C 133 -14.15 -43.73 -18.13
C ALA C 133 -14.09 -42.53 -17.18
N ALA C 134 -12.88 -42.03 -16.94
CA ALA C 134 -12.70 -40.89 -16.04
C ALA C 134 -13.33 -39.65 -16.65
N CYS C 135 -13.22 -39.52 -17.98
CA CYS C 135 -13.90 -38.45 -18.67
C CYS C 135 -15.14 -39.06 -19.32
N SER C 136 -16.27 -38.92 -18.64
CA SER C 136 -17.53 -39.52 -19.09
C SER C 136 -18.44 -38.53 -19.81
N TYR C 137 -19.07 -38.98 -20.89
CA TYR C 137 -20.14 -38.21 -21.52
C TYR C 137 -21.35 -39.10 -21.75
N ALA C 138 -22.48 -38.71 -21.17
CA ALA C 138 -23.74 -39.44 -21.32
C ALA C 138 -23.58 -40.91 -20.91
N GLY C 139 -22.84 -41.14 -19.82
CA GLY C 139 -22.72 -42.47 -19.26
C GLY C 139 -21.75 -43.38 -20.00
N ALA C 140 -21.12 -42.86 -21.05
CA ALA C 140 -20.16 -43.64 -21.83
C ALA C 140 -18.77 -43.03 -21.74
N SER C 141 -17.74 -43.88 -21.80
CA SER C 141 -16.36 -43.43 -21.75
C SER C 141 -16.06 -42.50 -22.92
N SER C 142 -15.39 -41.39 -22.61
CA SER C 142 -15.08 -40.36 -23.61
C SER C 142 -13.74 -39.72 -23.32
N PHE C 143 -13.45 -38.62 -24.01
CA PHE C 143 -12.19 -37.90 -23.83
C PHE C 143 -12.40 -36.39 -24.02
N TYR C 144 -11.38 -35.61 -23.69
CA TYR C 144 -11.41 -34.17 -23.93
C TYR C 144 -11.71 -33.85 -25.39
N ARG C 145 -12.48 -32.80 -25.63
CA ARG C 145 -12.86 -32.41 -26.98
C ARG C 145 -11.74 -31.68 -27.70
N ASN C 146 -10.93 -30.95 -26.95
CA ASN C 146 -9.87 -30.12 -27.53
C ASN C 146 -8.51 -30.82 -27.56
N LEU C 147 -8.46 -32.03 -27.02
CA LEU C 147 -7.23 -32.83 -27.04
C LEU C 147 -7.48 -34.18 -27.71
N LEU C 148 -6.40 -34.82 -28.14
CA LEU C 148 -6.48 -36.12 -28.78
C LEU C 148 -5.46 -37.08 -28.17
N TRP C 149 -5.93 -38.27 -27.80
CA TRP C 149 -5.08 -39.25 -27.15
C TRP C 149 -4.45 -40.20 -28.19
N LEU C 150 -3.15 -40.08 -28.37
CA LEU C 150 -2.42 -40.87 -29.35
C LEU C 150 -1.84 -42.12 -28.71
N THR C 151 -2.23 -43.29 -29.22
CA THR C 151 -1.73 -44.56 -28.73
C THR C 151 -1.13 -45.35 -29.90
N LYS C 152 -0.44 -46.45 -29.59
CA LYS C 152 0.26 -47.21 -30.62
C LYS C 152 -0.67 -47.86 -31.64
N LYS C 153 -0.19 -47.90 -32.88
CA LYS C 153 -0.85 -48.62 -33.96
C LYS C 153 -0.13 -49.92 -34.29
N GLY C 154 -0.81 -51.04 -34.09
CA GLY C 154 -0.28 -52.34 -34.46
C GLY C 154 1.12 -52.60 -33.95
N SER C 155 1.30 -52.48 -32.65
CA SER C 155 2.59 -52.78 -32.02
C SER C 155 3.72 -51.85 -32.48
N SER C 156 3.39 -50.65 -32.93
CA SER C 156 4.45 -49.68 -33.18
C SER C 156 4.00 -48.23 -32.91
N TYR C 157 4.91 -47.45 -32.33
CA TYR C 157 4.67 -46.02 -32.11
C TYR C 157 5.88 -45.27 -32.69
N PRO C 158 5.85 -45.00 -34.00
CA PRO C 158 7.00 -44.32 -34.64
C PRO C 158 7.17 -42.89 -34.17
N LYS C 159 8.40 -42.38 -34.21
CA LYS C 159 8.68 -41.00 -33.83
C LYS C 159 7.83 -40.09 -34.69
N LEU C 160 7.06 -39.21 -34.03
CA LEU C 160 6.16 -38.29 -34.73
C LEU C 160 6.72 -36.89 -34.68
N SER C 161 6.53 -36.13 -35.76
CA SER C 161 6.91 -34.74 -35.82
C SER C 161 5.80 -33.93 -36.46
N LYS C 162 5.27 -32.95 -35.72
CA LYS C 162 4.17 -32.12 -36.19
C LYS C 162 4.40 -30.67 -35.80
N SER C 163 4.24 -29.76 -36.76
CA SER C 163 4.48 -28.34 -36.54
C SER C 163 3.30 -27.49 -36.99
N TYR C 164 3.08 -26.38 -36.31
CA TYR C 164 2.07 -25.41 -36.71
C TYR C 164 2.67 -24.01 -36.77
N VAL C 165 2.53 -23.36 -37.91
CA VAL C 165 2.98 -21.99 -38.10
C VAL C 165 1.78 -21.08 -37.90
N ASN C 166 1.97 -20.00 -37.12
CA ASN C 166 0.84 -19.14 -36.81
C ASN C 166 0.73 -17.98 -37.81
N ASN C 167 -0.27 -18.09 -38.68
CA ASN C 167 -0.57 -17.07 -39.67
C ASN C 167 -1.76 -16.21 -39.27
N LYS C 168 -2.32 -16.49 -38.10
CA LYS C 168 -3.59 -15.90 -37.70
C LYS C 168 -3.46 -14.41 -37.35
N GLY C 169 -2.23 -13.90 -37.32
CA GLY C 169 -2.01 -12.49 -37.04
C GLY C 169 -2.31 -12.07 -35.62
N LYS C 170 -2.41 -13.05 -34.71
CA LYS C 170 -2.61 -12.78 -33.30
C LYS C 170 -2.08 -13.96 -32.48
N GLU C 171 -2.11 -13.84 -31.16
CA GLU C 171 -1.56 -14.87 -30.30
C GLU C 171 -2.40 -16.15 -30.35
N VAL C 172 -1.73 -17.28 -30.51
CA VAL C 172 -2.38 -18.58 -30.47
C VAL C 172 -2.03 -19.30 -29.18
N LEU C 173 -3.05 -19.66 -28.40
CA LEU C 173 -2.88 -20.41 -27.17
C LEU C 173 -2.94 -21.90 -27.46
N VAL C 174 -1.84 -22.61 -27.22
CA VAL C 174 -1.75 -24.03 -27.48
C VAL C 174 -1.69 -24.81 -26.18
N LEU C 175 -2.68 -25.69 -25.97
CA LEU C 175 -2.70 -26.55 -24.80
C LEU C 175 -2.41 -27.98 -25.22
N TRP C 176 -1.67 -28.71 -24.39
CA TRP C 176 -1.40 -30.13 -24.63
C TRP C 176 -1.21 -30.84 -23.30
N GLY C 177 -0.93 -32.14 -23.35
CA GLY C 177 -0.75 -32.91 -22.13
C GLY C 177 0.22 -34.06 -22.28
N VAL C 178 0.70 -34.55 -21.15
CA VAL C 178 1.61 -35.69 -21.10
C VAL C 178 1.06 -36.72 -20.12
N HIS C 179 0.95 -37.96 -20.58
CA HIS C 179 0.32 -39.02 -19.79
C HIS C 179 1.39 -39.83 -19.07
N HIS C 180 1.19 -40.05 -17.76
CA HIS C 180 2.16 -40.81 -16.95
C HIS C 180 1.50 -42.09 -16.40
N PRO C 181 1.83 -43.25 -16.99
CA PRO C 181 1.27 -44.52 -16.52
C PRO C 181 1.74 -44.91 -15.12
N PRO C 182 0.91 -45.67 -14.38
CA PRO C 182 1.24 -46.12 -13.02
C PRO C 182 2.37 -47.16 -13.02
N THR C 183 2.44 -47.95 -14.07
CA THR C 183 3.44 -49.01 -14.17
C THR C 183 4.19 -48.93 -15.49
N GLY C 184 5.39 -49.51 -15.52
CA GLY C 184 6.18 -49.55 -16.74
C GLY C 184 5.58 -50.51 -17.75
N THR C 185 4.78 -51.45 -17.27
CA THR C 185 4.13 -52.43 -18.12
C THR C 185 3.06 -51.77 -18.98
N GLU C 186 2.29 -50.86 -18.38
CA GLU C 186 1.24 -50.15 -19.08
C GLU C 186 1.84 -49.19 -20.11
N GLN C 187 2.98 -48.61 -19.76
CA GLN C 187 3.72 -47.73 -20.66
C GLN C 187 4.01 -48.46 -21.96
N GLN C 188 4.50 -49.69 -21.82
CA GLN C 188 4.83 -50.52 -22.98
C GLN C 188 3.57 -51.07 -23.66
N SER C 189 2.48 -51.20 -22.90
CA SER C 189 1.21 -51.66 -23.46
C SER C 189 0.58 -50.66 -24.42
N LEU C 190 0.66 -49.38 -24.07
CA LEU C 190 0.05 -48.30 -24.85
C LEU C 190 1.00 -47.69 -25.86
N TYR C 191 2.13 -47.19 -25.36
CA TYR C 191 3.08 -46.43 -26.16
C TYR C 191 4.23 -47.28 -26.70
N GLN C 192 4.27 -48.56 -26.32
CA GLN C 192 5.19 -49.53 -26.91
C GLN C 192 6.66 -49.35 -26.59
N ASN C 193 7.05 -48.15 -26.17
CA ASN C 193 8.46 -47.83 -25.95
C ASN C 193 8.74 -47.56 -24.48
N ALA C 194 9.72 -48.25 -23.91
CA ALA C 194 10.05 -48.03 -22.51
C ALA C 194 10.78 -46.69 -22.37
N ASP C 195 11.61 -46.37 -23.36
CA ASP C 195 12.28 -45.08 -23.40
C ASP C 195 11.44 -44.17 -24.29
N ALA C 196 10.81 -43.17 -23.68
CA ALA C 196 9.86 -42.34 -24.40
C ALA C 196 9.98 -40.89 -23.96
N TYR C 197 9.58 -39.98 -24.83
CA TYR C 197 9.65 -38.56 -24.53
C TYR C 197 8.62 -37.77 -25.31
N VAL C 198 8.32 -36.57 -24.81
CA VAL C 198 7.54 -35.58 -25.53
C VAL C 198 8.41 -34.33 -25.53
N SER C 199 8.60 -33.75 -26.70
CA SER C 199 9.38 -32.52 -26.81
C SER C 199 8.57 -31.46 -27.54
N VAL C 200 8.48 -30.29 -26.93
CA VAL C 200 7.75 -29.16 -27.47
C VAL C 200 8.66 -27.96 -27.51
N GLY C 201 8.70 -27.26 -28.64
CA GLY C 201 9.55 -26.09 -28.75
C GLY C 201 9.05 -25.07 -29.75
N SER C 202 9.45 -23.83 -29.51
CA SER C 202 9.15 -22.70 -30.39
C SER C 202 10.30 -21.72 -30.24
N SER C 203 10.13 -20.51 -30.76
CA SER C 203 11.16 -19.50 -30.61
C SER C 203 11.37 -19.13 -29.15
N LYS C 204 10.28 -18.84 -28.46
CA LYS C 204 10.33 -18.37 -27.07
C LYS C 204 10.03 -19.47 -26.05
N TYR C 205 9.81 -20.69 -26.50
CA TYR C 205 9.46 -21.79 -25.60
C TYR C 205 10.27 -23.03 -25.92
N ASN C 206 10.85 -23.61 -24.88
CA ASN C 206 11.54 -24.89 -24.98
C ASN C 206 11.36 -25.69 -23.71
N ARG C 207 11.09 -26.97 -23.86
CA ARG C 207 10.94 -27.87 -22.74
C ARG C 207 10.87 -29.30 -23.22
N ARG C 208 11.13 -30.23 -22.31
CA ARG C 208 11.08 -31.64 -22.61
C ARG C 208 10.33 -32.35 -21.49
N PHE C 209 9.59 -33.39 -21.86
CA PHE C 209 8.79 -34.13 -20.90
C PHE C 209 9.11 -35.61 -21.03
N THR C 210 9.30 -36.26 -19.89
CA THR C 210 9.53 -37.70 -19.85
C THR C 210 8.51 -38.39 -18.95
N PRO C 211 8.11 -39.62 -19.32
CA PRO C 211 7.12 -40.43 -18.60
C PRO C 211 7.63 -40.92 -17.26
N GLU C 212 7.30 -40.19 -16.19
CA GLU C 212 7.70 -40.61 -14.85
C GLU C 212 6.69 -41.64 -14.35
N ILE C 213 7.18 -42.87 -14.17
CA ILE C 213 6.37 -44.01 -13.81
C ILE C 213 6.53 -44.36 -12.34
N ALA C 214 5.41 -44.39 -11.61
CA ALA C 214 5.44 -44.71 -10.20
C ALA C 214 4.07 -45.12 -9.71
N ALA C 215 4.03 -45.84 -8.60
CA ALA C 215 2.77 -46.23 -7.99
C ALA C 215 2.19 -45.07 -7.21
N ARG C 216 0.92 -44.77 -7.48
CA ARG C 216 0.24 -43.67 -6.81
C ARG C 216 -1.22 -44.05 -6.53
N PRO C 217 -1.85 -43.37 -5.56
CA PRO C 217 -3.26 -43.63 -5.24
C PRO C 217 -4.21 -43.38 -6.39
N LYS C 218 -5.29 -44.13 -6.44
CA LYS C 218 -6.28 -43.98 -7.50
C LYS C 218 -7.07 -42.69 -7.29
N VAL C 219 -7.06 -41.83 -8.32
CA VAL C 219 -7.92 -40.66 -8.35
C VAL C 219 -8.90 -40.82 -9.50
N ARG C 220 -10.19 -40.77 -9.18
CA ARG C 220 -11.25 -41.05 -10.15
C ARG C 220 -11.00 -42.41 -10.83
N GLY C 221 -10.53 -43.36 -10.04
CA GLY C 221 -10.33 -44.73 -10.51
C GLY C 221 -9.00 -44.96 -11.21
N LEU C 222 -8.24 -43.89 -11.43
CA LEU C 222 -6.99 -43.99 -12.20
C LEU C 222 -5.75 -43.78 -11.34
N ALA C 223 -4.82 -44.73 -11.46
CA ALA C 223 -3.48 -44.59 -10.88
C ALA C 223 -2.58 -43.82 -11.84
N SER C 224 -3.02 -43.68 -13.08
CA SER C 224 -2.32 -42.88 -14.06
C SER C 224 -2.53 -41.39 -13.77
N ARG C 225 -1.66 -40.54 -14.34
CA ARG C 225 -1.82 -39.09 -14.24
C ARG C 225 -1.69 -38.42 -15.61
N MET C 226 -2.30 -37.24 -15.74
CA MET C 226 -2.15 -36.43 -16.95
C MET C 226 -1.85 -34.98 -16.60
N ASN C 227 -0.66 -34.52 -16.96
CA ASN C 227 -0.27 -33.15 -16.71
C ASN C 227 -0.58 -32.32 -17.95
N TYR C 228 -0.99 -31.08 -17.73
CA TYR C 228 -1.39 -30.21 -18.83
C TYR C 228 -0.47 -29.01 -18.93
N TYR C 229 0.02 -28.75 -20.13
CA TYR C 229 0.99 -27.68 -20.37
C TYR C 229 0.47 -26.76 -21.46
N TRP C 230 0.87 -25.50 -21.42
CA TRP C 230 0.40 -24.53 -22.39
C TRP C 230 1.46 -23.48 -22.70
N THR C 231 1.30 -22.82 -23.85
CA THR C 231 2.14 -21.70 -24.21
C THR C 231 1.39 -20.75 -25.14
N LEU C 232 1.69 -19.46 -25.06
CA LEU C 232 1.11 -18.48 -25.97
C LEU C 232 2.07 -18.25 -27.14
N LEU C 233 1.67 -18.70 -28.32
CA LEU C 233 2.52 -18.66 -29.50
C LEU C 233 2.37 -17.32 -30.21
N GLU C 234 3.49 -16.62 -30.40
CA GLU C 234 3.47 -15.31 -31.04
C GLU C 234 3.16 -15.43 -32.53
N PRO C 235 2.59 -14.37 -33.12
CA PRO C 235 2.33 -14.34 -34.57
C PRO C 235 3.58 -14.57 -35.42
N GLY C 236 3.49 -15.48 -36.39
CA GLY C 236 4.59 -15.78 -37.28
C GLY C 236 5.46 -16.91 -36.76
N ASP C 237 5.38 -17.17 -35.46
CA ASP C 237 6.20 -18.20 -34.83
C ASP C 237 5.67 -19.60 -35.11
N THR C 238 6.56 -20.58 -35.02
CA THR C 238 6.21 -21.98 -35.22
C THR C 238 6.34 -22.73 -33.90
N ILE C 239 5.47 -23.71 -33.68
CA ILE C 239 5.60 -24.61 -32.54
C ILE C 239 5.68 -26.03 -33.07
N THR C 240 6.58 -26.83 -32.50
CA THR C 240 6.84 -28.17 -33.01
C THR C 240 6.73 -29.22 -31.92
N PHE C 241 5.88 -30.21 -32.16
CA PHE C 241 5.70 -31.34 -31.26
C PHE C 241 6.45 -32.54 -31.81
N GLU C 242 7.32 -33.13 -30.99
CA GLU C 242 7.92 -34.41 -31.30
C GLU C 242 7.75 -35.35 -30.13
N ALA C 243 7.31 -36.57 -30.41
CA ALA C 243 7.07 -37.54 -29.36
C ALA C 243 7.28 -38.98 -29.83
N THR C 244 7.81 -39.80 -28.92
CA THR C 244 7.90 -41.24 -29.12
C THR C 244 6.81 -41.94 -28.34
N GLY C 245 5.97 -41.15 -27.69
CA GLY C 245 4.87 -41.67 -26.90
C GLY C 245 4.50 -40.68 -25.83
N ASN C 246 3.43 -40.99 -25.10
CA ASN C 246 3.04 -40.26 -23.91
C ASN C 246 2.51 -38.86 -24.17
N LEU C 247 2.37 -38.51 -25.44
CA LEU C 247 1.85 -37.21 -25.81
C LEU C 247 0.33 -37.27 -25.94
N ILE C 248 -0.34 -36.31 -25.30
CA ILE C 248 -1.76 -36.07 -25.53
C ILE C 248 -1.79 -34.86 -26.45
N ALA C 249 -2.13 -35.09 -27.71
CA ALA C 249 -1.86 -34.12 -28.75
C ALA C 249 -2.88 -32.99 -28.76
N PRO C 250 -2.45 -31.78 -29.16
CA PRO C 250 -3.43 -30.70 -29.36
C PRO C 250 -4.36 -31.04 -30.50
N TRP C 251 -5.66 -30.87 -30.28
CA TRP C 251 -6.65 -31.06 -31.33
C TRP C 251 -7.19 -29.69 -31.73
N TYR C 252 -7.83 -29.02 -30.78
CA TYR C 252 -8.28 -27.65 -30.97
C TYR C 252 -7.45 -26.69 -30.15
N ALA C 253 -7.26 -25.48 -30.67
CA ALA C 253 -6.55 -24.42 -29.97
C ALA C 253 -7.35 -23.12 -30.02
N PHE C 254 -6.83 -22.07 -29.40
CA PHE C 254 -7.53 -20.79 -29.34
C PHE C 254 -6.64 -19.64 -29.83
N ALA C 255 -7.19 -18.82 -30.72
CA ALA C 255 -6.52 -17.61 -31.19
C ALA C 255 -7.16 -16.38 -30.54
N LEU C 256 -6.34 -15.47 -30.02
CA LEU C 256 -6.87 -14.34 -29.25
C LEU C 256 -5.97 -13.12 -29.19
N ASN C 257 -6.58 -11.99 -28.84
CA ASN C 257 -5.86 -10.79 -28.47
C ASN C 257 -6.17 -10.49 -27.01
N ARG C 258 -5.17 -10.66 -26.15
CA ARG C 258 -5.36 -10.49 -24.71
C ARG C 258 -5.57 -9.03 -24.32
N GLY C 259 -6.51 -8.81 -23.41
CA GLY C 259 -6.66 -7.51 -22.78
C GLY C 259 -5.74 -7.40 -21.59
N SER C 260 -6.05 -6.49 -20.66
CA SER C 260 -5.24 -6.32 -19.47
C SER C 260 -6.01 -5.72 -18.31
N GLY C 261 -5.47 -5.89 -17.10
CA GLY C 261 -5.99 -5.26 -15.91
C GLY C 261 -7.41 -5.66 -15.55
N SER C 262 -7.80 -6.88 -15.90
CA SER C 262 -9.09 -7.43 -15.49
C SER C 262 -8.86 -8.61 -14.57
N GLY C 263 -9.95 -9.28 -14.18
CA GLY C 263 -9.85 -10.38 -13.23
C GLY C 263 -11.01 -11.35 -13.29
N ILE C 264 -11.03 -12.27 -12.34
CA ILE C 264 -12.07 -13.29 -12.25
C ILE C 264 -12.93 -13.05 -11.02
N ILE C 265 -14.24 -13.16 -11.19
CA ILE C 265 -15.19 -13.03 -10.09
C ILE C 265 -15.92 -14.35 -9.86
N THR C 266 -15.97 -14.77 -8.60
CA THR C 266 -16.76 -15.95 -8.24
C THR C 266 -18.05 -15.52 -7.57
N SER C 267 -19.17 -15.70 -8.27
CA SER C 267 -20.47 -15.26 -7.77
C SER C 267 -21.62 -16.11 -8.34
N ASP C 268 -22.65 -16.33 -7.53
CA ASP C 268 -23.85 -17.03 -7.97
C ASP C 268 -24.92 -16.06 -8.43
N ALA C 269 -24.61 -14.76 -8.41
CA ALA C 269 -25.53 -13.72 -8.85
C ALA C 269 -25.83 -13.84 -10.35
N PRO C 270 -27.08 -13.56 -10.75
CA PRO C 270 -27.48 -13.67 -12.15
C PRO C 270 -26.85 -12.60 -13.06
N VAL C 271 -26.41 -13.00 -14.24
CA VAL C 271 -25.86 -12.07 -15.23
C VAL C 271 -26.98 -11.49 -16.11
N HIS C 272 -27.02 -10.16 -16.21
CA HIS C 272 -28.05 -9.47 -16.99
C HIS C 272 -27.42 -8.49 -17.98
N ASP C 273 -28.27 -7.75 -18.70
CA ASP C 273 -27.83 -6.89 -19.80
C ASP C 273 -27.49 -5.47 -19.36
N CYS C 274 -27.49 -5.23 -18.05
CA CYS C 274 -27.22 -3.90 -17.51
C CYS C 274 -25.75 -3.50 -17.66
N ASN C 275 -25.47 -2.22 -17.44
CA ASN C 275 -24.11 -1.70 -17.53
C ASN C 275 -23.69 -1.06 -16.21
N THR C 276 -22.39 -1.16 -15.91
CA THR C 276 -21.83 -0.54 -14.72
C THR C 276 -20.35 -0.29 -14.93
N LYS C 277 -19.79 0.66 -14.20
CA LYS C 277 -18.34 0.87 -14.21
C LYS C 277 -17.65 0.13 -13.07
N CYS C 278 -18.45 -0.42 -12.13
CA CYS C 278 -17.90 -1.17 -11.00
C CYS C 278 -18.75 -2.40 -10.69
N GLN C 279 -18.09 -3.56 -10.67
CA GLN C 279 -18.76 -4.84 -10.39
C GLN C 279 -18.21 -5.47 -9.12
N THR C 280 -19.12 -5.90 -8.24
CA THR C 280 -18.75 -6.62 -7.03
C THR C 280 -19.40 -8.00 -7.05
N PRO C 281 -18.87 -8.96 -6.28
CA PRO C 281 -19.47 -10.30 -6.29
C PRO C 281 -20.91 -10.31 -5.79
N HIS C 282 -21.28 -9.32 -4.99
CA HIS C 282 -22.64 -9.20 -4.51
C HIS C 282 -23.56 -8.57 -5.58
N GLY C 283 -22.99 -7.67 -6.38
CA GLY C 283 -23.75 -6.98 -7.41
C GLY C 283 -23.07 -5.68 -7.84
N ALA C 284 -23.63 -5.04 -8.85
CA ALA C 284 -23.08 -3.77 -9.35
C ALA C 284 -23.44 -2.61 -8.42
N ILE C 285 -22.59 -1.58 -8.41
CA ILE C 285 -22.79 -0.41 -7.55
C ILE C 285 -22.55 0.89 -8.33
N ASN C 286 -23.03 2.02 -7.80
CA ASN C 286 -22.78 3.31 -8.43
C ASN C 286 -21.36 3.74 -8.08
N SER C 287 -20.59 4.13 -9.09
CA SER C 287 -19.21 4.52 -8.90
C SER C 287 -19.07 6.03 -8.69
N SER C 288 -20.21 6.72 -8.63
CA SER C 288 -20.21 8.17 -8.50
C SER C 288 -19.71 8.65 -7.14
N LEU C 289 -19.95 7.87 -6.09
CA LEU C 289 -19.51 8.24 -4.75
C LEU C 289 -18.08 7.76 -4.49
N PRO C 290 -17.36 8.46 -3.60
CA PRO C 290 -15.96 8.13 -3.29
C PRO C 290 -15.77 6.84 -2.47
N PHE C 291 -16.78 6.42 -1.70
CA PHE C 291 -16.62 5.28 -0.81
C PHE C 291 -17.79 4.29 -0.92
N GLN C 292 -17.49 3.01 -0.68
CA GLN C 292 -18.50 1.96 -0.66
C GLN C 292 -18.13 0.89 0.36
N ASN C 293 -19.12 0.37 1.10
CA ASN C 293 -18.90 -0.70 2.07
C ASN C 293 -19.34 -2.09 1.59
N ILE C 294 -19.72 -2.21 0.31
CA ILE C 294 -20.24 -3.48 -0.20
C ILE C 294 -19.24 -4.62 -0.17
N HIS C 295 -18.04 -4.38 -0.67
CA HIS C 295 -17.08 -5.46 -0.78
C HIS C 295 -15.70 -4.93 -1.15
N PRO C 296 -14.64 -5.47 -0.53
CA PRO C 296 -13.26 -5.04 -0.81
C PRO C 296 -12.73 -5.48 -2.17
N VAL C 297 -13.23 -6.61 -2.67
CA VAL C 297 -12.77 -7.17 -3.94
C VAL C 297 -13.74 -6.82 -5.06
N THR C 298 -13.29 -5.95 -5.95
CA THR C 298 -14.11 -5.49 -7.07
C THR C 298 -13.33 -5.49 -8.37
N ILE C 299 -14.05 -5.33 -9.48
CA ILE C 299 -13.43 -5.13 -10.79
C ILE C 299 -14.09 -3.94 -11.47
N GLY C 300 -13.32 -2.90 -11.71
CA GLY C 300 -13.81 -1.72 -12.42
C GLY C 300 -13.19 -0.44 -11.92
N GLU C 301 -13.82 0.68 -12.25
CA GLU C 301 -13.49 1.95 -11.63
C GLU C 301 -14.45 2.09 -10.46
N CYS C 302 -13.93 1.94 -9.25
CA CYS C 302 -14.78 1.72 -8.08
C CYS C 302 -14.49 2.67 -6.92
N PRO C 303 -15.51 2.95 -6.09
CA PRO C 303 -15.26 3.69 -4.85
C PRO C 303 -14.36 2.90 -3.91
N LYS C 304 -13.61 3.62 -3.07
CA LYS C 304 -12.70 2.97 -2.14
C LYS C 304 -13.50 2.21 -1.08
N TYR C 305 -13.09 0.98 -0.79
CA TYR C 305 -13.81 0.17 0.19
C TYR C 305 -13.49 0.62 1.61
N VAL C 306 -14.53 0.84 2.40
CA VAL C 306 -14.38 1.27 3.80
C VAL C 306 -15.27 0.45 4.73
N ARG C 307 -14.92 0.44 6.01
CA ARG C 307 -15.68 -0.30 7.02
C ARG C 307 -16.86 0.51 7.53
N SER C 308 -16.95 1.77 7.10
CA SER C 308 -17.96 2.68 7.59
C SER C 308 -19.37 2.20 7.30
N THR C 309 -20.21 2.19 8.34
CA THR C 309 -21.63 1.94 8.16
C THR C 309 -22.33 3.22 7.74
N LYS C 310 -21.81 4.35 8.22
CA LYS C 310 -22.37 5.66 7.90
C LYS C 310 -21.31 6.71 7.62
N LEU C 311 -21.36 7.30 6.44
CA LEU C 311 -20.65 8.54 6.15
C LEU C 311 -21.65 9.56 5.60
N ARG C 312 -21.93 10.58 6.39
CA ARG C 312 -22.94 11.57 6.01
C ARG C 312 -22.42 12.98 6.26
N MET C 313 -22.49 13.79 5.22
CA MET C 313 -21.87 15.12 5.22
C MET C 313 -22.88 16.23 5.37
N ALA C 314 -22.72 17.03 6.41
CA ALA C 314 -23.60 18.18 6.63
C ALA C 314 -23.42 19.24 5.54
N THR C 315 -24.56 19.67 5.00
CA THR C 315 -24.65 20.74 4.02
C THR C 315 -25.31 21.93 4.68
N GLY C 316 -26.44 21.64 5.31
CA GLY C 316 -27.23 22.67 5.94
C GLY C 316 -26.67 22.95 7.31
N LEU C 317 -27.50 23.57 8.13
CA LEU C 317 -27.15 23.98 9.48
C LEU C 317 -27.99 23.25 10.49
N ARG C 318 -27.67 23.46 11.76
CA ARG C 318 -28.36 22.84 12.87
C ARG C 318 -29.83 23.20 12.78
N ASN C 319 -30.69 22.19 12.85
CA ASN C 319 -32.12 22.43 12.77
C ASN C 319 -32.69 22.62 14.17
N ILE C 320 -33.31 23.77 14.35
CA ILE C 320 -33.88 24.19 15.63
C ILE C 320 -35.29 24.73 15.42
N PRO C 321 -36.29 23.84 15.37
CA PRO C 321 -37.68 24.26 15.20
C PRO C 321 -38.36 24.53 16.54
N GLY D 1 -22.05 27.30 19.82
CA GLY D 1 -21.50 27.65 18.49
C GLY D 1 -20.16 28.35 18.58
N LEU D 2 -19.33 28.17 17.56
CA LEU D 2 -18.00 28.77 17.55
C LEU D 2 -18.08 30.29 17.47
N PHE D 3 -19.00 30.80 16.66
CA PHE D 3 -19.19 32.24 16.49
C PHE D 3 -20.33 32.81 17.35
N GLY D 4 -20.99 31.93 18.11
CA GLY D 4 -21.92 32.38 19.13
C GLY D 4 -23.26 33.00 18.73
N ALA D 5 -23.69 32.80 17.49
CA ALA D 5 -25.00 33.30 17.02
C ALA D 5 -26.01 32.15 16.99
N ILE D 6 -25.77 31.16 16.14
CA ILE D 6 -26.64 29.98 16.05
C ILE D 6 -26.51 29.14 17.29
N ALA D 7 -27.66 28.87 17.92
CA ALA D 7 -27.71 28.25 19.22
C ALA D 7 -26.95 29.15 20.20
N GLY D 8 -26.78 30.40 19.79
CA GLY D 8 -26.11 31.45 20.53
C GLY D 8 -27.14 32.41 21.07
N PHE D 9 -26.78 33.68 21.11
CA PHE D 9 -27.71 34.72 21.50
C PHE D 9 -28.97 34.69 20.60
N ILE D 10 -28.84 34.18 19.37
CA ILE D 10 -30.01 33.86 18.56
C ILE D 10 -30.36 32.40 18.82
N GLU D 11 -31.47 32.17 19.50
CA GLU D 11 -31.74 30.89 20.12
C GLU D 11 -32.24 29.80 19.17
N GLY D 12 -32.95 30.18 18.12
CA GLY D 12 -33.58 29.21 17.24
C GLY D 12 -33.79 29.67 15.81
N GLY D 13 -34.24 28.72 14.98
CA GLY D 13 -34.47 28.97 13.57
C GLY D 13 -35.94 29.21 13.27
N TRP D 14 -36.19 29.71 12.06
CA TRP D 14 -37.54 30.06 11.63
C TRP D 14 -38.06 29.05 10.60
N THR D 15 -39.06 28.26 11.00
CA THR D 15 -39.69 27.32 10.09
C THR D 15 -40.48 28.06 9.01
N GLY D 16 -40.83 29.31 9.30
CA GLY D 16 -41.65 30.09 8.40
C GLY D 16 -40.92 30.62 7.18
N MET D 17 -39.59 30.54 7.20
CA MET D 17 -38.76 30.99 6.07
C MET D 17 -38.17 29.84 5.27
N ILE D 18 -38.75 29.60 4.09
CA ILE D 18 -38.30 28.51 3.22
C ILE D 18 -37.42 28.95 2.05
N ASP D 19 -37.27 30.25 1.82
CA ASP D 19 -36.61 30.72 0.60
C ASP D 19 -35.11 30.91 0.77
N GLY D 20 -34.59 30.61 1.96
CA GLY D 20 -33.16 30.70 2.19
C GLY D 20 -32.69 30.18 3.53
N TRP D 21 -31.37 30.07 3.67
CA TRP D 21 -30.73 29.59 4.89
C TRP D 21 -30.77 30.65 5.98
N TYR D 22 -30.46 31.88 5.60
CA TYR D 22 -30.46 33.02 6.51
C TYR D 22 -31.45 34.04 5.97
N GLY D 23 -32.05 34.81 6.86
CA GLY D 23 -32.97 35.83 6.44
C GLY D 23 -33.39 36.77 7.53
N TYR D 24 -34.44 37.54 7.23
CA TYR D 24 -34.96 38.54 8.13
C TYR D 24 -36.43 38.29 8.43
N HIS D 25 -36.85 38.71 9.62
CA HIS D 25 -38.27 38.79 9.95
C HIS D 25 -38.64 40.25 10.19
N HIS D 26 -39.40 40.81 9.26
CA HIS D 26 -39.80 42.22 9.36
C HIS D 26 -41.18 42.35 9.97
N GLN D 27 -41.34 43.35 10.84
CA GLN D 27 -42.65 43.70 11.38
C GLN D 27 -42.80 45.21 11.46
N ASN D 28 -43.87 45.73 10.86
CA ASN D 28 -44.14 47.16 10.89
C ASN D 28 -45.63 47.45 10.81
N GLU D 29 -45.98 48.73 10.67
CA GLU D 29 -47.37 49.16 10.59
C GLU D 29 -48.10 48.44 9.44
N GLN D 30 -47.40 48.26 8.33
CA GLN D 30 -47.98 47.70 7.11
C GLN D 30 -48.17 46.18 7.18
N GLY D 31 -47.38 45.50 8.02
CA GLY D 31 -47.50 44.05 8.13
C GLY D 31 -46.28 43.36 8.73
N SER D 32 -46.26 42.04 8.61
CA SER D 32 -45.14 41.23 9.12
C SER D 32 -44.87 40.10 8.15
N GLY D 33 -43.63 39.62 8.09
CA GLY D 33 -43.30 38.51 7.22
C GLY D 33 -41.84 38.10 7.26
N TYR D 34 -41.51 37.05 6.49
CA TYR D 34 -40.15 36.52 6.43
C TYR D 34 -39.55 36.79 5.06
N ALA D 35 -38.27 37.12 5.05
CA ALA D 35 -37.54 37.37 3.81
C ALA D 35 -36.09 36.87 3.93
N ALA D 36 -35.64 36.13 2.93
CA ALA D 36 -34.30 35.58 2.94
C ALA D 36 -33.29 36.51 2.28
N ASP D 37 -32.10 36.60 2.86
CA ASP D 37 -31.01 37.37 2.28
C ASP D 37 -30.37 36.56 1.18
N GLN D 38 -30.40 37.10 -0.04
CA GLN D 38 -29.97 36.35 -1.21
C GLN D 38 -28.46 36.34 -1.39
N LYS D 39 -27.78 37.38 -0.90
CA LYS D 39 -26.34 37.46 -1.09
C LYS D 39 -25.63 36.41 -0.24
N SER D 40 -25.98 36.39 1.04
CA SER D 40 -25.35 35.48 2.00
C SER D 40 -25.76 34.02 1.79
N THR D 41 -26.99 33.83 1.35
CA THR D 41 -27.51 32.48 1.11
C THR D 41 -26.85 31.86 -0.12
N GLN D 42 -26.76 32.63 -1.20
CA GLN D 42 -26.18 32.13 -2.44
C GLN D 42 -24.69 31.85 -2.29
N ASN D 43 -23.99 32.72 -1.56
CA ASN D 43 -22.56 32.51 -1.31
C ASN D 43 -22.31 31.25 -0.49
N ALA D 44 -23.15 31.03 0.52
CA ALA D 44 -23.02 29.84 1.35
C ALA D 44 -23.28 28.59 0.52
N ILE D 45 -24.31 28.63 -0.32
CA ILE D 45 -24.64 27.52 -1.20
C ILE D 45 -23.47 27.23 -2.13
N ASP D 46 -22.94 28.27 -2.77
CA ASP D 46 -21.79 28.12 -3.67
C ASP D 46 -20.61 27.49 -2.94
N GLY D 47 -20.38 27.91 -1.70
CA GLY D 47 -19.30 27.40 -0.89
C GLY D 47 -19.47 25.92 -0.54
N ILE D 48 -20.63 25.56 0.00
CA ILE D 48 -20.91 24.19 0.37
C ILE D 48 -20.97 23.28 -0.86
N THR D 49 -21.49 23.80 -1.96
CA THR D 49 -21.56 23.02 -3.20
C THR D 49 -20.14 22.72 -3.68
N ASN D 50 -19.24 23.70 -3.48
CA ASN D 50 -17.85 23.53 -3.87
C ASN D 50 -17.11 22.57 -2.94
N LYS D 51 -17.53 22.54 -1.67
CA LYS D 51 -16.94 21.63 -0.70
C LYS D 51 -17.30 20.18 -1.02
N VAL D 52 -18.59 19.93 -1.22
CA VAL D 52 -19.07 18.58 -1.54
C VAL D 52 -18.47 18.08 -2.84
N ASN D 53 -18.43 18.93 -3.85
CA ASN D 53 -17.85 18.57 -5.14
C ASN D 53 -16.37 18.26 -5.00
N SER D 54 -15.69 18.99 -4.12
CA SER D 54 -14.28 18.77 -3.89
C SER D 54 -14.04 17.38 -3.29
N VAL D 55 -14.81 17.05 -2.27
CA VAL D 55 -14.65 15.76 -1.59
C VAL D 55 -14.94 14.60 -2.52
N ILE D 56 -15.94 14.75 -3.38
CA ILE D 56 -16.31 13.69 -4.32
C ILE D 56 -15.39 13.64 -5.55
N GLU D 57 -15.14 14.79 -6.17
CA GLU D 57 -14.44 14.81 -7.46
C GLU D 57 -12.92 14.76 -7.38
N LYS D 58 -12.36 15.05 -6.21
CA LYS D 58 -10.90 14.97 -6.06
C LYS D 58 -10.47 13.52 -5.99
N MET D 59 -11.43 12.62 -5.89
CA MET D 59 -11.15 11.19 -5.90
C MET D 59 -11.07 10.73 -7.35
N ASN D 60 -9.89 10.25 -7.75
CA ASN D 60 -9.70 9.72 -9.09
C ASN D 60 -9.37 8.24 -9.01
N THR D 61 -10.05 7.48 -9.85
CA THR D 61 -9.99 6.02 -9.81
C THR D 61 -9.64 5.45 -11.17
N GLN D 62 -8.75 4.45 -11.15
CA GLN D 62 -8.38 3.72 -12.35
C GLN D 62 -9.04 2.36 -12.36
N PHE D 63 -9.34 1.85 -13.55
CA PHE D 63 -9.90 0.51 -13.68
C PHE D 63 -8.96 -0.46 -13.00
N THR D 64 -9.48 -1.22 -12.04
CA THR D 64 -8.65 -2.14 -11.25
C THR D 64 -9.39 -3.42 -10.91
N ALA D 65 -8.69 -4.54 -11.05
CA ALA D 65 -9.17 -5.81 -10.56
C ALA D 65 -8.42 -6.12 -9.27
N VAL D 66 -9.14 -6.01 -8.15
CA VAL D 66 -8.52 -6.17 -6.84
C VAL D 66 -8.15 -7.62 -6.56
N GLY D 67 -9.03 -8.53 -6.97
CA GLY D 67 -8.86 -9.94 -6.69
C GLY D 67 -7.64 -10.55 -7.34
N LYS D 68 -7.04 -11.51 -6.65
CA LYS D 68 -5.91 -12.28 -7.18
C LYS D 68 -6.01 -13.72 -6.67
N GLU D 69 -5.57 -14.67 -7.49
CA GLU D 69 -5.65 -16.09 -7.16
C GLU D 69 -4.25 -16.68 -6.96
N PHE D 70 -4.11 -17.47 -5.89
CA PHE D 70 -2.83 -18.09 -5.55
C PHE D 70 -3.02 -19.54 -5.13
N ASN D 71 -2.07 -20.40 -5.49
CA ASN D 71 -2.12 -21.80 -5.08
C ASN D 71 -1.47 -21.98 -3.71
N ASN D 72 -1.49 -23.21 -3.20
CA ASN D 72 -1.12 -23.49 -1.81
C ASN D 72 0.39 -23.44 -1.52
N LEU D 73 1.21 -23.34 -2.57
CA LEU D 73 2.64 -23.10 -2.39
C LEU D 73 2.96 -21.62 -2.56
N GLU D 74 1.93 -20.82 -2.82
CA GLU D 74 2.05 -19.37 -2.97
C GLU D 74 1.61 -18.60 -1.71
N ARG D 75 1.41 -19.31 -0.61
CA ARG D 75 0.82 -18.75 0.62
C ARG D 75 1.36 -17.38 1.03
N ARG D 76 2.66 -17.18 0.90
CA ARG D 76 3.26 -15.91 1.33
C ARG D 76 2.75 -14.69 0.56
N ILE D 77 2.77 -14.77 -0.77
CA ILE D 77 2.35 -13.63 -1.58
C ILE D 77 0.84 -13.45 -1.58
N GLU D 78 0.12 -14.49 -1.18
CA GLU D 78 -1.32 -14.37 -0.98
C GLU D 78 -1.59 -13.49 0.23
N ASN D 79 -0.80 -13.70 1.28
CA ASN D 79 -0.92 -12.92 2.50
C ASN D 79 -0.33 -11.53 2.32
N LEU D 80 0.67 -11.42 1.44
CA LEU D 80 1.20 -10.12 1.07
C LEU D 80 0.11 -9.31 0.39
N ASN D 81 -0.57 -9.94 -0.56
CA ASN D 81 -1.68 -9.32 -1.26
C ASN D 81 -2.80 -8.91 -0.31
N LYS D 82 -3.02 -9.71 0.73
CA LYS D 82 -4.05 -9.40 1.71
C LYS D 82 -3.63 -8.22 2.57
N LYS D 83 -2.33 -8.14 2.88
CA LYS D 83 -1.80 -7.04 3.67
C LYS D 83 -1.96 -5.71 2.94
N VAL D 84 -1.82 -5.75 1.61
CA VAL D 84 -1.98 -4.56 0.79
C VAL D 84 -3.43 -4.10 0.85
N ASP D 85 -4.35 -5.02 0.58
CA ASP D 85 -5.77 -4.72 0.58
C ASP D 85 -6.27 -4.27 1.96
N ASP D 86 -5.82 -4.95 3.00
CA ASP D 86 -6.21 -4.58 4.36
C ASP D 86 -5.63 -3.22 4.75
N GLY D 87 -4.45 -2.92 4.23
CA GLY D 87 -3.78 -1.67 4.53
C GLY D 87 -4.52 -0.48 3.95
N PHE D 88 -4.96 -0.60 2.71
CA PHE D 88 -5.73 0.45 2.07
C PHE D 88 -7.09 0.62 2.74
N LEU D 89 -7.61 -0.48 3.29
CA LEU D 89 -8.88 -0.44 4.00
C LEU D 89 -8.75 0.37 5.29
N ASP D 90 -7.68 0.11 6.04
CA ASP D 90 -7.44 0.82 7.29
C ASP D 90 -7.24 2.31 7.03
N ILE D 91 -6.50 2.63 5.97
CA ILE D 91 -6.21 4.02 5.63
C ILE D 91 -7.46 4.76 5.16
N TRP D 92 -8.19 4.19 4.21
CA TRP D 92 -9.32 4.87 3.61
C TRP D 92 -10.48 5.04 4.60
N THR D 93 -10.69 4.03 5.44
CA THR D 93 -11.74 4.11 6.44
C THR D 93 -11.45 5.23 7.43
N TYR D 94 -10.25 5.22 7.99
CA TYR D 94 -9.86 6.19 9.01
C TYR D 94 -9.91 7.62 8.49
N ASN D 95 -9.37 7.82 7.28
CA ASN D 95 -9.34 9.16 6.69
C ASN D 95 -10.72 9.68 6.35
N ALA D 96 -11.55 8.82 5.76
CA ALA D 96 -12.92 9.21 5.40
C ALA D 96 -13.71 9.58 6.66
N GLU D 97 -13.62 8.74 7.69
CA GLU D 97 -14.33 8.98 8.94
C GLU D 97 -13.99 10.34 9.53
N LEU D 98 -12.70 10.63 9.65
CA LEU D 98 -12.25 11.90 10.22
C LEU D 98 -12.56 13.07 9.30
N LEU D 99 -12.38 12.87 8.00
CA LEU D 99 -12.64 13.93 7.03
C LEU D 99 -14.06 14.45 7.14
N VAL D 100 -15.01 13.54 7.36
CA VAL D 100 -16.41 13.92 7.50
C VAL D 100 -16.67 14.60 8.85
N LEU D 101 -16.16 14.00 9.93
CA LEU D 101 -16.33 14.57 11.27
C LEU D 101 -15.81 15.99 11.33
N LEU D 102 -14.59 16.20 10.81
CA LEU D 102 -13.93 17.50 10.90
C LEU D 102 -14.61 18.55 10.02
N GLU D 103 -15.00 18.16 8.81
CA GLU D 103 -15.57 19.12 7.87
C GLU D 103 -17.04 19.42 8.17
N ASN D 104 -17.72 18.47 8.82
CA ASN D 104 -19.06 18.74 9.32
C ASN D 104 -19.01 19.82 10.39
N GLU D 105 -17.99 19.73 11.25
CA GLU D 105 -17.78 20.74 12.29
C GLU D 105 -17.51 22.10 11.65
N ARG D 106 -16.68 22.10 10.61
CA ARG D 106 -16.34 23.35 9.91
C ARG D 106 -17.53 23.93 9.17
N THR D 107 -18.36 23.05 8.61
CA THR D 107 -19.54 23.47 7.87
C THR D 107 -20.54 24.19 8.78
N LEU D 108 -20.78 23.62 9.95
CA LEU D 108 -21.71 24.22 10.90
C LEU D 108 -21.18 25.56 11.43
N ASP D 109 -19.87 25.65 11.60
CA ASP D 109 -19.25 26.90 12.02
C ASP D 109 -19.33 27.95 10.91
N PHE D 110 -19.31 27.48 9.66
CA PHE D 110 -19.42 28.36 8.51
C PHE D 110 -20.79 29.01 8.50
N HIS D 111 -21.82 28.23 8.84
CA HIS D 111 -23.17 28.75 8.95
C HIS D 111 -23.26 29.71 10.13
N ASP D 112 -22.69 29.30 11.25
CA ASP D 112 -22.65 30.15 12.44
C ASP D 112 -21.99 31.49 12.12
N SER D 113 -20.91 31.43 11.35
CA SER D 113 -20.20 32.63 10.93
C SER D 113 -21.06 33.55 10.08
N ASN D 114 -21.73 32.98 9.09
CA ASN D 114 -22.54 33.75 8.15
C ASN D 114 -23.68 34.51 8.83
N VAL D 115 -24.29 33.89 9.84
CA VAL D 115 -25.38 34.52 10.56
C VAL D 115 -24.91 35.75 11.33
N ARG D 116 -23.77 35.63 12.02
CA ARG D 116 -23.23 36.75 12.78
C ARG D 116 -22.80 37.87 11.82
N ASN D 117 -22.18 37.50 10.71
CA ASN D 117 -21.75 38.48 9.71
C ASN D 117 -22.93 39.28 9.20
N LEU D 118 -24.04 38.59 8.96
CA LEU D 118 -25.26 39.25 8.50
C LEU D 118 -25.78 40.17 9.58
N TYR D 119 -25.76 39.68 10.83
CA TYR D 119 -26.22 40.45 11.98
C TYR D 119 -25.47 41.77 12.14
N GLU D 120 -24.14 41.70 12.15
CA GLU D 120 -23.34 42.89 12.40
C GLU D 120 -23.18 43.71 11.12
N LYS D 121 -23.65 43.18 10.01
CA LYS D 121 -23.76 43.94 8.77
C LYS D 121 -24.95 44.89 8.86
N VAL D 122 -26.01 44.43 9.51
CA VAL D 122 -27.21 45.24 9.73
C VAL D 122 -26.98 46.25 10.85
N LYS D 123 -26.39 45.79 11.94
CA LYS D 123 -26.08 46.65 13.08
C LYS D 123 -25.21 47.83 12.66
N SER D 124 -24.24 47.56 11.78
CA SER D 124 -23.28 48.58 11.38
C SER D 124 -23.94 49.74 10.65
N GLN D 125 -24.96 49.45 9.84
CA GLN D 125 -25.64 50.50 9.09
C GLN D 125 -26.67 51.24 9.95
N LEU D 126 -27.40 50.51 10.79
CA LEU D 126 -28.45 51.12 11.61
C LEU D 126 -27.86 52.02 12.71
N LYS D 127 -26.78 51.57 13.34
CA LYS D 127 -26.16 52.30 14.45
C LYS D 127 -27.17 52.60 15.57
N ASN D 128 -27.30 53.86 15.99
CA ASN D 128 -28.17 54.18 17.13
C ASN D 128 -29.61 54.50 16.71
N ASN D 129 -29.90 54.38 15.42
CA ASN D 129 -31.28 54.58 14.93
C ASN D 129 -32.19 53.44 15.36
N ALA D 130 -31.60 52.39 15.92
CA ALA D 130 -32.37 51.28 16.44
C ALA D 130 -31.79 50.83 17.77
N LYS D 131 -32.60 50.13 18.57
CA LYS D 131 -32.19 49.63 19.87
C LYS D 131 -31.90 48.14 19.77
N GLU D 132 -30.88 47.68 20.47
CA GLU D 132 -30.54 46.27 20.39
C GLU D 132 -31.29 45.53 21.50
N ILE D 133 -32.32 44.78 21.11
CA ILE D 133 -33.12 43.98 22.03
C ILE D 133 -32.45 42.73 22.50
N GLY D 134 -31.81 42.08 21.54
CA GLY D 134 -31.24 40.76 21.73
C GLY D 134 -31.98 39.75 20.90
N ASN D 135 -31.41 38.55 20.81
CA ASN D 135 -31.97 37.48 20.01
C ASN D 135 -31.99 37.86 18.54
N GLY D 136 -31.14 38.81 18.19
CA GLY D 136 -31.00 39.23 16.82
C GLY D 136 -32.05 40.21 16.31
N CYS D 137 -32.73 40.89 17.24
CA CYS D 137 -33.80 41.83 16.88
C CYS D 137 -33.42 43.27 17.16
N PHE D 138 -33.78 44.16 16.24
CA PHE D 138 -33.54 45.60 16.37
C PHE D 138 -34.84 46.41 16.46
N GLU D 139 -34.99 47.22 17.50
CA GLU D 139 -36.12 48.15 17.61
C GLU D 139 -35.79 49.53 17.11
N PHE D 140 -36.51 49.94 16.08
CA PHE D 140 -36.27 51.22 15.46
C PHE D 140 -36.67 52.37 16.38
N TYR D 141 -35.86 53.42 16.38
CA TYR D 141 -36.16 54.65 17.10
C TYR D 141 -36.94 55.60 16.20
N HIS D 142 -37.31 55.11 15.02
CA HIS D 142 -38.08 55.88 14.06
C HIS D 142 -39.15 55.01 13.43
N LYS D 143 -39.86 55.55 12.45
CA LYS D 143 -40.87 54.79 11.71
C LYS D 143 -40.26 54.19 10.44
N CYS D 144 -40.45 52.88 10.27
CA CYS D 144 -39.94 52.17 9.11
C CYS D 144 -41.02 51.34 8.41
N ASP D 145 -41.37 51.73 7.18
CA ASP D 145 -42.34 50.99 6.38
C ASP D 145 -41.62 49.97 5.51
N ASP D 146 -42.37 49.27 4.67
CA ASP D 146 -41.79 48.21 3.82
C ASP D 146 -40.70 48.75 2.88
N ALA D 147 -40.78 50.03 2.55
CA ALA D 147 -39.76 50.64 1.70
C ALA D 147 -38.45 50.77 2.47
N CYS D 148 -38.55 51.09 3.75
CA CYS D 148 -37.38 51.23 4.61
C CYS D 148 -36.77 49.87 4.92
N MET D 149 -37.64 48.86 5.11
CA MET D 149 -37.18 47.50 5.36
C MET D 149 -36.29 46.97 4.24
N GLU D 150 -36.73 47.16 3.00
CA GLU D 150 -35.96 46.70 1.84
C GLU D 150 -34.58 47.34 1.79
N SER D 151 -34.47 48.55 2.30
CA SER D 151 -33.20 49.27 2.33
C SER D 151 -32.20 48.56 3.24
N VAL D 152 -32.69 48.00 4.34
CA VAL D 152 -31.83 47.29 5.29
C VAL D 152 -31.30 46.02 4.63
N ARG D 153 -32.18 45.31 3.95
CA ARG D 153 -31.84 44.07 3.27
C ARG D 153 -30.90 44.32 2.08
N ASN D 154 -31.09 45.46 1.42
CA ASN D 154 -30.30 45.83 0.25
C ASN D 154 -28.95 46.44 0.64
N GLY D 155 -28.78 46.75 1.92
CA GLY D 155 -27.58 47.38 2.41
C GLY D 155 -27.51 48.85 2.04
N THR D 156 -28.60 49.38 1.48
CA THR D 156 -28.66 50.76 1.03
C THR D 156 -29.29 51.71 2.05
N TYR D 157 -29.66 51.17 3.21
CA TYR D 157 -30.35 51.94 4.26
C TYR D 157 -29.58 53.20 4.69
N ASP D 158 -30.34 54.29 4.84
CA ASP D 158 -29.79 55.59 5.17
C ASP D 158 -29.98 55.97 6.63
N TYR D 159 -28.89 56.00 7.39
CA TYR D 159 -28.93 56.43 8.78
C TYR D 159 -29.23 57.92 8.91
N PRO D 160 -28.55 58.78 8.14
CA PRO D 160 -28.87 60.19 8.38
C PRO D 160 -30.15 60.66 7.68
N LYS D 161 -31.19 59.83 7.67
CA LYS D 161 -32.51 60.25 7.23
C LYS D 161 -33.51 60.04 8.40
N TYR D 162 -33.11 59.16 9.31
CA TYR D 162 -33.92 58.65 10.44
C TYR D 162 -33.72 59.03 11.92
N SER D 163 -32.90 60.02 12.27
CA SER D 163 -32.76 60.44 13.69
C SER D 163 -34.16 60.49 14.33
N GLU D 164 -35.10 60.97 13.53
CA GLU D 164 -36.53 60.94 13.83
C GLU D 164 -36.96 59.67 14.56
N ASP E 1 -16.53 47.94 43.02
CA ASP E 1 -16.84 46.50 42.83
C ASP E 1 -16.51 46.06 41.39
N THR E 2 -16.06 44.83 41.23
CA THR E 2 -15.57 44.34 39.95
C THR E 2 -15.90 42.86 39.71
N ILE E 3 -16.29 42.54 38.48
CA ILE E 3 -16.37 41.15 38.02
C ILE E 3 -15.50 41.00 36.78
N CYS E 4 -14.83 39.86 36.68
CA CYS E 4 -13.85 39.65 35.61
C CYS E 4 -14.11 38.34 34.89
N ILE E 5 -13.79 38.30 33.59
CA ILE E 5 -13.87 37.08 32.80
C ILE E 5 -12.47 36.54 32.56
N GLY E 6 -12.25 35.25 32.84
CA GLY E 6 -10.94 34.66 32.71
C GLY E 6 -10.98 33.16 32.48
N TYR E 7 -9.79 32.56 32.38
CA TYR E 7 -9.65 31.14 32.07
C TYR E 7 -8.63 30.47 32.99
N HIS E 8 -8.61 29.14 32.96
CA HIS E 8 -7.76 28.36 33.85
C HIS E 8 -6.27 28.48 33.53
N ALA E 9 -5.45 28.34 34.57
CA ALA E 9 -4.00 28.25 34.42
C ALA E 9 -3.45 27.37 35.53
N ASN E 10 -2.29 26.78 35.32
CA ASN E 10 -1.69 25.92 36.33
C ASN E 10 -0.18 25.77 36.15
N ASN E 11 0.42 24.84 36.89
CA ASN E 11 1.86 24.63 36.89
C ASN E 11 2.30 23.65 35.80
N SER E 12 1.35 23.24 34.95
CA SER E 12 1.60 22.24 33.92
C SER E 12 2.73 22.63 32.97
N THR E 13 3.70 21.74 32.83
CA THR E 13 4.83 21.94 31.93
C THR E 13 4.64 21.23 30.59
N ASP E 14 3.51 20.55 30.42
CA ASP E 14 3.21 19.84 29.18
C ASP E 14 3.26 20.77 27.97
N THR E 15 3.82 20.27 26.87
CA THR E 15 3.93 21.05 25.65
C THR E 15 3.44 20.27 24.42
N VAL E 16 2.76 20.98 23.52
CA VAL E 16 2.29 20.40 22.27
C VAL E 16 2.73 21.27 21.10
N ASP E 17 2.67 20.71 19.89
CA ASP E 17 2.96 21.47 18.68
C ASP E 17 1.68 21.74 17.91
N THR E 18 1.60 22.92 17.30
CA THR E 18 0.47 23.27 16.44
C THR E 18 1.02 23.63 15.06
N VAL E 19 0.12 23.82 14.11
CA VAL E 19 0.53 24.14 12.75
C VAL E 19 1.18 25.52 12.66
N LEU E 20 0.65 26.47 13.42
CA LEU E 20 1.17 27.84 13.42
C LEU E 20 2.36 28.05 14.37
N GLU E 21 2.39 27.35 15.50
CA GLU E 21 3.39 27.62 16.53
C GLU E 21 3.91 26.34 17.20
N LYS E 22 5.23 26.27 17.34
CA LYS E 22 5.89 25.15 18.01
C LYS E 22 5.97 25.29 19.52
N ASN E 23 5.89 24.15 20.20
CA ASN E 23 6.19 24.01 21.63
C ASN E 23 5.33 24.92 22.52
N VAL E 24 4.02 24.92 22.27
CA VAL E 24 3.07 25.65 23.12
C VAL E 24 2.79 24.90 24.42
N THR E 25 2.94 25.58 25.55
CA THR E 25 2.65 24.98 26.85
C THR E 25 1.15 25.03 27.14
N VAL E 26 0.56 23.87 27.43
CA VAL E 26 -0.88 23.76 27.66
C VAL E 26 -1.18 23.20 29.05
N THR E 27 -2.40 23.44 29.53
CA THR E 27 -2.81 23.01 30.86
C THR E 27 -3.09 21.50 30.94
N HIS E 28 -3.65 20.94 29.88
CA HIS E 28 -3.96 19.51 29.84
C HIS E 28 -3.69 18.92 28.45
N SER E 29 -3.32 17.64 28.41
CA SER E 29 -3.08 16.96 27.14
C SER E 29 -3.23 15.45 27.28
N VAL E 30 -3.41 14.77 26.15
CA VAL E 30 -3.43 13.31 26.10
C VAL E 30 -2.46 12.81 25.04
N ASN E 31 -1.96 11.59 25.25
CA ASN E 31 -0.98 11.00 24.35
C ASN E 31 -1.64 9.98 23.40
N LEU E 32 -1.48 10.22 22.10
CA LEU E 32 -2.08 9.36 21.09
C LEU E 32 -1.12 8.28 20.58
N LEU E 33 0.10 8.29 21.10
CA LEU E 33 1.16 7.41 20.61
C LEU E 33 1.62 6.49 21.73
N GLU E 34 1.62 5.19 21.47
CA GLU E 34 2.05 4.22 22.48
C GLU E 34 3.57 4.08 22.43
N ASP E 35 4.23 4.56 23.48
CA ASP E 35 5.69 4.57 23.56
C ASP E 35 6.30 3.45 24.39
N SER E 36 5.46 2.58 24.96
CA SER E 36 5.95 1.58 25.91
C SER E 36 5.49 0.15 25.61
N HIS E 37 6.37 -0.82 25.89
CA HIS E 37 6.06 -2.24 25.77
C HIS E 37 6.45 -2.96 27.06
N ASN E 38 5.96 -4.17 27.24
CA ASN E 38 6.16 -4.92 28.49
C ASN E 38 7.39 -5.83 28.46
N GLY E 39 8.10 -5.83 27.34
CA GLY E 39 9.34 -6.58 27.22
C GLY E 39 9.16 -8.09 27.28
N LYS E 40 7.94 -8.55 27.05
CA LYS E 40 7.63 -9.98 27.08
C LYS E 40 6.97 -10.46 25.80
N LEU E 41 7.07 -11.75 25.53
CA LEU E 41 6.36 -12.38 24.44
C LEU E 41 5.16 -13.13 25.02
N CYS E 42 3.96 -12.64 24.69
CA CYS E 42 2.75 -13.10 25.37
C CYS E 42 1.86 -13.94 24.47
N LYS E 43 0.73 -14.36 25.02
CA LYS E 43 -0.22 -15.19 24.30
C LYS E 43 -1.10 -14.32 23.40
N LEU E 44 -1.28 -14.79 22.16
CA LEU E 44 -2.17 -14.12 21.20
C LEU E 44 -3.45 -14.93 21.04
N LYS E 45 -4.58 -14.26 21.20
CA LYS E 45 -5.89 -14.92 21.13
C LYS E 45 -5.96 -16.07 22.13
N GLY E 46 -5.37 -15.86 23.30
CA GLY E 46 -5.47 -16.81 24.41
C GLY E 46 -4.55 -18.00 24.35
N ILE E 47 -3.66 -18.03 23.36
CA ILE E 47 -2.77 -19.17 23.14
C ILE E 47 -1.31 -18.73 23.08
N ALA E 48 -0.45 -19.50 23.74
CA ALA E 48 0.98 -19.22 23.78
C ALA E 48 1.67 -19.54 22.46
N PRO E 49 2.80 -18.86 22.18
CA PRO E 49 3.56 -19.16 20.96
C PRO E 49 4.38 -20.44 21.07
N LEU E 50 4.74 -20.99 19.92
CA LEU E 50 5.63 -22.14 19.86
C LEU E 50 7.06 -21.72 20.12
N GLN E 51 7.71 -22.35 21.09
CA GLN E 51 9.11 -22.08 21.40
C GLN E 51 9.98 -23.25 20.96
N LEU E 52 10.92 -22.98 20.07
CA LEU E 52 11.75 -24.03 19.49
C LEU E 52 13.12 -24.18 20.16
N GLY E 53 13.42 -23.34 21.15
CA GLY E 53 14.67 -23.47 21.88
C GLY E 53 15.91 -23.33 21.01
N LYS E 54 16.76 -24.35 21.04
CA LYS E 54 18.02 -24.35 20.29
C LYS E 54 17.82 -24.54 18.78
N CYS E 55 16.59 -24.80 18.38
CA CYS E 55 16.32 -25.21 17.00
C CYS E 55 15.42 -24.21 16.27
N ASN E 56 15.50 -24.23 14.94
CA ASN E 56 14.59 -23.49 14.09
C ASN E 56 13.49 -24.44 13.60
N ILE E 57 12.57 -23.93 12.79
CA ILE E 57 11.43 -24.72 12.33
C ILE E 57 11.88 -25.98 11.57
N ALA E 58 12.93 -25.85 10.77
CA ALA E 58 13.45 -26.99 10.01
C ALA E 58 13.95 -28.10 10.92
N GLY E 59 14.77 -27.73 11.90
CA GLY E 59 15.33 -28.70 12.83
C GLY E 59 14.26 -29.37 13.67
N TRP E 60 13.29 -28.58 14.11
CA TRP E 60 12.19 -29.08 14.92
C TRP E 60 11.39 -30.13 14.16
N LEU E 61 11.00 -29.81 12.94
CA LEU E 61 10.19 -30.71 12.12
C LEU E 61 10.94 -32.00 11.79
N LEU E 62 12.17 -31.86 11.31
CA LEU E 62 12.96 -33.01 10.90
C LEU E 62 13.41 -33.84 12.10
N GLY E 63 13.30 -33.27 13.30
CA GLY E 63 13.74 -33.96 14.49
C GLY E 63 15.25 -33.93 14.66
N ASN E 64 15.83 -32.76 14.50
CA ASN E 64 17.24 -32.55 14.79
C ASN E 64 17.53 -33.00 16.22
N PRO E 65 18.62 -33.76 16.44
CA PRO E 65 18.93 -34.32 17.77
C PRO E 65 18.94 -33.32 18.93
N GLU E 66 19.15 -32.04 18.64
CA GLU E 66 19.21 -31.03 19.70
C GLU E 66 17.82 -30.54 20.09
N CYS E 67 16.82 -30.98 19.33
CA CYS E 67 15.43 -30.55 19.50
C CYS E 67 14.58 -31.51 20.35
N ASP E 68 15.20 -32.51 20.98
CA ASP E 68 14.43 -33.59 21.59
C ASP E 68 14.05 -33.35 23.05
N LEU E 69 14.44 -32.20 23.60
CA LEU E 69 14.01 -31.82 24.94
C LEU E 69 12.90 -30.78 24.88
N LEU E 70 12.50 -30.43 23.67
CA LEU E 70 11.42 -29.48 23.48
C LEU E 70 10.08 -30.03 23.95
N LEU E 71 9.26 -29.15 24.53
CA LEU E 71 7.90 -29.49 24.91
C LEU E 71 6.93 -28.62 24.10
N THR E 72 6.39 -29.21 23.03
CA THR E 72 5.43 -28.51 22.18
C THR E 72 3.96 -28.79 22.50
N ALA E 73 3.15 -27.73 22.47
CA ALA E 73 1.73 -27.82 22.77
C ALA E 73 0.92 -28.29 21.56
N SER E 74 -0.36 -28.54 21.79
CA SER E 74 -1.29 -28.96 20.74
C SER E 74 -1.54 -27.81 19.76
N SER E 75 -1.37 -26.57 20.23
CA SER E 75 -1.64 -25.40 19.40
C SER E 75 -0.76 -24.21 19.77
N TRP E 76 -0.61 -23.29 18.81
CA TRP E 76 0.08 -22.02 19.04
C TRP E 76 -0.45 -20.93 18.11
N SER E 77 -0.45 -19.69 18.59
CA SER E 77 -0.95 -18.56 17.81
C SER E 77 0.13 -17.94 16.90
N TYR E 78 1.39 -18.25 17.21
CA TYR E 78 2.50 -17.85 16.36
C TYR E 78 3.76 -18.59 16.79
N ILE E 79 4.85 -18.40 16.06
CA ILE E 79 6.09 -19.13 16.33
C ILE E 79 7.22 -18.17 16.69
N VAL E 80 7.97 -18.54 17.73
CA VAL E 80 9.09 -17.74 18.21
C VAL E 80 10.42 -18.45 17.95
N GLU E 81 11.27 -17.79 17.16
CA GLU E 81 12.66 -18.19 17.00
C GLU E 81 13.53 -17.20 17.75
N THR E 82 14.65 -17.66 18.30
CA THR E 82 15.56 -16.79 19.03
C THR E 82 16.89 -16.66 18.29
N SER E 83 17.79 -15.85 18.85
CA SER E 83 19.15 -15.75 18.33
C SER E 83 19.89 -17.05 18.65
N ASN E 84 19.31 -17.84 19.55
CA ASN E 84 19.89 -19.10 19.98
C ASN E 84 19.42 -20.30 19.16
N SER E 85 18.60 -20.07 18.13
CA SER E 85 18.18 -21.19 17.31
C SER E 85 19.18 -21.32 16.18
N GLU E 86 20.16 -22.19 16.38
CA GLU E 86 21.20 -22.44 15.40
C GLU E 86 21.07 -23.79 14.71
N ASN E 87 20.16 -24.64 15.16
CA ASN E 87 20.18 -26.01 14.69
C ASN E 87 19.06 -26.26 13.68
N GLY E 88 19.46 -26.28 12.42
CA GLY E 88 18.60 -26.51 11.29
C GLY E 88 18.81 -27.93 10.78
N THR E 89 18.77 -28.05 9.45
CA THR E 89 19.13 -29.31 8.84
C THR E 89 20.63 -29.49 9.09
N CYS E 90 21.00 -30.54 9.80
CA CYS E 90 22.40 -30.75 10.16
C CYS E 90 23.14 -31.39 9.01
N TYR E 91 22.39 -32.04 8.13
CA TYR E 91 22.95 -32.62 6.92
C TYR E 91 22.77 -31.62 5.77
N PRO E 92 23.89 -31.18 5.16
CA PRO E 92 23.81 -30.08 4.18
C PRO E 92 22.94 -30.40 2.97
N GLY E 93 22.14 -29.41 2.57
CA GLY E 93 21.28 -29.54 1.40
C GLY E 93 20.19 -28.49 1.41
N ASP E 94 19.30 -28.58 0.42
CA ASP E 94 18.22 -27.60 0.27
C ASP E 94 16.93 -28.07 0.91
N PHE E 95 16.30 -27.17 1.67
CA PHE E 95 14.94 -27.39 2.16
C PHE E 95 14.01 -26.73 1.15
N ILE E 96 13.24 -27.54 0.44
CA ILE E 96 12.41 -27.04 -0.65
C ILE E 96 11.13 -26.40 -0.14
N ASP E 97 10.83 -25.22 -0.69
CA ASP E 97 9.66 -24.44 -0.29
C ASP E 97 9.65 -24.23 1.23
N TYR E 98 10.84 -23.93 1.77
CA TYR E 98 11.03 -23.80 3.20
C TYR E 98 10.30 -22.60 3.80
N GLU E 99 10.40 -21.45 3.14
CA GLU E 99 9.74 -20.24 3.62
C GLU E 99 8.23 -20.43 3.64
N GLU E 100 7.72 -21.12 2.63
CA GLU E 100 6.30 -21.40 2.53
C GLU E 100 5.83 -22.27 3.68
N LEU E 101 6.53 -23.35 3.95
CA LEU E 101 6.14 -24.27 5.03
C LEU E 101 6.12 -23.54 6.36
N ARG E 102 7.09 -22.65 6.57
CA ARG E 102 7.15 -21.86 7.79
C ARG E 102 5.90 -20.99 7.92
N GLU E 103 5.57 -20.31 6.82
CA GLU E 103 4.40 -19.43 6.77
C GLU E 103 3.13 -20.22 7.09
N GLN E 104 3.02 -21.42 6.55
CA GLN E 104 1.80 -22.21 6.67
C GLN E 104 1.65 -22.89 8.04
N LEU E 105 2.76 -23.04 8.76
CA LEU E 105 2.72 -23.64 10.09
C LEU E 105 2.65 -22.59 11.21
N SER E 106 2.53 -21.32 10.84
CA SER E 106 2.61 -20.24 11.80
C SER E 106 1.58 -20.38 12.92
N SER E 107 0.39 -20.88 12.60
CA SER E 107 -0.63 -21.15 13.62
C SER E 107 -1.41 -22.43 13.32
N VAL E 108 -1.53 -23.29 14.34
CA VAL E 108 -2.27 -24.55 14.23
C VAL E 108 -3.10 -24.74 15.50
N SER E 109 -4.31 -25.30 15.38
CA SER E 109 -5.14 -25.53 16.55
C SER E 109 -5.13 -26.97 17.12
N SER E 110 -4.67 -27.93 16.33
CA SER E 110 -4.53 -29.30 16.81
C SER E 110 -3.24 -29.89 16.29
N PHE E 111 -2.25 -30.10 17.14
CA PHE E 111 -0.96 -30.62 16.68
C PHE E 111 -0.55 -31.89 17.42
N GLU E 112 -0.39 -32.97 16.66
CA GLU E 112 0.10 -34.22 17.20
C GLU E 112 1.13 -34.83 16.25
N LYS E 113 2.23 -35.33 16.81
CA LYS E 113 3.19 -36.11 16.04
C LYS E 113 2.85 -37.58 16.23
N PHE E 114 2.93 -38.35 15.14
CA PHE E 114 2.63 -39.77 15.19
C PHE E 114 3.56 -40.54 14.27
N GLU E 115 3.57 -41.86 14.43
CA GLU E 115 4.47 -42.71 13.67
C GLU E 115 3.79 -43.18 12.38
N ILE E 116 4.25 -42.65 11.25
CA ILE E 116 3.64 -42.94 9.96
C ILE E 116 4.12 -44.28 9.39
N PHE E 117 5.42 -44.53 9.51
CA PHE E 117 6.02 -45.78 9.06
C PHE E 117 6.89 -46.35 10.19
N PRO E 118 6.30 -47.20 11.06
CA PRO E 118 7.02 -47.73 12.23
C PRO E 118 8.36 -48.36 11.90
N LYS E 119 9.39 -47.97 12.66
CA LYS E 119 10.76 -48.38 12.42
C LYS E 119 10.94 -49.90 12.41
N THR E 120 10.26 -50.57 13.32
CA THR E 120 10.45 -52.00 13.51
C THR E 120 9.88 -52.84 12.38
N SER E 121 8.61 -52.62 12.02
CA SER E 121 7.91 -53.50 11.08
C SER E 121 7.89 -53.03 9.63
N SER E 122 8.37 -51.83 9.35
CA SER E 122 8.26 -51.26 8.01
C SER E 122 9.34 -51.73 7.03
N TRP E 123 10.58 -51.82 7.49
CA TRP E 123 11.72 -52.03 6.59
C TRP E 123 12.53 -53.26 6.97
N PRO E 124 11.98 -54.46 6.68
CA PRO E 124 12.67 -55.70 7.03
C PRO E 124 13.92 -55.98 6.20
N ASN E 125 13.94 -55.55 4.94
CA ASN E 125 15.07 -55.81 4.05
C ASN E 125 16.06 -54.65 3.88
N HIS E 126 15.87 -53.57 4.63
CA HIS E 126 16.77 -52.41 4.55
C HIS E 126 17.30 -52.06 5.94
N GLU E 127 18.49 -51.45 5.98
CA GLU E 127 19.11 -51.06 7.24
C GLU E 127 18.69 -49.65 7.65
N THR E 128 18.11 -49.53 8.84
CA THR E 128 17.57 -48.26 9.32
C THR E 128 18.55 -47.52 10.25
N THR E 129 19.74 -48.08 10.43
CA THR E 129 20.65 -47.65 11.48
C THR E 129 21.64 -46.55 11.08
N GLY E 130 21.55 -46.05 9.86
CA GLY E 130 22.49 -45.07 9.36
C GLY E 130 22.57 -43.77 10.16
N VAL E 131 23.80 -43.32 10.42
CA VAL E 131 24.04 -42.06 11.12
C VAL E 131 25.15 -41.25 10.44
N THR E 132 25.43 -40.07 10.99
CA THR E 132 26.44 -39.17 10.43
C THR E 132 27.06 -38.29 11.51
N ALA E 133 28.31 -37.89 11.32
CA ALA E 133 28.99 -37.02 12.25
C ALA E 133 28.47 -35.59 12.16
N ALA E 134 27.84 -35.27 11.03
CA ALA E 134 27.26 -33.95 10.79
C ALA E 134 26.08 -33.65 11.72
N CYS E 135 25.32 -34.70 12.03
CA CYS E 135 24.17 -34.63 12.93
C CYS E 135 24.50 -35.02 14.38
N SER E 136 25.78 -35.10 14.71
CA SER E 136 26.23 -35.55 16.02
C SER E 136 25.50 -34.88 17.19
N TYR E 137 25.20 -35.69 18.22
CA TYR E 137 24.68 -35.22 19.49
C TYR E 137 25.53 -35.75 20.64
N ALA E 138 26.00 -34.83 21.48
CA ALA E 138 26.85 -35.17 22.61
C ALA E 138 28.13 -35.88 22.14
N GLY E 139 28.69 -35.38 21.05
CA GLY E 139 29.98 -35.86 20.58
C GLY E 139 29.92 -37.20 19.87
N ALA E 140 28.72 -37.76 19.75
CA ALA E 140 28.54 -39.05 19.07
C ALA E 140 27.68 -38.87 17.83
N SER E 141 28.01 -39.63 16.78
CA SER E 141 27.27 -39.58 15.53
C SER E 141 25.82 -39.99 15.72
N SER E 142 24.91 -39.23 15.11
CA SER E 142 23.48 -39.48 15.24
C SER E 142 22.77 -39.10 13.95
N PHE E 143 21.44 -39.09 14.00
CA PHE E 143 20.62 -38.72 12.85
C PHE E 143 19.32 -38.07 13.31
N TYR E 144 18.53 -37.60 12.35
CA TYR E 144 17.21 -37.05 12.62
C TYR E 144 16.32 -38.04 13.38
N ARG E 145 15.51 -37.51 14.29
CA ARG E 145 14.61 -38.34 15.09
C ARG E 145 13.37 -38.74 14.30
N ASN E 146 12.93 -37.86 13.40
CA ASN E 146 11.68 -38.07 12.66
C ASN E 146 11.85 -38.70 11.28
N LEU E 147 13.09 -38.91 10.87
CA LEU E 147 13.37 -39.57 9.59
C LEU E 147 14.27 -40.78 9.83
N LEU E 148 14.32 -41.66 8.83
CA LEU E 148 15.16 -42.85 8.88
C LEU E 148 16.00 -42.95 7.62
N TRP E 149 17.28 -43.21 7.81
CA TRP E 149 18.20 -43.31 6.70
C TRP E 149 18.23 -44.77 6.26
N LEU E 150 17.66 -45.01 5.09
CA LEU E 150 17.55 -46.37 4.57
C LEU E 150 18.72 -46.71 3.67
N THR E 151 19.45 -47.74 4.07
CA THR E 151 20.55 -48.27 3.28
C THR E 151 20.33 -49.75 3.01
N LYS E 152 21.19 -50.32 2.16
CA LYS E 152 21.05 -51.70 1.75
C LYS E 152 21.29 -52.60 2.94
N LYS E 153 20.56 -53.71 3.01
CA LYS E 153 20.85 -54.71 4.03
C LYS E 153 21.63 -55.83 3.38
N GLY E 154 22.86 -56.03 3.85
CA GLY E 154 23.64 -57.15 3.36
C GLY E 154 23.71 -57.29 1.85
N SER E 155 24.22 -56.31 1.09
CA SER E 155 24.42 -56.41 -0.39
C SER E 155 23.34 -55.96 -1.37
N SER E 156 22.10 -55.72 -0.94
CA SER E 156 21.08 -55.28 -1.89
C SER E 156 20.06 -54.34 -1.29
N TYR E 157 19.52 -53.50 -2.17
CA TYR E 157 18.52 -52.52 -1.80
C TYR E 157 17.28 -52.83 -2.64
N PRO E 158 16.44 -53.77 -2.15
CA PRO E 158 15.27 -54.13 -2.95
C PRO E 158 14.30 -52.97 -3.07
N LYS E 159 13.59 -52.91 -4.19
CA LYS E 159 12.60 -51.87 -4.41
C LYS E 159 11.55 -51.94 -3.30
N LEU E 160 11.34 -50.82 -2.62
CA LEU E 160 10.38 -50.74 -1.52
C LEU E 160 9.15 -49.97 -1.94
N SER E 161 8.00 -50.41 -1.44
CA SER E 161 6.74 -49.71 -1.66
C SER E 161 5.97 -49.59 -0.36
N LYS E 162 5.68 -48.36 0.05
CA LYS E 162 4.97 -48.11 1.31
C LYS E 162 3.98 -46.97 1.13
N SER E 163 2.76 -47.18 1.61
CA SER E 163 1.70 -46.20 1.48
C SER E 163 1.05 -45.90 2.83
N TYR E 164 0.59 -44.65 2.98
CA TYR E 164 -0.14 -44.25 4.17
C TYR E 164 -1.44 -43.56 3.79
N VAL E 165 -2.54 -44.07 4.33
CA VAL E 165 -3.86 -43.49 4.13
C VAL E 165 -4.16 -42.59 5.32
N ASN E 166 -4.68 -41.40 5.06
CA ASN E 166 -4.90 -40.44 6.13
C ASN E 166 -6.30 -40.59 6.71
N ASN E 167 -6.35 -41.19 7.90
CA ASN E 167 -7.59 -41.37 8.65
C ASN E 167 -7.77 -40.36 9.78
N LYS E 168 -6.81 -39.44 9.91
CA LYS E 168 -6.76 -38.54 11.06
C LYS E 168 -7.85 -37.47 11.06
N GLY E 169 -8.60 -37.39 9.96
CA GLY E 169 -9.67 -36.42 9.86
C GLY E 169 -9.18 -34.99 9.79
N LYS E 170 -7.88 -34.82 9.53
CA LYS E 170 -7.29 -33.51 9.34
C LYS E 170 -6.02 -33.64 8.50
N GLU E 171 -5.39 -32.52 8.19
CA GLU E 171 -4.21 -32.54 7.33
C GLU E 171 -3.02 -33.21 8.00
N VAL E 172 -2.36 -34.10 7.27
CA VAL E 172 -1.14 -34.74 7.73
C VAL E 172 0.06 -34.18 6.96
N LEU E 173 1.02 -33.63 7.70
CA LEU E 173 2.25 -33.11 7.11
C LEU E 173 3.30 -34.20 7.03
N VAL E 174 3.70 -34.56 5.81
CA VAL E 174 4.69 -35.60 5.59
C VAL E 174 6.01 -35.01 5.08
N LEU E 175 7.08 -35.23 5.83
CA LEU E 175 8.42 -34.81 5.43
C LEU E 175 9.29 -36.01 5.08
N TRP E 176 10.13 -35.86 4.07
CA TRP E 176 11.11 -36.88 3.71
C TRP E 176 12.33 -36.22 3.10
N GLY E 177 13.30 -37.02 2.69
CA GLY E 177 14.52 -36.47 2.12
C GLY E 177 15.15 -37.38 1.08
N VAL E 178 16.03 -36.82 0.27
CA VAL E 178 16.76 -37.56 -0.75
C VAL E 178 18.25 -37.28 -0.61
N HIS E 179 19.03 -38.35 -0.53
CA HIS E 179 20.47 -38.26 -0.29
C HIS E 179 21.24 -38.35 -1.60
N HIS E 180 22.18 -37.42 -1.79
CA HIS E 180 22.99 -37.37 -3.01
C HIS E 180 24.47 -37.58 -2.71
N PRO E 181 25.01 -38.77 -3.00
CA PRO E 181 26.44 -39.04 -2.79
C PRO E 181 27.36 -38.26 -3.73
N PRO E 182 28.58 -37.93 -3.28
CA PRO E 182 29.56 -37.23 -4.11
C PRO E 182 30.15 -38.11 -5.22
N THR E 183 30.23 -39.41 -4.96
CA THR E 183 30.83 -40.35 -5.91
C THR E 183 29.93 -41.54 -6.17
N GLY E 184 30.14 -42.19 -7.31
CA GLY E 184 29.39 -43.38 -7.66
C GLY E 184 29.80 -44.58 -6.83
N THR E 185 31.00 -44.53 -6.27
CA THR E 185 31.50 -45.62 -5.46
C THR E 185 30.73 -45.68 -4.16
N GLU E 186 30.47 -44.50 -3.59
CA GLU E 186 29.71 -44.40 -2.36
C GLU E 186 28.24 -44.76 -2.61
N GLN E 187 27.74 -44.42 -3.79
CA GLN E 187 26.38 -44.76 -4.18
C GLN E 187 26.14 -46.26 -4.11
N GLN E 188 27.03 -47.04 -4.70
CA GLN E 188 26.91 -48.50 -4.67
C GLN E 188 27.31 -49.04 -3.30
N SER E 189 28.15 -48.32 -2.59
CA SER E 189 28.56 -48.71 -1.25
C SER E 189 27.35 -48.69 -0.34
N LEU E 190 26.47 -47.71 -0.55
CA LEU E 190 25.29 -47.57 0.29
C LEU E 190 24.07 -48.30 -0.29
N TYR E 191 23.65 -47.91 -1.49
CA TYR E 191 22.43 -48.48 -2.08
C TYR E 191 22.61 -49.55 -3.18
N GLN E 192 23.85 -49.78 -3.61
CA GLN E 192 24.21 -50.82 -4.57
C GLN E 192 23.66 -50.58 -5.99
N ASN E 193 22.68 -49.69 -6.14
CA ASN E 193 22.04 -49.46 -7.43
C ASN E 193 22.44 -48.09 -7.96
N ALA E 194 23.05 -48.10 -9.15
CA ALA E 194 23.46 -46.86 -9.80
C ALA E 194 22.26 -46.15 -10.42
N ASP E 195 21.28 -46.96 -10.82
CA ASP E 195 20.07 -46.47 -11.49
C ASP E 195 18.95 -46.11 -10.51
N ALA E 196 19.28 -46.06 -9.22
CA ALA E 196 18.27 -45.90 -8.18
C ALA E 196 17.45 -44.64 -8.35
N TYR E 197 16.25 -44.64 -7.79
CA TYR E 197 15.32 -43.52 -7.88
C TYR E 197 14.39 -43.48 -6.67
N VAL E 198 13.80 -42.32 -6.43
CA VAL E 198 12.74 -42.17 -5.44
C VAL E 198 11.52 -41.55 -6.10
N SER E 199 10.37 -42.16 -5.90
CA SER E 199 9.12 -41.63 -6.43
C SER E 199 8.09 -41.49 -5.32
N VAL E 200 7.51 -40.29 -5.23
CA VAL E 200 6.50 -39.99 -4.21
C VAL E 200 5.25 -39.47 -4.89
N GLY E 201 4.10 -40.00 -4.49
CA GLY E 201 2.86 -39.56 -5.08
C GLY E 201 1.64 -39.68 -4.20
N SER E 202 0.68 -38.81 -4.47
CA SER E 202 -0.60 -38.75 -3.78
C SER E 202 -1.62 -38.24 -4.76
N SER E 203 -2.80 -37.89 -4.26
CA SER E 203 -3.81 -37.28 -5.12
C SER E 203 -3.32 -35.92 -5.62
N LYS E 204 -2.78 -35.12 -4.70
CA LYS E 204 -2.35 -33.76 -5.00
C LYS E 204 -0.86 -33.60 -5.28
N TYR E 205 -0.09 -34.68 -5.20
CA TYR E 205 1.36 -34.60 -5.35
C TYR E 205 1.92 -35.73 -6.21
N ASN E 206 2.80 -35.39 -7.15
CA ASN E 206 3.56 -36.40 -7.89
C ASN E 206 4.96 -35.88 -8.21
N ARG E 207 5.96 -36.71 -7.97
CA ARG E 207 7.37 -36.35 -8.22
C ARG E 207 8.26 -37.58 -8.32
N ARG E 208 9.40 -37.41 -8.98
CA ARG E 208 10.40 -38.46 -9.09
C ARG E 208 11.76 -37.85 -8.82
N PHE E 209 12.63 -38.61 -8.16
CA PHE E 209 13.95 -38.15 -7.79
C PHE E 209 15.02 -39.15 -8.19
N THR E 210 16.12 -38.65 -8.75
CA THR E 210 17.26 -39.48 -9.08
C THR E 210 18.50 -38.92 -8.39
N PRO E 211 19.40 -39.80 -7.92
CA PRO E 211 20.61 -39.30 -7.27
C PRO E 211 21.50 -38.52 -8.22
N GLU E 212 21.77 -37.27 -7.86
CA GLU E 212 22.69 -36.44 -8.61
C GLU E 212 24.09 -36.66 -8.03
N ILE E 213 24.96 -37.30 -8.80
CA ILE E 213 26.28 -37.69 -8.32
C ILE E 213 27.34 -36.75 -8.88
N ALA E 214 28.06 -36.07 -7.98
CA ALA E 214 29.12 -35.14 -8.40
C ALA E 214 29.92 -34.64 -7.21
N ALA E 215 31.11 -34.13 -7.49
CA ALA E 215 31.98 -33.57 -6.46
C ALA E 215 31.52 -32.16 -6.08
N ARG E 216 31.43 -31.92 -4.77
CA ARG E 216 31.02 -30.62 -4.25
C ARG E 216 31.89 -30.24 -3.06
N PRO E 217 31.96 -28.92 -2.75
CA PRO E 217 32.74 -28.50 -1.57
C PRO E 217 32.16 -29.08 -0.30
N LYS E 218 33.03 -29.37 0.67
CA LYS E 218 32.59 -29.96 1.91
C LYS E 218 31.86 -28.96 2.80
N VAL E 219 30.64 -29.30 3.19
CA VAL E 219 29.89 -28.54 4.18
C VAL E 219 29.69 -29.43 5.40
N ARG E 220 30.15 -28.95 6.56
CA ARG E 220 30.16 -29.75 7.79
C ARG E 220 30.86 -31.09 7.53
N GLY E 221 31.92 -31.03 6.72
CA GLY E 221 32.73 -32.21 6.46
C GLY E 221 32.24 -33.11 5.35
N LEU E 222 31.05 -32.81 4.82
CA LEU E 222 30.43 -33.67 3.82
C LEU E 222 30.39 -33.03 2.43
N ALA E 223 30.87 -33.78 1.44
CA ALA E 223 30.72 -33.40 0.04
C ALA E 223 29.36 -33.87 -0.49
N SER E 224 28.72 -34.76 0.26
CA SER E 224 27.38 -35.22 -0.05
C SER E 224 26.36 -34.14 0.27
N ARG E 225 25.17 -34.27 -0.29
CA ARG E 225 24.07 -33.37 0.04
C ARG E 225 22.81 -34.17 0.37
N MET E 226 21.92 -33.57 1.16
CA MET E 226 20.62 -34.17 1.45
C MET E 226 19.52 -33.13 1.29
N ASN E 227 18.64 -33.32 0.32
CA ASN E 227 17.54 -32.41 0.07
C ASN E 227 16.27 -32.85 0.76
N TYR E 228 15.48 -31.89 1.24
CA TYR E 228 14.28 -32.16 2.04
C TYR E 228 13.00 -31.67 1.35
N TYR E 229 12.02 -32.57 1.29
CA TYR E 229 10.75 -32.29 0.62
C TYR E 229 9.57 -32.56 1.55
N TRP E 230 8.46 -31.86 1.31
CA TRP E 230 7.27 -31.99 2.15
C TRP E 230 5.98 -31.84 1.36
N THR E 231 4.89 -32.36 1.92
CA THR E 231 3.56 -32.17 1.36
C THR E 231 2.51 -32.24 2.45
N LEU E 232 1.42 -31.47 2.29
CA LEU E 232 0.29 -31.55 3.20
C LEU E 232 -0.77 -32.47 2.64
N LEU E 233 -0.95 -33.61 3.31
CA LEU E 233 -1.85 -34.66 2.85
C LEU E 233 -3.28 -34.39 3.32
N GLU E 234 -4.21 -34.33 2.36
CA GLU E 234 -5.60 -34.05 2.69
C GLU E 234 -6.26 -35.23 3.40
N PRO E 235 -7.28 -34.96 4.22
CA PRO E 235 -8.02 -36.06 4.87
C PRO E 235 -8.59 -37.05 3.85
N GLY E 236 -8.35 -38.34 4.06
CA GLY E 236 -8.84 -39.37 3.17
C GLY E 236 -7.85 -39.70 2.06
N ASP E 237 -6.93 -38.79 1.81
CA ASP E 237 -5.96 -38.98 0.74
C ASP E 237 -4.85 -39.96 1.16
N THR E 238 -4.24 -40.58 0.16
CA THR E 238 -3.16 -41.54 0.38
C THR E 238 -1.84 -40.99 -0.18
N ILE E 239 -0.73 -41.32 0.47
CA ILE E 239 0.59 -41.01 -0.07
C ILE E 239 1.39 -42.30 -0.19
N THR E 240 2.10 -42.46 -1.30
CA THR E 240 2.82 -43.70 -1.59
C THR E 240 4.29 -43.44 -1.93
N PHE E 241 5.17 -44.10 -1.20
CA PHE E 241 6.61 -44.02 -1.44
C PHE E 241 7.12 -45.26 -2.16
N GLU E 242 7.82 -45.05 -3.27
CA GLU E 242 8.56 -46.12 -3.94
C GLU E 242 9.98 -45.65 -4.17
N ALA E 243 10.94 -46.49 -3.77
CA ALA E 243 12.34 -46.15 -3.93
C ALA E 243 13.23 -47.39 -4.11
N THR E 244 14.25 -47.26 -4.95
CA THR E 244 15.31 -48.26 -5.10
C THR E 244 16.61 -47.79 -4.42
N GLY E 245 16.53 -46.67 -3.73
CA GLY E 245 17.67 -46.12 -3.01
C GLY E 245 17.57 -44.64 -2.81
N ASN E 246 18.50 -44.12 -2.02
CA ASN E 246 18.72 -42.69 -1.87
C ASN E 246 17.55 -41.99 -1.19
N LEU E 247 16.65 -42.76 -0.60
CA LEU E 247 15.49 -42.19 0.10
C LEU E 247 15.78 -42.03 1.59
N ILE E 248 15.46 -40.86 2.13
CA ILE E 248 15.44 -40.68 3.57
C ILE E 248 13.97 -40.75 3.97
N ALA E 249 13.60 -41.87 4.58
CA ALA E 249 12.19 -42.23 4.70
C ALA E 249 11.51 -41.52 5.86
N PRO E 250 10.20 -41.22 5.72
CA PRO E 250 9.45 -40.70 6.86
C PRO E 250 9.33 -41.72 7.98
N TRP E 251 9.60 -41.29 9.22
CA TRP E 251 9.40 -42.13 10.39
C TRP E 251 8.20 -41.61 11.15
N TYR E 252 8.30 -40.37 11.61
CA TYR E 252 7.21 -39.67 12.26
C TYR E 252 6.66 -38.60 11.32
N ALA E 253 5.36 -38.36 11.42
CA ALA E 253 4.72 -37.31 10.65
C ALA E 253 3.87 -36.48 11.60
N PHE E 254 3.23 -35.45 11.06
CA PHE E 254 2.42 -34.54 11.87
C PHE E 254 1.02 -34.42 11.33
N ALA E 255 0.03 -34.57 12.21
CA ALA E 255 -1.37 -34.34 11.86
C ALA E 255 -1.77 -33.00 12.45
N LEU E 256 -2.41 -32.15 11.65
CA LEU E 256 -2.70 -30.80 12.10
C LEU E 256 -3.86 -30.09 11.40
N ASN E 257 -4.37 -29.06 12.07
CA ASN E 257 -5.32 -28.11 11.50
C ASN E 257 -4.73 -26.71 11.41
N ARG E 258 -4.47 -26.24 10.20
CA ARG E 258 -3.85 -24.93 10.01
C ARG E 258 -4.81 -23.79 10.35
N GLY E 259 -4.27 -22.79 11.03
CA GLY E 259 -4.95 -21.52 11.22
C GLY E 259 -4.66 -20.63 10.03
N SER E 260 -4.76 -19.31 10.22
CA SER E 260 -4.47 -18.38 9.14
C SER E 260 -4.02 -17.01 9.66
N GLY E 261 -3.37 -16.26 8.79
CA GLY E 261 -3.01 -14.88 9.07
C GLY E 261 -2.09 -14.66 10.26
N SER E 262 -1.22 -15.61 10.54
CA SER E 262 -0.19 -15.44 11.56
C SER E 262 1.21 -15.45 10.96
N GLY E 263 2.22 -15.38 11.81
CA GLY E 263 3.60 -15.30 11.34
C GLY E 263 4.62 -15.75 12.36
N ILE E 264 5.89 -15.53 12.04
CA ILE E 264 7.01 -15.90 12.91
C ILE E 264 7.67 -14.66 13.49
N ILE E 265 7.99 -14.71 14.77
CA ILE E 265 8.71 -13.64 15.46
C ILE E 265 10.10 -14.09 15.87
N THR E 266 11.10 -13.27 15.56
CA THR E 266 12.46 -13.51 16.03
C THR E 266 12.76 -12.58 17.19
N SER E 267 12.81 -13.13 18.39
CA SER E 267 13.03 -12.32 19.59
C SER E 267 13.68 -13.12 20.71
N ASP E 268 14.56 -12.46 21.47
CA ASP E 268 15.19 -13.07 22.63
C ASP E 268 14.42 -12.73 23.91
N ALA E 269 13.31 -12.02 23.75
CA ALA E 269 12.45 -11.67 24.87
C ALA E 269 11.85 -12.94 25.49
N PRO E 270 11.70 -12.96 26.83
CA PRO E 270 11.16 -14.14 27.52
C PRO E 270 9.65 -14.34 27.27
N VAL E 271 9.25 -15.59 27.08
CA VAL E 271 7.85 -15.94 26.90
C VAL E 271 7.19 -16.14 28.26
N HIS E 272 6.07 -15.46 28.49
CA HIS E 272 5.37 -15.53 29.76
C HIS E 272 3.88 -15.87 29.56
N ASP E 273 3.14 -15.92 30.66
CA ASP E 273 1.75 -16.37 30.65
C ASP E 273 0.77 -15.20 30.46
N CYS E 274 1.30 -14.01 30.20
CA CYS E 274 0.44 -12.84 30.03
C CYS E 274 -0.33 -12.90 28.71
N ASN E 275 -1.24 -11.94 28.52
CA ASN E 275 -2.05 -11.84 27.30
C ASN E 275 -1.96 -10.48 26.65
N THR E 276 -2.10 -10.45 25.32
CA THR E 276 -2.09 -9.19 24.57
C THR E 276 -2.83 -9.34 23.25
N LYS E 277 -3.30 -8.21 22.71
CA LYS E 277 -3.88 -8.19 21.36
C LYS E 277 -2.85 -7.80 20.29
N CYS E 278 -1.69 -7.31 20.72
CA CYS E 278 -0.64 -6.91 19.79
C CYS E 278 0.74 -7.33 20.29
N GLN E 279 1.46 -8.09 19.47
CA GLN E 279 2.78 -8.59 19.84
C GLN E 279 3.88 -8.04 18.94
N THR E 280 4.94 -7.54 19.55
CA THR E 280 6.13 -7.09 18.83
C THR E 280 7.33 -7.88 19.35
N PRO E 281 8.41 -7.96 18.55
CA PRO E 281 9.60 -8.69 19.00
C PRO E 281 10.24 -8.07 20.24
N HIS E 282 10.00 -6.78 20.46
CA HIS E 282 10.52 -6.11 21.64
C HIS E 282 9.68 -6.44 22.86
N GLY E 283 8.39 -6.66 22.65
CA GLY E 283 7.46 -6.97 23.72
C GLY E 283 6.03 -6.67 23.32
N ALA E 284 5.08 -7.06 24.18
CA ALA E 284 3.67 -6.81 23.91
C ALA E 284 3.32 -5.35 24.19
N ILE E 285 2.30 -4.84 23.50
CA ILE E 285 1.88 -3.46 23.67
C ILE E 285 0.37 -3.33 23.80
N ASN E 286 -0.07 -2.18 24.33
CA ASN E 286 -1.48 -1.86 24.46
C ASN E 286 -2.03 -1.38 23.11
N SER E 287 -3.14 -1.98 22.68
CA SER E 287 -3.69 -1.70 21.35
C SER E 287 -4.78 -0.61 21.36
N SER E 288 -4.99 0.02 22.52
CA SER E 288 -6.05 1.02 22.64
C SER E 288 -5.77 2.31 21.85
N LEU E 289 -4.50 2.68 21.72
CA LEU E 289 -4.14 3.90 20.98
C LEU E 289 -3.99 3.61 19.48
N PRO E 290 -4.22 4.62 18.64
CA PRO E 290 -4.11 4.45 17.17
C PRO E 290 -2.70 4.27 16.63
N PHE E 291 -1.68 4.76 17.34
CA PHE E 291 -0.31 4.75 16.83
C PHE E 291 0.71 4.23 17.83
N GLN E 292 1.78 3.62 17.33
CA GLN E 292 2.87 3.12 18.17
C GLN E 292 4.23 3.27 17.49
N ASN E 293 5.25 3.64 18.27
CA ASN E 293 6.63 3.75 17.78
C ASN E 293 7.49 2.54 18.21
N ILE E 294 6.85 1.54 18.81
CA ILE E 294 7.51 0.34 19.36
C ILE E 294 8.24 -0.57 18.37
N HIS E 295 7.67 -0.85 17.21
CA HIS E 295 8.33 -1.73 16.26
C HIS E 295 7.57 -1.75 14.93
N PRO E 296 8.28 -1.74 13.79
CA PRO E 296 7.58 -1.79 12.50
C PRO E 296 6.93 -3.14 12.20
N VAL E 297 7.53 -4.20 12.72
CA VAL E 297 7.07 -5.57 12.50
C VAL E 297 6.25 -6.08 13.68
N THR E 298 4.95 -6.30 13.46
CA THR E 298 4.07 -6.76 14.53
C THR E 298 3.21 -7.93 14.10
N ILE E 299 2.63 -8.61 15.09
CA ILE E 299 1.62 -9.64 14.85
C ILE E 299 0.44 -9.43 15.80
N GLY E 300 -0.72 -9.14 15.24
CA GLY E 300 -1.93 -8.98 16.03
C GLY E 300 -2.85 -7.93 15.43
N GLU E 301 -3.78 -7.46 16.24
CA GLU E 301 -4.53 -6.26 15.92
C GLU E 301 -3.79 -5.12 16.61
N CYS E 302 -3.12 -4.30 15.81
CA CYS E 302 -2.12 -3.37 16.35
C CYS E 302 -2.31 -1.94 15.89
N PRO E 303 -1.85 -0.98 16.72
CA PRO E 303 -1.77 0.41 16.27
C PRO E 303 -0.79 0.55 15.10
N LYS E 304 -1.03 1.52 14.23
CA LYS E 304 -0.16 1.72 13.07
C LYS E 304 1.21 2.24 13.51
N TYR E 305 2.25 1.65 12.94
CA TYR E 305 3.61 2.04 13.29
C TYR E 305 3.97 3.35 12.60
N VAL E 306 4.51 4.29 13.38
CA VAL E 306 4.93 5.59 12.87
C VAL E 306 6.33 5.93 13.33
N ARG E 307 6.98 6.84 12.63
CA ARG E 307 8.33 7.25 12.95
C ARG E 307 8.34 8.31 14.05
N SER E 308 7.15 8.76 14.44
CA SER E 308 6.99 9.81 15.43
C SER E 308 7.55 9.44 16.79
N THR E 309 8.37 10.33 17.35
CA THR E 309 8.80 10.22 18.74
C THR E 309 7.73 10.81 19.66
N LYS E 310 7.00 11.80 19.16
CA LYS E 310 5.96 12.48 19.93
C LYS E 310 4.68 12.77 19.12
N LEU E 311 3.56 12.24 19.59
CA LEU E 311 2.25 12.71 19.18
C LEU E 311 1.44 13.03 20.43
N ARG E 312 1.18 14.31 20.65
CA ARG E 312 0.50 14.76 21.85
C ARG E 312 -0.61 15.71 21.49
N MET E 313 -1.81 15.41 21.99
CA MET E 313 -3.01 16.11 21.58
C MET E 313 -3.49 17.06 22.67
N ALA E 314 -3.58 18.34 22.32
CA ALA E 314 -4.06 19.35 23.26
C ALA E 314 -5.52 19.11 23.58
N THR E 315 -5.81 19.11 24.89
CA THR E 315 -7.16 18.96 25.41
C THR E 315 -7.57 20.29 26.03
N GLY E 316 -6.68 20.79 26.89
CA GLY E 316 -6.92 22.01 27.63
C GLY E 316 -6.53 23.19 26.77
N LEU E 317 -6.31 24.32 27.42
CA LEU E 317 -5.98 25.59 26.77
C LEU E 317 -4.59 26.05 27.13
N ARG E 318 -4.13 27.13 26.50
CA ARG E 318 -2.79 27.64 26.79
C ARG E 318 -2.60 27.95 28.25
N ASN E 319 -1.49 27.48 28.78
CA ASN E 319 -1.17 27.73 30.17
C ASN E 319 -0.37 29.02 30.27
N ILE E 320 -0.93 29.99 30.99
CA ILE E 320 -0.28 31.28 31.19
C ILE E 320 -0.42 31.71 32.64
N PRO E 321 0.48 31.22 33.51
CA PRO E 321 0.51 31.63 34.91
C PRO E 321 1.43 32.83 35.14
N GLY F 1 -4.22 34.54 19.67
CA GLY F 1 -5.43 33.69 19.50
C GLY F 1 -6.25 34.11 18.29
N LEU F 2 -6.95 33.16 17.70
CA LEU F 2 -7.76 33.42 16.51
C LEU F 2 -8.94 34.32 16.82
N PHE F 3 -9.57 34.10 17.97
CA PHE F 3 -10.71 34.90 18.41
C PHE F 3 -10.30 36.03 19.34
N GLY F 4 -9.01 36.13 19.63
CA GLY F 4 -8.49 37.29 20.33
C GLY F 4 -8.83 37.40 21.81
N ALA F 5 -9.20 36.30 22.45
CA ALA F 5 -9.49 36.33 23.88
C ALA F 5 -8.32 35.81 24.71
N ILE F 6 -7.96 34.54 24.51
CA ILE F 6 -6.83 33.95 25.23
C ILE F 6 -5.53 34.45 24.61
N ALA F 7 -4.66 35.02 25.43
CA ALA F 7 -3.47 35.73 24.98
C ALA F 7 -3.90 36.90 24.10
N GLY F 8 -5.16 37.27 24.26
CA GLY F 8 -5.78 38.39 23.57
C GLY F 8 -5.90 39.56 24.53
N PHE F 9 -6.98 40.32 24.40
CA PHE F 9 -7.24 41.40 25.34
C PHE F 9 -7.29 40.89 26.79
N ILE F 10 -7.61 39.61 26.99
CA ILE F 10 -7.43 38.97 28.30
C ILE F 10 -6.04 38.35 28.31
N GLU F 11 -5.16 38.92 29.13
CA GLU F 11 -3.71 38.69 28.99
C GLU F 11 -3.21 37.38 29.59
N GLY F 12 -3.87 36.87 30.62
CA GLY F 12 -3.39 35.68 31.30
C GLY F 12 -4.46 34.85 31.98
N GLY F 13 -4.05 33.69 32.48
CA GLY F 13 -4.96 32.76 33.14
C GLY F 13 -4.88 32.84 34.66
N TRP F 14 -5.85 32.23 35.32
CA TRP F 14 -5.95 32.26 36.77
C TRP F 14 -5.60 30.93 37.41
N THR F 15 -4.46 30.88 38.12
CA THR F 15 -4.09 29.69 38.87
C THR F 15 -5.01 29.51 40.07
N GLY F 16 -5.66 30.59 40.47
CA GLY F 16 -6.52 30.60 41.63
C GLY F 16 -7.86 29.94 41.39
N MET F 17 -8.18 29.64 40.13
CA MET F 17 -9.45 29.00 39.78
C MET F 17 -9.19 27.54 39.45
N ILE F 18 -9.53 26.64 40.38
CA ILE F 18 -9.29 25.21 40.20
C ILE F 18 -10.48 24.36 39.72
N ASP F 19 -11.68 24.92 39.71
CA ASP F 19 -12.88 24.11 39.46
C ASP F 19 -13.38 24.09 38.01
N GLY F 20 -12.71 24.79 37.11
CA GLY F 20 -13.13 24.82 35.72
C GLY F 20 -12.18 25.51 34.75
N TRP F 21 -12.46 25.35 33.46
CA TRP F 21 -11.63 25.97 32.43
C TRP F 21 -11.89 27.47 32.29
N TYR F 22 -13.18 27.85 32.31
CA TYR F 22 -13.56 29.25 32.18
C TYR F 22 -14.38 29.68 33.39
N GLY F 23 -14.23 30.94 33.78
CA GLY F 23 -14.94 31.43 34.95
C GLY F 23 -14.89 32.93 35.17
N TYR F 24 -15.29 33.33 36.37
CA TYR F 24 -15.33 34.74 36.75
C TYR F 24 -14.50 35.01 38.01
N HIS F 25 -13.97 36.23 38.11
CA HIS F 25 -13.39 36.72 39.36
C HIS F 25 -14.15 37.94 39.87
N HIS F 26 -14.87 37.76 40.98
CA HIS F 26 -15.67 38.83 41.56
C HIS F 26 -14.91 39.51 42.70
N GLN F 27 -15.07 40.83 42.80
CA GLN F 27 -14.57 41.59 43.94
C GLN F 27 -15.66 42.59 44.33
N ASN F 28 -16.07 42.53 45.60
CA ASN F 28 -17.13 43.42 46.09
C ASN F 28 -17.02 43.69 47.59
N GLU F 29 -18.07 44.28 48.14
CA GLU F 29 -18.14 44.65 49.56
C GLU F 29 -17.79 43.51 50.50
N GLN F 30 -18.32 42.33 50.18
CA GLN F 30 -18.17 41.14 51.03
C GLN F 30 -16.82 40.45 50.90
N GLY F 31 -16.17 40.59 49.74
CA GLY F 31 -14.90 39.92 49.54
C GLY F 31 -14.57 39.71 48.07
N SER F 32 -13.60 38.83 47.82
CA SER F 32 -13.22 38.46 46.47
C SER F 32 -12.92 36.96 46.38
N GLY F 33 -13.07 36.40 45.20
CA GLY F 33 -12.82 34.99 44.97
C GLY F 33 -13.02 34.59 43.52
N TYR F 34 -12.83 33.31 43.22
CA TYR F 34 -12.99 32.78 41.86
C TYR F 34 -14.20 31.84 41.78
N ALA F 35 -14.90 31.91 40.65
CA ALA F 35 -16.01 31.00 40.37
C ALA F 35 -16.03 30.65 38.89
N ALA F 36 -16.12 29.36 38.59
CA ALA F 36 -16.12 28.88 37.20
C ALA F 36 -17.53 28.75 36.65
N ASP F 37 -17.72 29.12 35.38
CA ASP F 37 -18.99 28.90 34.73
C ASP F 37 -19.03 27.45 34.30
N GLN F 38 -19.97 26.70 34.84
CA GLN F 38 -20.01 25.26 34.63
C GLN F 38 -20.62 24.87 33.30
N LYS F 39 -21.49 25.72 32.76
CA LYS F 39 -22.13 25.42 31.49
C LYS F 39 -21.11 25.46 30.35
N SER F 40 -20.33 26.53 30.31
CA SER F 40 -19.33 26.69 29.26
C SER F 40 -18.17 25.70 29.43
N THR F 41 -17.86 25.38 30.69
CA THR F 41 -16.78 24.44 30.99
C THR F 41 -17.19 23.02 30.64
N GLN F 42 -18.39 22.63 31.04
CA GLN F 42 -18.88 21.26 30.82
C GLN F 42 -19.09 21.00 29.32
N ASN F 43 -19.58 22.01 28.60
CA ASN F 43 -19.77 21.89 27.16
C ASN F 43 -18.44 21.67 26.45
N ALA F 44 -17.42 22.39 26.88
CA ALA F 44 -16.09 22.26 26.30
C ALA F 44 -15.52 20.87 26.58
N ILE F 45 -15.67 20.41 27.82
CA ILE F 45 -15.21 19.08 28.20
C ILE F 45 -15.84 18.01 27.33
N ASP F 46 -17.16 18.05 27.20
CA ASP F 46 -17.89 17.09 26.38
C ASP F 46 -17.39 17.10 24.94
N GLY F 47 -17.13 18.28 24.41
CA GLY F 47 -16.66 18.42 23.05
C GLY F 47 -15.28 17.82 22.82
N ILE F 48 -14.33 18.22 23.65
CA ILE F 48 -12.96 17.73 23.53
C ILE F 48 -12.89 16.23 23.79
N THR F 49 -13.71 15.74 24.71
CA THR F 49 -13.74 14.31 25.01
C THR F 49 -14.23 13.52 23.80
N ASN F 50 -15.18 14.09 23.07
CA ASN F 50 -15.68 13.45 21.86
C ASN F 50 -14.63 13.52 20.76
N LYS F 51 -13.85 14.58 20.76
CA LYS F 51 -12.78 14.75 19.78
C LYS F 51 -11.69 13.71 19.99
N VAL F 52 -11.21 13.58 21.22
CA VAL F 52 -10.16 12.62 21.53
C VAL F 52 -10.63 11.20 21.24
N ASN F 53 -11.85 10.88 21.66
CA ASN F 53 -12.41 9.54 21.42
C ASN F 53 -12.59 9.26 19.94
N SER F 54 -12.91 10.29 19.16
CA SER F 54 -13.09 10.14 17.73
C SER F 54 -11.78 9.75 17.06
N VAL F 55 -10.71 10.46 17.42
CA VAL F 55 -9.38 10.20 16.85
C VAL F 55 -8.91 8.79 17.21
N ILE F 56 -9.20 8.36 18.43
CA ILE F 56 -8.78 7.04 18.90
C ILE F 56 -9.67 5.91 18.37
N GLU F 57 -10.98 6.08 18.46
CA GLU F 57 -11.90 4.96 18.22
C GLU F 57 -12.23 4.72 16.75
N LYS F 58 -11.94 5.69 15.89
CA LYS F 58 -12.19 5.50 14.47
C LYS F 58 -11.11 4.60 13.86
N MET F 59 -10.08 4.31 14.64
CA MET F 59 -9.03 3.39 14.22
C MET F 59 -9.41 1.96 14.54
N ASN F 60 -9.58 1.15 13.50
CA ASN F 60 -9.87 -0.26 13.65
C ASN F 60 -9.02 -1.07 12.67
N THR F 61 -8.42 -2.14 13.19
CA THR F 61 -7.45 -2.93 12.45
C THR F 61 -7.85 -4.40 12.46
N GLN F 62 -7.48 -5.12 11.41
CA GLN F 62 -7.70 -6.55 11.32
C GLN F 62 -6.42 -7.26 11.69
N PHE F 63 -6.56 -8.43 12.30
CA PHE F 63 -5.41 -9.23 12.71
C PHE F 63 -4.49 -9.47 11.54
N THR F 64 -3.24 -9.05 11.68
CA THR F 64 -2.25 -9.13 10.60
C THR F 64 -0.85 -9.40 11.14
N ALA F 65 -0.14 -10.31 10.48
CA ALA F 65 1.28 -10.51 10.73
C ALA F 65 2.07 -9.82 9.62
N VAL F 66 2.75 -8.74 9.97
CA VAL F 66 3.43 -7.91 8.99
C VAL F 66 4.61 -8.63 8.36
N GLY F 67 5.34 -9.40 9.18
CA GLY F 67 6.56 -10.04 8.73
C GLY F 67 6.37 -11.02 7.58
N LYS F 68 7.36 -11.08 6.70
CA LYS F 68 7.38 -12.02 5.60
C LYS F 68 8.82 -12.46 5.34
N GLU F 69 9.00 -13.71 4.94
CA GLU F 69 10.32 -14.28 4.70
C GLU F 69 10.52 -14.64 3.22
N PHE F 70 11.70 -14.31 2.70
CA PHE F 70 12.04 -14.58 1.30
C PHE F 70 13.47 -15.10 1.13
N ASN F 71 13.66 -16.00 0.16
CA ASN F 71 15.00 -16.52 -0.12
C ASN F 71 15.76 -15.64 -1.11
N ASN F 72 16.99 -16.02 -1.42
CA ASN F 72 17.91 -15.14 -2.15
C ASN F 72 17.60 -15.02 -3.64
N LEU F 73 16.70 -15.86 -4.14
CA LEU F 73 16.19 -15.71 -5.51
C LEU F 73 14.82 -15.01 -5.56
N GLU F 74 14.29 -14.66 -4.40
CA GLU F 74 13.01 -13.97 -4.28
C GLU F 74 13.13 -12.45 -4.09
N ARG F 75 14.33 -11.92 -4.24
CA ARG F 75 14.64 -10.53 -3.89
C ARG F 75 13.61 -9.49 -4.34
N ARG F 76 13.06 -9.67 -5.55
CA ARG F 76 12.12 -8.69 -6.09
C ARG F 76 10.87 -8.52 -5.23
N ILE F 77 10.21 -9.62 -4.87
CA ILE F 77 8.98 -9.51 -4.07
C ILE F 77 9.32 -9.18 -2.62
N GLU F 78 10.58 -9.36 -2.23
CA GLU F 78 11.06 -8.93 -0.92
C GLU F 78 11.08 -7.41 -0.88
N ASN F 79 11.54 -6.80 -1.99
CA ASN F 79 11.58 -5.36 -2.10
C ASN F 79 10.18 -4.78 -2.34
N LEU F 80 9.32 -5.54 -3.00
CA LEU F 80 7.92 -5.17 -3.13
C LEU F 80 7.25 -5.13 -1.75
N ASN F 81 7.47 -6.18 -0.98
CA ASN F 81 6.94 -6.27 0.37
C ASN F 81 7.48 -5.13 1.23
N LYS F 82 8.72 -4.75 0.99
CA LYS F 82 9.35 -3.65 1.74
C LYS F 82 8.75 -2.31 1.35
N LYS F 83 8.44 -2.15 0.06
CA LYS F 83 7.84 -0.92 -0.42
C LYS F 83 6.45 -0.72 0.18
N VAL F 84 5.72 -1.82 0.37
CA VAL F 84 4.39 -1.77 0.97
C VAL F 84 4.49 -1.30 2.42
N ASP F 85 5.33 -1.96 3.20
CA ASP F 85 5.50 -1.63 4.61
C ASP F 85 6.01 -0.20 4.78
N ASP F 86 6.98 0.18 3.95
CA ASP F 86 7.53 1.53 3.99
C ASP F 86 6.52 2.57 3.52
N GLY F 87 5.68 2.17 2.56
CA GLY F 87 4.68 3.06 2.02
C GLY F 87 3.63 3.40 3.07
N PHE F 88 3.18 2.38 3.79
CA PHE F 88 2.20 2.57 4.85
C PHE F 88 2.81 3.39 5.99
N LEU F 89 4.11 3.23 6.19
CA LEU F 89 4.81 3.98 7.22
C LEU F 89 4.87 5.47 6.84
N ASP F 90 5.21 5.75 5.60
CA ASP F 90 5.28 7.12 5.11
C ASP F 90 3.91 7.80 5.18
N ILE F 91 2.87 7.07 4.81
CA ILE F 91 1.51 7.60 4.81
C ILE F 91 1.01 7.87 6.24
N TRP F 92 1.12 6.88 7.12
CA TRP F 92 0.58 6.99 8.47
C TRP F 92 1.33 8.00 9.33
N THR F 93 2.64 8.05 9.19
CA THR F 93 3.46 8.98 9.96
C THR F 93 3.09 10.42 9.59
N TYR F 94 3.08 10.71 8.30
CA TYR F 94 2.81 12.04 7.80
C TYR F 94 1.43 12.54 8.22
N ASN F 95 0.44 11.67 8.08
CA ASN F 95 -0.95 12.02 8.40
C ASN F 95 -1.15 12.26 9.90
N ALA F 96 -0.59 11.37 10.71
CA ALA F 96 -0.71 11.47 12.16
C ALA F 96 -0.09 12.78 12.67
N GLU F 97 1.10 13.10 12.17
CA GLU F 97 1.81 14.31 12.55
C GLU F 97 0.94 15.55 12.29
N LEU F 98 0.40 15.65 11.09
CA LEU F 98 -0.42 16.80 10.71
C LEU F 98 -1.77 16.80 11.44
N LEU F 99 -2.35 15.62 11.61
CA LEU F 99 -3.63 15.50 12.30
C LEU F 99 -3.55 16.13 13.68
N VAL F 100 -2.43 15.91 14.37
CA VAL F 100 -2.21 16.49 15.69
C VAL F 100 -1.95 17.98 15.59
N LEU F 101 -1.08 18.37 14.67
CA LEU F 101 -0.74 19.78 14.46
C LEU F 101 -1.99 20.61 14.18
N LEU F 102 -2.82 20.13 13.25
CA LEU F 102 -3.99 20.89 12.83
C LEU F 102 -5.06 20.93 13.91
N GLU F 103 -5.30 19.82 14.59
CA GLU F 103 -6.35 19.74 15.60
C GLU F 103 -5.94 20.38 16.93
N ASN F 104 -4.64 20.42 17.20
CA ASN F 104 -4.16 21.17 18.35
C ASN F 104 -4.48 22.65 18.15
N GLU F 105 -4.27 23.11 16.92
CA GLU F 105 -4.59 24.50 16.57
C GLU F 105 -6.08 24.77 16.71
N ARG F 106 -6.90 23.81 16.27
CA ARG F 106 -8.35 23.95 16.36
C ARG F 106 -8.84 23.91 17.80
N THR F 107 -8.21 23.08 18.61
CA THR F 107 -8.59 22.95 20.02
C THR F 107 -8.34 24.24 20.78
N LEU F 108 -7.20 24.87 20.54
CA LEU F 108 -6.88 26.12 21.21
C LEU F 108 -7.82 27.23 20.78
N ASP F 109 -8.22 27.22 19.51
CA ASP F 109 -9.19 28.20 19.01
C ASP F 109 -10.57 27.96 19.61
N PHE F 110 -10.87 26.70 19.89
CA PHE F 110 -12.15 26.35 20.50
C PHE F 110 -12.23 26.93 21.90
N HIS F 111 -11.12 26.87 22.63
CA HIS F 111 -11.04 27.47 23.95
C HIS F 111 -11.07 28.99 23.84
N ASP F 112 -10.29 29.51 22.90
CA ASP F 112 -10.26 30.96 22.64
C ASP F 112 -11.65 31.49 22.31
N SER F 113 -12.39 30.75 21.50
CA SER F 113 -13.75 31.12 21.14
C SER F 113 -14.67 31.15 22.35
N ASN F 114 -14.60 30.09 23.16
CA ASN F 114 -15.47 29.96 24.32
C ASN F 114 -15.27 31.09 25.33
N VAL F 115 -14.03 31.51 25.50
CA VAL F 115 -13.72 32.60 26.43
C VAL F 115 -14.34 33.91 25.93
N ARG F 116 -14.20 34.19 24.63
CA ARG F 116 -14.76 35.41 24.06
C ARG F 116 -16.28 35.38 24.12
N ASN F 117 -16.87 34.22 23.83
CA ASN F 117 -18.32 34.05 23.89
C ASN F 117 -18.85 34.34 25.30
N LEU F 118 -18.11 33.87 26.30
CA LEU F 118 -18.48 34.10 27.70
C LEU F 118 -18.38 35.58 28.04
N TYR F 119 -17.31 36.21 27.57
CA TYR F 119 -17.08 37.63 27.81
C TYR F 119 -18.23 38.50 27.31
N GLU F 120 -18.61 38.32 26.04
CA GLU F 120 -19.61 39.18 25.43
C GLU F 120 -21.04 38.79 25.77
N LYS F 121 -21.23 37.66 26.44
CA LYS F 121 -22.54 37.34 26.99
C LYS F 121 -22.71 38.21 28.23
N VAL F 122 -21.62 38.42 28.94
CA VAL F 122 -21.61 39.25 30.14
C VAL F 122 -21.70 40.72 29.75
N LYS F 123 -20.96 41.12 28.72
CA LYS F 123 -21.05 42.49 28.22
C LYS F 123 -22.49 42.79 27.85
N SER F 124 -23.15 41.81 27.23
CA SER F 124 -24.51 42.00 26.74
C SER F 124 -25.48 42.24 27.88
N GLN F 125 -25.24 41.60 29.02
CA GLN F 125 -26.11 41.73 30.18
C GLN F 125 -25.87 43.00 30.99
N LEU F 126 -24.61 43.34 31.21
CA LEU F 126 -24.26 44.49 32.03
C LEU F 126 -24.56 45.81 31.32
N LYS F 127 -24.29 45.84 30.02
CA LYS F 127 -24.49 47.04 29.21
C LYS F 127 -23.73 48.22 29.82
N ASN F 128 -24.41 49.34 30.07
CA ASN F 128 -23.75 50.54 30.59
C ASN F 128 -23.72 50.61 32.12
N ASN F 129 -24.23 49.58 32.78
CA ASN F 129 -24.22 49.52 34.24
C ASN F 129 -22.83 49.26 34.82
N ALA F 130 -21.88 48.93 33.94
CA ALA F 130 -20.50 48.71 34.32
C ALA F 130 -19.55 49.32 33.30
N LYS F 131 -18.29 49.49 33.71
CA LYS F 131 -17.27 50.05 32.81
C LYS F 131 -16.45 48.92 32.21
N GLU F 132 -16.18 49.03 30.92
CA GLU F 132 -15.35 48.05 30.24
C GLU F 132 -13.91 48.53 30.27
N ILE F 133 -13.14 47.92 31.15
CA ILE F 133 -11.74 48.23 31.33
C ILE F 133 -10.86 47.69 30.21
N GLY F 134 -11.15 46.48 29.74
CA GLY F 134 -10.23 45.77 28.89
C GLY F 134 -9.76 44.71 29.87
N ASN F 135 -8.91 43.79 29.46
CA ASN F 135 -8.33 42.76 30.34
C ASN F 135 -9.38 41.77 30.86
N GLY F 136 -10.59 41.85 30.34
CA GLY F 136 -11.66 40.95 30.71
C GLY F 136 -12.36 41.27 32.03
N CYS F 137 -12.21 42.50 32.52
CA CYS F 137 -12.83 42.90 33.78
C CYS F 137 -13.89 43.99 33.58
N PHE F 138 -14.98 43.87 34.33
CA PHE F 138 -16.03 44.89 34.35
C PHE F 138 -16.09 45.52 35.74
N GLU F 139 -15.92 46.84 35.80
CA GLU F 139 -16.02 47.57 37.07
C GLU F 139 -17.42 48.14 37.23
N PHE F 140 -18.13 47.70 38.27
CA PHE F 140 -19.50 48.12 38.50
C PHE F 140 -19.61 49.59 38.92
N TYR F 141 -20.63 50.25 38.39
CA TYR F 141 -20.94 51.63 38.75
C TYR F 141 -21.91 51.69 39.92
N HIS F 142 -22.24 50.53 40.47
CA HIS F 142 -23.19 50.41 41.57
C HIS F 142 -22.70 49.39 42.59
N LYS F 143 -23.55 49.06 43.56
CA LYS F 143 -23.20 48.05 44.55
C LYS F 143 -23.65 46.68 44.07
N CYS F 144 -22.73 45.72 44.11
CA CYS F 144 -23.04 44.35 43.72
C CYS F 144 -22.54 43.39 44.80
N ASP F 145 -23.48 42.72 45.48
CA ASP F 145 -23.13 41.75 46.51
C ASP F 145 -23.00 40.37 45.89
N ASP F 146 -22.71 39.35 46.70
CA ASP F 146 -22.55 37.99 46.20
C ASP F 146 -23.83 37.51 45.54
N ALA F 147 -24.96 38.04 45.98
CA ALA F 147 -26.25 37.73 45.36
C ALA F 147 -26.32 38.37 43.98
N CYS F 148 -25.79 39.58 43.86
CA CYS F 148 -25.77 40.30 42.60
C CYS F 148 -24.74 39.71 41.63
N MET F 149 -23.59 39.33 42.17
CA MET F 149 -22.55 38.70 41.36
C MET F 149 -23.08 37.40 40.74
N GLU F 150 -23.73 36.59 41.56
CA GLU F 150 -24.28 35.32 41.12
C GLU F 150 -25.33 35.49 40.02
N SER F 151 -26.03 36.62 40.01
CA SER F 151 -27.02 36.87 38.97
C SER F 151 -26.35 37.01 37.61
N VAL F 152 -25.17 37.63 37.60
CA VAL F 152 -24.39 37.78 36.37
C VAL F 152 -23.87 36.43 35.91
N ARG F 153 -23.35 35.66 36.86
CA ARG F 153 -22.79 34.35 36.57
C ARG F 153 -23.87 33.38 36.12
N ASN F 154 -25.06 33.52 36.69
CA ASN F 154 -26.18 32.65 36.37
C ASN F 154 -26.88 33.09 35.09
N GLY F 155 -26.51 34.26 34.58
CA GLY F 155 -27.14 34.80 33.38
C GLY F 155 -28.51 35.40 33.67
N THR F 156 -28.84 35.51 34.96
CA THR F 156 -30.12 36.04 35.41
C THR F 156 -30.07 37.51 35.78
N TYR F 157 -28.92 38.16 35.55
CA TYR F 157 -28.70 39.54 35.98
C TYR F 157 -29.80 40.48 35.50
N ASP F 158 -30.23 41.37 36.38
CA ASP F 158 -31.36 42.27 36.11
C ASP F 158 -30.89 43.69 35.81
N TYR F 159 -30.98 44.11 34.54
CA TYR F 159 -30.57 45.47 34.17
C TYR F 159 -31.57 46.53 34.66
N PRO F 160 -32.88 46.30 34.47
CA PRO F 160 -33.85 47.31 34.95
C PRO F 160 -34.06 47.19 36.45
N LYS F 161 -32.94 47.15 37.15
CA LYS F 161 -32.86 47.08 38.60
C LYS F 161 -31.92 48.19 39.02
N TYR F 162 -30.78 48.27 38.34
CA TYR F 162 -29.77 49.24 38.70
C TYR F 162 -29.76 50.44 37.75
N SER F 163 -30.45 51.49 38.20
CA SER F 163 -30.40 52.80 37.58
C SER F 163 -29.21 53.53 38.19
N GLU F 164 -29.08 53.32 39.51
CA GLU F 164 -28.01 53.88 40.34
C GLU F 164 -26.67 53.89 39.62
C1 GAL G . 23.45 -24.19 -39.76
C2 GAL G . 24.57 -23.28 -39.26
C3 GAL G . 25.91 -24.02 -39.00
C4 GAL G . 25.85 -25.59 -38.96
C5 GAL G . 24.45 -26.21 -39.21
C6 GAL G . 24.16 -27.44 -38.35
O2 GAL G . 24.85 -22.26 -40.22
O3 GAL G . 26.44 -23.62 -37.74
O4 GAL G . 26.34 -26.07 -37.72
O5 GAL G . 23.40 -25.30 -38.94
O6 GAL G . 23.01 -28.13 -38.83
H1 GAL G . 23.64 -24.47 -40.81
H2 GAL G . 24.22 -22.85 -38.30
H3 GAL G . 26.61 -23.72 -39.80
H4 GAL G . 26.51 -25.98 -39.77
H5 GAL G . 24.40 -26.50 -40.27
H61 GAL G . 25.00 -28.14 -38.41
H62 GAL G . 24.03 -27.12 -37.30
HO2 GAL G . 24.68 -21.42 -39.78
HO4 GAL G . 27.25 -26.35 -37.89
C1 SIA G . 27.44 -22.12 -36.68
C2 SIA G . 27.74 -23.53 -37.14
C3 SIA G . 29.20 -23.79 -37.48
C4 SIA G . 30.04 -23.74 -36.23
C5 SIA G . 29.52 -24.80 -35.30
C6 SIA G . 28.08 -24.46 -35.01
C7 SIA G . 27.49 -25.40 -33.99
C8 SIA G . 25.99 -25.21 -33.87
C9 SIA G . 25.36 -26.48 -33.33
C10 SIA G . 30.52 -26.02 -33.40
C11 SIA G . 31.36 -26.02 -32.14
N5 SIA G . 30.30 -24.81 -34.10
O1A SIA G . 28.07 -21.15 -37.18
O1B SIA G . 26.57 -21.91 -35.79
O4 SIA G . 31.39 -24.00 -36.52
O6 SIA G . 27.38 -24.54 -36.23
O7 SIA G . 27.78 -26.73 -34.38
O8 SIA G . 25.71 -24.14 -33.00
O9 SIA G . 24.23 -26.14 -32.55
O10 SIA G . 30.03 -27.06 -33.80
H32 SIA G . 29.51 -23.09 -38.11
H31 SIA G . 29.28 -24.66 -37.90
H4 SIA G . 29.95 -22.86 -35.80
H5 SIA G . 29.57 -25.67 -35.72
H6 SIA G . 28.02 -23.54 -34.67
H7 SIA G . 27.90 -25.23 -33.12
H8 SIA G . 25.62 -25.02 -34.76
H92 SIA G . 25.09 -27.05 -34.07
H91 SIA G . 26.01 -26.95 -32.78
H111 SIA G . 31.55 -26.95 -31.87
H113 SIA G . 30.87 -25.56 -31.42
H112 SIA G . 32.20 -25.56 -32.31
HN5 SIA G . 30.68 -24.03 -33.80
HO4 SIA G . 31.81 -23.22 -36.67
HO7 SIA G . 28.13 -27.17 -33.68
HO8 SIA G . 24.87 -23.87 -33.14
HO9 SIA G . 23.63 -26.79 -32.62
C1 NAG H . 23.66 -6.96 -32.42
C2 NAG H . 23.65 -8.40 -32.88
C3 NAG H . 23.57 -8.46 -34.39
C4 NAG H . 22.41 -7.63 -34.93
C5 NAG H . 22.38 -6.23 -34.30
C6 NAG H . 21.11 -5.48 -34.60
C7 NAG H . 24.79 -10.42 -32.08
C8 NAG H . 26.11 -11.00 -31.63
N2 NAG H . 24.81 -9.12 -32.40
O3 NAG H . 23.41 -9.82 -34.78
O4 NAG H . 22.62 -7.44 -36.33
O5 NAG H . 22.48 -6.30 -32.87
O6 NAG H . 20.44 -5.08 -33.41
O7 NAG H . 23.77 -11.09 -32.16
H1 NAG H . 24.43 -6.50 -32.80
H2 NAG H . 22.84 -8.84 -32.52
H3 NAG H . 24.41 -8.12 -34.77
H4 NAG H . 21.56 -8.09 -34.78
H5 NAG H . 23.13 -5.72 -34.64
H61 NAG H . 20.51 -6.06 -35.12
H62 NAG H . 21.31 -4.69 -35.13
H81 NAG H . 26.76 -10.94 -32.36
H82 NAG H . 25.98 -11.93 -31.39
H83 NAG H . 26.43 -10.50 -30.87
HN2 NAG H . 25.60 -8.67 -32.34
HO3 NAG H . 24.21 -10.20 -34.86
HO6 NAG H . 19.84 -4.45 -33.61
C1 NAG H . 21.68 -8.08 -37.22
C2 NAG H . 21.87 -9.59 -37.25
C3 NAG H . 21.01 -10.19 -38.37
C4 NAG H . 19.58 -9.67 -38.35
C5 NAG H . 19.52 -8.15 -38.09
C6 NAG H . 18.13 -7.65 -37.77
C7 NAG H . 23.72 -11.19 -37.32
C8 NAG H . 25.19 -11.37 -37.52
N2 NAG H . 23.26 -9.93 -37.42
O3 NAG H . 21.01 -11.60 -38.18
O4 NAG H . 18.91 -9.85 -39.60
O5 NAG H . 20.35 -7.79 -36.97
O6 NAG H . 17.93 -6.34 -38.25
O7 NAG H . 22.98 -12.14 -37.09
H1 NAG H . 21.86 -7.75 -38.12
H2 NAG H . 21.55 -9.95 -36.41
H3 NAG H . 21.42 -9.99 -39.24
H4 NAG H . 19.08 -10.13 -37.65
H5 NAG H . 19.84 -7.68 -38.88
H61 NAG H . 17.48 -8.26 -38.18
H62 NAG H . 18.00 -7.67 -36.80
H81 NAG H . 25.44 -12.31 -37.39
H82 NAG H . 25.68 -10.82 -36.87
H83 NAG H . 25.45 -11.10 -38.43
HN2 NAG H . 23.86 -9.27 -37.60
HO3 NAG H . 21.56 -11.98 -38.76
HO6 NAG H . 17.15 -6.03 -37.96
C1 BMA H . 19.06 -11.08 -40.35
C2 BMA H . 17.69 -11.65 -40.63
C3 BMA H . 17.86 -12.97 -41.38
C4 BMA H . 18.76 -12.80 -42.62
C5 BMA H . 20.09 -12.12 -42.24
C6 BMA H . 20.97 -11.80 -43.44
O2 BMA H . 16.92 -10.79 -41.46
O3 BMA H . 16.61 -13.55 -41.75
O4 BMA H . 19.03 -14.06 -43.20
O5 BMA H . 19.79 -10.90 -41.55
O6 BMA H . 22.18 -11.21 -42.99
H1 BMA H . 19.61 -11.80 -39.70
H2 BMA H . 17.17 -11.83 -39.67
H3 BMA H . 18.35 -13.71 -40.72
H4 BMA H . 18.23 -12.14 -43.33
H5 BMA H . 20.66 -12.79 -41.57
H61 BMA H . 21.16 -12.73 -44.00
H62 BMA H . 20.40 -11.12 -44.09
HO2 BMA H . 16.15 -10.53 -40.94
HO3 BMA H . 16.47 -14.28 -41.12
HO4 BMA H . 18.56 -14.06 -44.06
C1 GAL I . -9.69 -49.25 -14.23
C2 GAL I . -9.96 -48.19 -15.28
C3 GAL I . -9.77 -48.75 -16.69
C4 GAL I . -8.47 -49.62 -16.84
C5 GAL I . -7.99 -50.28 -15.52
C6 GAL I . -6.47 -50.44 -15.44
O2 GAL I . -11.30 -47.71 -15.20
O3 GAL I . -9.63 -47.68 -17.61
O4 GAL I . -7.42 -48.84 -17.38
O5 GAL I . -8.34 -49.56 -14.32
O6 GAL I . -6.10 -51.19 -14.28
H1 GAL I . -10.33 -50.13 -14.41
H2 GAL I . -9.23 -47.38 -15.12
H3 GAL I . -10.64 -49.37 -16.94
H4 GAL I . -8.71 -50.44 -17.53
H5 GAL I . -8.45 -51.28 -15.46
H61 GAL I . -6.01 -49.45 -15.33
H62 GAL I . -6.11 -50.90 -16.36
HO2 GAL I . -11.25 -46.77 -15.01
HO4 GAL I . -7.29 -49.18 -18.29
C1 SIA I . -10.47 -46.23 -18.72
C2 SIA I . -9.70 -47.50 -19.02
C3 SIA I . -10.12 -48.18 -20.30
C4 SIA I . -9.80 -47.30 -21.49
C5 SIA I . -8.31 -47.08 -21.50
C6 SIA I . -7.93 -46.47 -20.17
C7 SIA I . -6.43 -46.23 -20.13
C8 SIA I . -5.97 -45.91 -18.72
C9 SIA I . -4.48 -45.76 -18.72
C10 SIA I . -6.78 -46.36 -23.31
C11 SIA I . -6.46 -45.44 -24.46
N5 SIA I . -8.00 -46.21 -22.58
O1A SIA I . -9.90 -45.27 -18.13
O1B SIA I . -11.68 -46.13 -19.06
O4 SIA I . -10.18 -47.92 -22.69
O6 SIA I . -8.30 -47.35 -19.13
O7 SIA I . -5.74 -47.38 -20.56
O8 SIA I . -6.59 -44.72 -18.27
O9 SIA I . -4.07 -44.96 -17.64
O10 SIA I . -6.01 -47.25 -23.01
H32 SIA I . -11.09 -48.35 -20.29
H31 SIA I . -9.65 -49.03 -20.40
H4 SIA I . -10.27 -46.44 -21.40
H5 SIA I . -7.85 -47.93 -21.62
H6 SIA I . -8.39 -45.61 -20.06
H7 SIA I . -6.20 -45.49 -20.71
H8 SIA I . -6.24 -46.64 -18.12
H92 SIA I . -4.06 -46.64 -18.65
H91 SIA I . -4.19 -45.34 -19.56
H111 SIA I . -7.23 -45.38 -25.06
H113 SIA I . -5.68 -45.78 -24.94
H112 SIA I . -6.26 -44.54 -24.10
HN5 SIA I . -8.57 -45.54 -22.81
HO4 SIA I . -11.01 -47.68 -22.91
HO7 SIA I . -5.79 -48.01 -19.93
HO8 SIA I . -6.13 -44.40 -17.58
HO9 SIA I . -3.17 -44.91 -17.63
C1 GAL J . 34.01 -38.20 6.09
C2 GAL J . 32.91 -38.47 7.11
C3 GAL J . 32.42 -39.95 7.12
C4 GAL J . 32.72 -40.82 5.85
C5 GAL J . 33.78 -40.21 4.93
C6 GAL J . 33.72 -40.69 3.47
O2 GAL J . 33.37 -38.20 8.43
O3 GAL J . 31.01 -39.94 7.26
O4 GAL J . 31.52 -41.03 5.12
O5 GAL J . 33.68 -38.79 4.87
O6 GAL J . 34.74 -40.09 2.68
H1 GAL J . 34.99 -38.56 6.45
H2 GAL J . 32.05 -37.85 6.84
H3 GAL J . 32.87 -40.45 8.01
H4 GAL J . 33.12 -41.79 6.19
H5 GAL J . 34.78 -40.46 5.34
H61 GAL J . 33.89 -41.77 3.44
H62 GAL J . 32.71 -40.49 3.07
HO2 GAL J . 32.75 -37.57 8.81
HO4 GAL J . 31.32 -41.97 5.23
C1 SIA J . 29.50 -39.87 8.56
C2 SIA J . 30.09 -40.96 7.67
C3 SIA J . 30.00 -42.34 8.25
C4 SIA J . 28.56 -42.72 8.42
C5 SIA J . 27.96 -42.76 7.04
C6 SIA J . 28.16 -41.41 6.37
C7 SIA J . 27.67 -41.49 4.94
C8 SIA J . 27.88 -40.18 4.21
C9 SIA J . 26.91 -40.13 3.04
C10 SIA J . 26.01 -44.14 6.41
C11 SIA J . 24.53 -44.43 6.55
N5 SIA J . 26.58 -43.07 7.15
O1A SIA J . 29.71 -39.91 9.80
O1B SIA J . 28.83 -38.93 8.06
O4 SIA J . 28.44 -43.97 9.03
O6 SIA J . 29.52 -41.05 6.38
O7 SIA J . 28.37 -42.51 4.26
O8 SIA J . 27.65 -39.09 5.06
O9 SIA J . 27.49 -39.41 1.97
O10 SIA J . 26.69 -44.81 5.67
H32 SIA J . 30.46 -42.36 9.12
H31 SIA J . 30.44 -42.99 7.65
H4 SIA J . 28.10 -42.04 8.95
H5 SIA J . 28.41 -43.45 6.51
H6 SIA J . 27.64 -40.74 6.87
H7 SIA J . 26.71 -41.70 4.94
H8 SIA J . 28.81 -40.15 3.88
H92 SIA J . 26.72 -41.04 2.75
H91 SIA J . 26.09 -39.69 3.32
H111 SIA J . 24.02 -43.72 6.13
H113 SIA J . 24.31 -44.50 7.50
H112 SIA J . 24.34 -45.29 6.11
HN5 SIA J . 26.06 -42.57 7.70
HO4 SIA J . 28.34 -43.87 9.91
HO7 SIA J . 27.85 -42.85 3.63
HO8 SIA J . 27.69 -38.33 4.58
HO9 SIA J . 26.92 -39.40 1.28
C1 NAG K . 23.76 -27.39 16.61
C2 NAG K . 24.73 -28.27 15.83
C3 NAG K . 26.12 -28.19 16.43
C4 NAG K . 26.59 -26.75 16.55
C5 NAG K . 25.54 -25.92 17.30
C6 NAG K . 25.87 -24.45 17.30
C7 NAG K . 23.34 -30.10 14.93
C8 NAG K . 23.00 -31.55 15.05
N2 NAG K . 24.26 -29.66 15.80
O3 NAG K . 27.03 -28.92 15.60
O4 NAG K . 27.81 -26.68 17.27
O5 NAG K . 24.27 -26.06 16.66
O6 NAG K . 24.81 -23.68 17.89
O7 NAG K . 22.82 -29.37 14.11
H1 NAG K . 23.67 -27.74 17.52
H2 NAG K . 24.78 -27.95 14.91
H3 NAG K . 26.12 -28.60 17.32
H4 NAG K . 26.71 -26.37 15.66
H5 NAG K . 25.47 -26.24 18.22
H61 NAG K . 26.01 -24.15 16.39
H62 NAG K . 26.68 -24.30 17.81
H81 NAG K . 22.29 -31.77 14.40
H82 NAG K . 22.69 -31.75 15.94
H83 NAG K . 23.79 -32.09 14.85
HN2 NAG K . 24.63 -30.25 16.38
HO3 NAG K . 27.50 -29.49 16.10
HO6 NAG K . 25.13 -22.89 18.12
C1 NAG K . 28.96 -26.53 16.41
C2 NAG K . 30.06 -25.73 17.13
C3 NAG K . 31.30 -25.62 16.25
C4 NAG K . 31.73 -26.99 15.76
C5 NAG K . 30.56 -27.71 15.10
C6 NAG K . 30.89 -29.11 14.67
C7 NAG K . 29.22 -24.06 18.74
C8 NAG K . 28.74 -22.65 18.92
N2 NAG K . 29.57 -24.41 17.50
O4 NAG K . 32.79 -26.85 14.81
O5 NAG K . 29.48 -27.80 16.02
O6 NAG K . 32.30 -29.33 14.63
O7 NAG K . 29.29 -24.86 19.68
H1 NAG K . 28.70 -26.04 15.60
H2 NAG K . 30.30 -26.20 17.95
H3 NAG K . 31.09 -25.05 15.49
H4 NAG K . 32.05 -27.52 16.51
H5 NAG K . 30.27 -27.19 14.32
H61 NAG K . 30.53 -29.27 13.77
H62 NAG K . 30.49 -29.74 15.29
H81 NAG K . 27.97 -22.49 18.33
H82 NAG K . 28.47 -22.51 19.84
H83 NAG K . 29.46 -22.03 18.69
HN2 NAG K . 29.49 -23.78 16.83
HO4 NAG K . 33.57 -26.76 15.24
C1 NAG L . 16.07 22.53 -6.94
C2 NAG L . 14.99 23.09 -7.89
C3 NAG L . 15.28 24.55 -8.21
C4 NAG L . 15.29 25.37 -6.92
C5 NAG L . 16.32 24.79 -5.94
C6 NAG L . 15.74 24.40 -4.60
C7 NAG L . 13.92 22.32 -9.96
C8 NAG L . 14.07 21.47 -11.20
N2 NAG L . 14.96 22.31 -9.12
O3 NAG L . 14.29 25.07 -9.09
O4 NAG L . 15.64 26.72 -7.21
O5 NAG L . 16.96 23.63 -6.51
O6 NAG L . 14.39 23.97 -4.68
O7 NAG L . 12.91 22.98 -9.75
H1 NAG L . 16.59 21.86 -7.40
H2 NAG L . 14.13 23.03 -7.46
H3 NAG L . 16.15 24.62 -8.63
H4 NAG L . 14.40 25.35 -6.51
H5 NAG L . 17.00 25.47 -5.79
H61 NAG L . 16.28 23.67 -4.23
H62 NAG L . 15.79 25.16 -4.00
H81 NAG L . 14.81 21.79 -11.73
H82 NAG L . 14.23 20.55 -10.93
H83 NAG L . 13.24 21.51 -11.72
HN2 NAG L . 15.69 21.81 -9.34
HO3 NAG L . 14.66 25.69 -9.61
HO4 NAG L . 15.02 27.26 -6.87
HO6 NAG L . 13.92 24.36 -4.03
C1 NAG M . -17.57 -33.80 -13.29
C2 NAG M . -18.89 -33.89 -12.49
C3 NAG M . -19.15 -35.35 -12.10
C4 NAG M . -19.08 -36.26 -13.31
C5 NAG M . -17.76 -36.05 -14.05
C6 NAG M . -17.66 -36.85 -15.33
C7 NAG M . -19.97 -32.81 -10.57
C8 NAG M . -19.79 -31.94 -9.38
N2 NAG M . -18.87 -33.05 -11.32
O3 NAG M . -20.41 -35.48 -11.47
O4 NAG M . -19.18 -37.62 -12.91
O5 NAG M . -17.62 -34.67 -14.42
O6 NAG M . -16.92 -36.14 -16.31
O7 NAG M . -21.06 -33.28 -10.89
H1 NAG M . -16.82 -34.05 -12.72
H2 NAG M . -19.62 -33.60 -13.07
H3 NAG M . -18.46 -35.63 -11.46
H4 NAG M . -19.83 -36.05 -13.92
H5 NAG M . -17.03 -36.30 -13.46
H61 NAG M . -18.55 -37.03 -15.67
H62 NAG M . -17.21 -37.69 -15.14
H81 NAG M . -19.18 -32.37 -8.76
H82 NAG M . -20.65 -31.80 -8.94
H83 NAG M . -19.42 -31.08 -9.66
HN2 NAG M . -18.08 -32.69 -11.04
HO3 NAG M . -20.39 -36.13 -10.87
HO4 NAG M . -19.97 -37.94 -13.15
HO6 NAG M . -17.00 -36.55 -17.10
C1 NAG N . -25.58 6.74 -7.79
C2 NAG N . -25.79 8.21 -7.38
C3 NAG N . -27.01 8.78 -8.08
C4 NAG N . -27.11 8.24 -9.49
C5 NAG N . -27.38 6.73 -9.45
C6 NAG N . -26.75 5.98 -10.60
C7 NAG N . -25.54 9.47 -5.30
C8 NAG N . -25.72 9.46 -3.81
N2 NAG N . -25.90 8.35 -5.94
O3 NAG N . -26.93 10.20 -8.10
O4 NAG N . -28.19 8.88 -10.18
O5 NAG N . -26.84 6.17 -8.24
O6 NAG N . -27.75 5.34 -11.39
O7 NAG N . -25.08 10.45 -5.89
H1 NAG N . -25.26 6.23 -7.02
H2 NAG N . -25.01 8.71 -7.69
H3 NAG N . -27.82 8.52 -7.58
H4 NAG N . -26.29 8.41 -9.97
H5 NAG N . -28.34 6.58 -9.46
H61 NAG N . -26.25 6.61 -11.17
H62 NAG N . -26.14 5.31 -10.25
H81 NAG N . -25.40 10.30 -3.43
H82 NAG N . -25.22 8.71 -3.42
H83 NAG N . -26.67 9.36 -3.60
HN2 NAG N . -26.23 7.65 -5.46
HO3 NAG N . -27.73 10.55 -7.97
HO4 NAG N . -27.87 9.37 -10.84
HO6 NAG N . -27.36 4.84 -12.02
#